data_5WQL
#
_entry.id   5WQL
#
_cell.length_a   120.594
_cell.length_b   146.726
_cell.length_c   148.429
_cell.angle_alpha   90.00
_cell.angle_beta   90.00
_cell.angle_gamma   90.00
#
_symmetry.space_group_name_H-M   'P 21 21 21'
#
loop_
_entity.id
_entity.type
_entity.pdbx_description
1 polymer 'Lipoprotein NlpI'
2 polymer 'Tail-specific protease'
3 polymer ALA-ALA-ALA-ALA-ALA-ALA
4 polymer ALA-ALA-ALA-ALA
5 polymer LEU-SER-ARG-SER
6 water water
#
loop_
_entity_poly.entity_id
_entity_poly.type
_entity_poly.pdbx_seq_one_letter_code
_entity_poly.pdbx_strand_id
1 'polypeptide(L)'
;GHMSNTSWRKSEVLAVPLQPTLQQEVILARMEQILASRALTDDERAQLLYERGVLYDSLGLRALARNDFSQALAIRPDMP
EVFNYLGIYLTQAGNFDAAYEAFDSVLELDPTYNYAHLNRGIALYYGGRDKLAQDDLLAFYQDDPNDPFRSLWLYLAEQK
LDEKQAKEVLKQHFEKSDKEQWGWNIVEFYLGNISEQTLMERLKADATDNTSLAEHLSETNFYLGKYYLSLGDLDSATAL
FKLAVANNVHNFVEHRYALLELSLLGQDQDDLAESDQQ
;
B,A
2 'polypeptide(L)'
;MNMFFRLTALAGLLAIAGQTFAVEDITRADQIPVLKEETQHATVSERVTSRFTRSHYRQFDLDQAFSAKIFDRYLNLLDY
SHNVLLASDVEQFAKKKTELGDELRSGKLDVFYDLYNLAQKRRFERYQYALSVLEKPMDFTGNDTYNLDRSKAPWPKNEA
ELNALWDSKVKFDELSLKLTGKTDKEIRETLTRRYKFAIRRLAQTNSEDVFSLAMTAFAREIDPHTNYLSPRNTEQFNTE
MSLSLEGIGAVLQMDDDYTVINSMVAGGPAAKSKAISVGDKIVGVGQTGKPMVDVIGWRLDDVVALIKGPKGSKVRLEIL
PAGKGTKTRTVTLTRERIRLEDRAVKMSVKTVGKEKVGVLDIPGFYVGLTDDVKVQLQKLEKQNVSSVIIDLRSNGGGAL
TEAVSLSGLFIPAGPIVQVRDNNGKVREDSDTDGQVFYKGPLVVLVDRFSASASEIFAAAMQDYGRALVVGEPTFGAGTV
QQYRSLNRIYDQMLRPEWPALGSVQYTIQKFYRVNGGSTQRKGVTPDIIMPTGNEETETGEKFEDNALPWDSIDAATYVK
SGDLTAFEPELLKEHNARIAKDPEFQNIMKDIARFNAMKDKRNIVSLNYAVREKENNEDDATRLARLNERFKREGKPELK
KLDDLPKDYQEPDPYLDETVNIALDLAKLEKARPAEQPAPVK
;
C,D
3 'polypeptide(L)' AAAAAA F,H
4 'polypeptide(L)' AAAA E
5 'polypeptide(L)' LSRS G
#
# COMPACT_ATOMS: atom_id res chain seq x y z
N ASN A 5 23.21 -18.36 -30.83
CA ASN A 5 21.95 -19.01 -31.05
C ASN A 5 21.04 -18.18 -30.21
N THR A 6 20.95 -18.54 -28.95
CA THR A 6 20.28 -17.73 -27.98
C THR A 6 21.01 -18.14 -26.74
N SER A 7 22.04 -18.97 -26.90
CA SER A 7 22.84 -19.42 -25.77
C SER A 7 23.38 -18.22 -25.03
N TRP A 8 23.52 -17.11 -25.75
CA TRP A 8 24.02 -15.86 -25.20
C TRP A 8 23.22 -15.43 -23.97
N ARG A 9 21.90 -15.54 -24.03
CA ARG A 9 21.09 -15.14 -22.88
C ARG A 9 21.74 -15.54 -21.58
N LYS A 10 22.66 -16.47 -21.65
CA LYS A 10 23.38 -16.98 -20.52
C LYS A 10 24.22 -15.91 -19.83
N SER A 11 24.69 -14.94 -20.59
CA SER A 11 25.47 -13.84 -20.09
C SER A 11 24.70 -12.82 -19.21
N GLU A 12 23.39 -12.75 -19.33
CA GLU A 12 22.61 -11.78 -18.58
C GLU A 12 22.64 -12.00 -17.07
N VAL A 13 22.87 -10.99 -16.30
CA VAL A 13 22.81 -11.16 -14.88
C VAL A 13 21.56 -10.48 -14.37
N LEU A 14 20.63 -11.25 -13.91
CA LEU A 14 19.36 -10.78 -13.41
C LEU A 14 18.82 -11.47 -12.20
N ALA A 15 18.15 -10.71 -11.38
CA ALA A 15 17.44 -11.21 -10.23
C ALA A 15 15.93 -11.26 -10.52
N VAL A 16 15.23 -12.00 -9.73
CA VAL A 16 13.81 -11.95 -9.77
C VAL A 16 13.46 -10.58 -9.13
N PRO A 17 12.69 -9.74 -9.78
CA PRO A 17 12.35 -8.45 -9.24
C PRO A 17 11.67 -8.64 -7.87
N LEU A 18 12.08 -7.86 -6.91
CA LEU A 18 11.61 -7.97 -5.57
C LEU A 18 10.11 -7.78 -5.41
N GLN A 19 9.55 -8.61 -4.60
CA GLN A 19 8.15 -8.60 -4.26
C GLN A 19 7.95 -8.28 -2.80
N PRO A 20 6.80 -7.78 -2.45
CA PRO A 20 6.51 -7.49 -1.06
C PRO A 20 6.46 -8.74 -0.23
N THR A 21 7.04 -8.69 0.93
CA THR A 21 6.99 -9.82 1.80
C THR A 21 5.68 -9.92 2.52
N LEU A 22 5.39 -11.09 3.03
CA LEU A 22 4.17 -11.28 3.76
C LEU A 22 4.16 -10.42 5.00
N GLN A 23 5.28 -10.35 5.68
CA GLN A 23 5.38 -9.56 6.87
C GLN A 23 5.14 -8.09 6.62
N GLN A 24 5.58 -7.57 5.49
CA GLN A 24 5.34 -6.20 5.18
C GLN A 24 3.85 -5.91 5.01
N GLU A 25 3.17 -6.78 4.31
CA GLU A 25 1.77 -6.65 4.07
C GLU A 25 0.94 -6.80 5.35
N VAL A 26 1.36 -7.72 6.20
CA VAL A 26 0.73 -7.96 7.46
C VAL A 26 0.84 -6.74 8.34
N ILE A 27 2.01 -6.17 8.41
CA ILE A 27 2.22 -4.97 9.17
C ILE A 27 1.41 -3.79 8.66
N LEU A 28 1.31 -3.62 7.36
CA LEU A 28 0.55 -2.55 6.81
C LEU A 28 -0.91 -2.66 7.19
N ALA A 29 -1.44 -3.87 7.17
CA ALA A 29 -2.79 -4.13 7.52
C ALA A 29 -3.08 -3.80 8.98
N ARG A 30 -2.19 -4.18 9.88
CA ARG A 30 -2.30 -3.88 11.28
C ARG A 30 -2.23 -2.39 11.52
N MET A 31 -1.37 -1.70 10.81
CA MET A 31 -1.20 -0.28 10.94
C MET A 31 -2.47 0.45 10.61
N GLU A 32 -3.16 0.04 9.56
CA GLU A 32 -4.38 0.68 9.19
C GLU A 32 -5.42 0.59 10.29
N GLN A 33 -5.59 -0.57 10.89
CA GLN A 33 -6.52 -0.75 11.96
C GLN A 33 -6.19 0.10 13.19
N ILE A 34 -4.92 0.15 13.56
CA ILE A 34 -4.47 0.96 14.67
C ILE A 34 -4.71 2.45 14.45
N LEU A 35 -4.41 2.91 13.26
CA LEU A 35 -4.64 4.27 12.90
C LEU A 35 -6.11 4.62 12.92
N ALA A 36 -6.94 3.68 12.57
CA ALA A 36 -8.36 3.91 12.54
C ALA A 36 -8.98 3.89 13.92
N SER A 37 -8.25 3.45 14.92
CA SER A 37 -8.74 3.38 16.24
C SER A 37 -8.52 4.58 17.12
N ARG A 38 -8.90 4.44 18.36
CA ARG A 38 -8.73 5.41 19.41
C ARG A 38 -7.58 5.08 20.40
N ALA A 39 -6.76 4.13 20.03
CA ALA A 39 -5.66 3.59 20.83
C ALA A 39 -4.36 4.37 20.88
N LEU A 40 -4.32 5.47 20.19
CA LEU A 40 -3.15 6.27 20.13
C LEU A 40 -3.26 7.66 20.64
N THR A 41 -2.23 8.04 21.35
CA THR A 41 -2.03 9.43 21.72
C THR A 41 -1.56 10.20 20.46
N ASP A 42 -1.60 11.49 20.48
CA ASP A 42 -1.15 12.27 19.35
C ASP A 42 0.33 11.98 19.07
N ASP A 43 1.17 11.86 20.08
CA ASP A 43 2.55 11.55 19.88
C ASP A 43 2.74 10.17 19.27
N GLU A 44 2.00 9.20 19.74
CA GLU A 44 2.08 7.89 19.20
C GLU A 44 1.63 7.84 17.75
N ARG A 45 0.62 8.61 17.42
CA ARG A 45 0.07 8.68 16.10
C ARG A 45 1.07 9.22 15.12
N ALA A 46 1.76 10.25 15.52
CA ALA A 46 2.75 10.85 14.69
C ALA A 46 3.86 9.86 14.42
N GLN A 47 4.26 9.15 15.45
CA GLN A 47 5.28 8.19 15.33
C GLN A 47 4.91 7.04 14.42
N LEU A 48 3.70 6.54 14.57
CA LEU A 48 3.16 5.49 13.76
C LEU A 48 3.03 5.92 12.31
N LEU A 49 2.61 7.16 12.09
CA LEU A 49 2.50 7.68 10.78
C LEU A 49 3.86 7.70 10.09
N TYR A 50 4.91 8.07 10.82
CA TYR A 50 6.24 8.06 10.26
C TYR A 50 6.62 6.66 9.87
N GLU A 51 6.30 5.73 10.73
CA GLU A 51 6.56 4.35 10.51
C GLU A 51 5.82 3.78 9.31
N ARG A 52 4.56 4.12 9.13
CA ARG A 52 3.86 3.69 7.96
C ARG A 52 4.46 4.33 6.71
N GLY A 53 4.88 5.56 6.83
CA GLY A 53 5.48 6.25 5.73
C GLY A 53 6.73 5.54 5.26
N VAL A 54 7.55 5.10 6.18
CA VAL A 54 8.74 4.39 5.87
C VAL A 54 8.43 3.08 5.16
N LEU A 55 7.44 2.35 5.63
CA LEU A 55 7.01 1.14 5.03
C LEU A 55 6.41 1.33 3.62
N TYR A 56 5.59 2.34 3.42
CA TYR A 56 5.02 2.65 2.15
C TYR A 56 6.16 2.99 1.16
N ASP A 57 7.15 3.71 1.63
CA ASP A 57 8.30 4.09 0.85
C ASP A 57 9.09 2.89 0.43
N SER A 58 9.18 1.93 1.31
CA SER A 58 9.89 0.74 1.05
C SER A 58 9.21 -0.12 0.00
N LEU A 59 7.94 0.10 -0.24
CA LEU A 59 7.22 -0.63 -1.23
C LEU A 59 7.00 0.12 -2.51
N GLY A 60 7.57 1.28 -2.65
CA GLY A 60 7.39 2.05 -3.81
C GLY A 60 6.14 2.90 -3.85
N LEU A 61 5.42 2.95 -2.75
CA LEU A 61 4.23 3.77 -2.62
C LEU A 61 4.55 5.13 -2.03
N ARG A 62 5.18 5.96 -2.82
CA ARG A 62 5.64 7.25 -2.38
C ARG A 62 4.66 8.34 -2.05
N ALA A 63 3.64 8.45 -2.84
CA ALA A 63 2.58 9.38 -2.59
C ALA A 63 1.82 9.07 -1.30
N LEU A 64 1.55 7.81 -1.04
CA LEU A 64 0.93 7.37 0.19
C LEU A 64 1.86 7.60 1.39
N ALA A 65 3.15 7.41 1.21
CA ALA A 65 4.12 7.67 2.25
C ALA A 65 4.17 9.16 2.62
N ARG A 66 4.12 10.00 1.59
CA ARG A 66 4.12 11.41 1.71
C ARG A 66 2.86 11.91 2.46
N ASN A 67 1.73 11.29 2.24
CA ASN A 67 0.57 11.68 2.97
C ASN A 67 0.77 11.42 4.45
N ASP A 68 1.30 10.27 4.78
CA ASP A 68 1.57 9.91 6.13
C ASP A 68 2.58 10.85 6.76
N PHE A 69 3.64 11.17 6.06
CA PHE A 69 4.66 12.03 6.53
C PHE A 69 4.10 13.43 6.80
N SER A 70 3.26 13.91 5.91
CA SER A 70 2.61 15.19 6.07
C SER A 70 1.69 15.27 7.28
N GLN A 71 0.92 14.24 7.49
CA GLN A 71 0.07 14.16 8.61
C GLN A 71 0.84 14.12 9.90
N ALA A 72 1.98 13.43 9.91
CA ALA A 72 2.79 13.38 11.09
C ALA A 72 3.27 14.76 11.50
N LEU A 73 3.68 15.54 10.51
CA LEU A 73 4.15 16.89 10.68
C LEU A 73 3.09 17.80 11.20
N ALA A 74 1.87 17.60 10.78
CA ALA A 74 0.77 18.37 11.23
C ALA A 74 0.59 18.16 12.73
N ILE A 75 0.75 16.94 13.20
CA ILE A 75 0.73 16.66 14.60
C ILE A 75 1.95 17.17 15.32
N ARG A 76 3.13 16.78 14.87
CA ARG A 76 4.39 17.24 15.45
C ARG A 76 5.25 17.82 14.40
N PRO A 77 5.49 19.12 14.47
CA PRO A 77 6.28 19.77 13.44
C PRO A 77 7.78 19.67 13.64
N ASP A 78 8.24 19.04 14.70
CA ASP A 78 9.65 18.93 15.00
C ASP A 78 10.24 17.56 14.72
N MET A 79 9.80 16.91 13.66
CA MET A 79 10.36 15.61 13.29
C MET A 79 11.34 15.71 12.12
N PRO A 80 12.64 15.68 12.44
CA PRO A 80 13.65 15.77 11.39
C PRO A 80 13.55 14.61 10.42
N GLU A 81 13.24 13.42 10.92
CA GLU A 81 13.13 12.22 10.17
C GLU A 81 12.05 12.35 9.13
N VAL A 82 10.97 13.04 9.43
CA VAL A 82 9.92 13.27 8.45
C VAL A 82 10.35 14.19 7.33
N PHE A 83 11.05 15.25 7.68
CA PHE A 83 11.55 16.24 6.75
C PHE A 83 12.54 15.62 5.74
N ASN A 84 13.25 14.62 6.20
CA ASN A 84 14.20 13.96 5.41
C ASN A 84 13.53 13.24 4.22
N TYR A 85 12.47 12.51 4.48
CA TYR A 85 11.72 11.87 3.45
C TYR A 85 11.08 12.86 2.48
N LEU A 86 10.56 13.94 2.99
CA LEU A 86 9.94 14.95 2.16
C LEU A 86 10.95 15.58 1.23
N GLY A 87 12.17 15.76 1.68
CA GLY A 87 13.21 16.29 0.85
C GLY A 87 13.57 15.37 -0.28
N ILE A 88 13.64 14.11 0.05
CA ILE A 88 13.92 13.08 -0.88
C ILE A 88 12.85 13.01 -1.96
N TYR A 89 11.60 13.14 -1.59
CA TYR A 89 10.48 13.15 -2.52
C TYR A 89 10.52 14.37 -3.42
N LEU A 90 10.86 15.49 -2.86
CA LEU A 90 10.99 16.72 -3.59
C LEU A 90 12.12 16.64 -4.63
N THR A 91 13.20 15.97 -4.26
CA THR A 91 14.31 15.74 -5.15
C THR A 91 13.86 14.84 -6.30
N GLN A 92 13.13 13.79 -5.98
CA GLN A 92 12.60 12.82 -6.91
C GLN A 92 11.65 13.50 -7.88
N ALA A 93 10.98 14.52 -7.41
CA ALA A 93 10.05 15.28 -8.17
C ALA A 93 10.68 16.38 -8.98
N GLY A 94 11.97 16.53 -8.85
CA GLY A 94 12.68 17.55 -9.54
C GLY A 94 12.56 18.92 -8.93
N ASN A 95 11.97 19.02 -7.75
CA ASN A 95 11.87 20.24 -7.03
C ASN A 95 13.03 20.39 -6.03
N PHE A 96 14.20 20.66 -6.57
CA PHE A 96 15.40 20.77 -5.80
C PHE A 96 15.42 21.90 -4.78
N ASP A 97 14.88 23.05 -5.13
CA ASP A 97 14.86 24.18 -4.25
C ASP A 97 14.10 23.96 -2.98
N ALA A 98 12.92 23.36 -3.11
CA ALA A 98 12.11 23.00 -1.99
C ALA A 98 12.81 21.93 -1.18
N ALA A 99 13.47 21.04 -1.87
CA ALA A 99 14.14 19.96 -1.25
C ALA A 99 15.25 20.44 -0.32
N TYR A 100 15.93 21.50 -0.72
CA TYR A 100 16.98 22.05 0.05
C TYR A 100 16.45 22.55 1.38
N GLU A 101 15.32 23.21 1.32
CA GLU A 101 14.66 23.74 2.45
C GLU A 101 14.29 22.64 3.40
N ALA A 102 13.83 21.52 2.89
CA ALA A 102 13.52 20.43 3.74
C ALA A 102 14.72 19.81 4.50
N PHE A 103 15.83 19.63 3.81
CA PHE A 103 17.05 19.08 4.35
C PHE A 103 17.64 20.00 5.43
N ASP A 104 17.50 21.30 5.23
CA ASP A 104 17.93 22.28 6.20
C ASP A 104 17.22 22.09 7.51
N SER A 105 15.93 21.83 7.43
CA SER A 105 15.10 21.60 8.56
C SER A 105 15.57 20.37 9.27
N VAL A 106 15.97 19.35 8.54
CA VAL A 106 16.42 18.15 9.20
C VAL A 106 17.65 18.50 10.04
N LEU A 107 18.58 19.20 9.44
CA LEU A 107 19.77 19.58 10.13
C LEU A 107 19.55 20.53 11.30
N GLU A 108 18.70 21.53 11.12
CA GLU A 108 18.38 22.45 12.15
C GLU A 108 17.76 21.77 13.37
N LEU A 109 16.83 20.88 13.13
CA LEU A 109 16.24 20.12 14.16
C LEU A 109 17.24 19.18 14.76
N ASP A 110 18.05 18.58 13.93
CA ASP A 110 19.02 17.66 14.42
C ASP A 110 20.26 17.67 13.57
N PRO A 111 21.29 18.31 14.07
CA PRO A 111 22.57 18.44 13.38
C PRO A 111 23.35 17.16 13.31
N THR A 112 22.95 16.14 14.04
CA THR A 112 23.63 14.89 13.96
C THR A 112 23.01 13.97 12.90
N TYR A 113 21.99 14.44 12.18
CA TYR A 113 21.31 13.63 11.16
C TYR A 113 22.13 13.65 9.89
N ASN A 114 23.09 12.74 9.86
CA ASN A 114 24.11 12.63 8.86
C ASN A 114 23.64 12.40 7.46
N TYR A 115 22.61 11.59 7.31
CA TYR A 115 22.00 11.24 6.03
C TYR A 115 21.41 12.43 5.31
N ALA A 116 21.09 13.48 6.02
CA ALA A 116 20.61 14.68 5.41
C ALA A 116 21.66 15.29 4.52
N HIS A 117 22.91 15.19 4.94
CA HIS A 117 24.01 15.71 4.17
C HIS A 117 24.12 14.98 2.88
N LEU A 118 23.98 13.68 2.92
CA LEU A 118 24.01 12.92 1.72
C LEU A 118 22.86 13.31 0.81
N ASN A 119 21.65 13.36 1.34
CA ASN A 119 20.47 13.71 0.58
C ASN A 119 20.46 15.13 0.06
N ARG A 120 20.84 16.09 0.87
CA ARG A 120 20.94 17.49 0.42
C ARG A 120 22.06 17.58 -0.66
N GLY A 121 23.11 16.83 -0.46
CA GLY A 121 24.18 16.79 -1.40
C GLY A 121 23.74 16.22 -2.73
N ILE A 122 22.93 15.20 -2.69
CA ILE A 122 22.38 14.63 -3.88
C ILE A 122 21.44 15.59 -4.63
N ALA A 123 20.59 16.28 -3.89
CA ALA A 123 19.68 17.26 -4.45
C ALA A 123 20.38 18.43 -5.11
N LEU A 124 21.43 18.91 -4.49
CA LEU A 124 22.22 19.98 -5.01
C LEU A 124 22.89 19.56 -6.30
N TYR A 125 23.32 18.32 -6.38
CA TYR A 125 23.92 17.79 -7.57
C TYR A 125 22.93 17.78 -8.74
N TYR A 126 21.73 17.30 -8.51
CA TYR A 126 20.69 17.31 -9.50
C TYR A 126 20.27 18.72 -9.86
N GLY A 127 20.39 19.61 -8.89
CA GLY A 127 20.13 21.02 -9.01
C GLY A 127 21.20 21.82 -9.75
N GLY A 128 22.34 21.20 -10.09
CA GLY A 128 23.44 21.88 -10.74
C GLY A 128 24.29 22.84 -9.94
N ARG A 129 24.44 22.60 -8.66
CA ARG A 129 25.24 23.42 -7.80
C ARG A 129 26.24 22.45 -7.21
N ASP A 130 27.21 22.16 -8.03
CA ASP A 130 28.22 21.18 -7.75
C ASP A 130 29.14 21.37 -6.58
N LYS A 131 29.66 22.55 -6.43
CA LYS A 131 30.53 22.89 -5.32
C LYS A 131 29.81 22.79 -3.98
N LEU A 132 28.60 23.32 -3.93
CA LEU A 132 27.75 23.22 -2.75
C LEU A 132 27.41 21.76 -2.46
N ALA A 133 27.21 20.97 -3.49
CA ALA A 133 26.96 19.57 -3.33
C ALA A 133 28.14 18.86 -2.68
N GLN A 134 29.31 19.27 -3.11
CA GLN A 134 30.56 18.75 -2.68
C GLN A 134 30.80 18.97 -1.19
N ASP A 135 30.38 20.11 -0.65
CA ASP A 135 30.50 20.41 0.77
C ASP A 135 29.71 19.40 1.57
N ASP A 136 28.46 19.14 1.21
CA ASP A 136 27.65 18.14 1.89
C ASP A 136 28.20 16.73 1.74
N LEU A 137 28.61 16.44 0.52
CA LEU A 137 29.17 15.19 0.18
C LEU A 137 30.51 14.91 0.87
N LEU A 138 31.36 15.91 0.99
CA LEU A 138 32.59 15.74 1.66
C LEU A 138 32.33 15.46 3.11
N ALA A 139 31.42 16.21 3.69
CA ALA A 139 31.07 16.01 5.07
C ALA A 139 30.49 14.62 5.30
N PHE A 140 29.65 14.13 4.40
CA PHE A 140 29.08 12.81 4.53
C PHE A 140 30.16 11.73 4.51
N TYR A 141 31.15 11.90 3.65
CA TYR A 141 32.28 11.03 3.51
C TYR A 141 33.11 10.98 4.80
N GLN A 142 33.28 12.11 5.42
CA GLN A 142 34.05 12.23 6.65
C GLN A 142 33.50 11.39 7.78
N ASP A 143 32.20 11.33 7.85
CA ASP A 143 31.46 10.58 8.81
C ASP A 143 31.73 9.08 8.67
N ASP A 144 31.85 8.57 7.46
CA ASP A 144 32.18 7.18 7.27
C ASP A 144 33.02 6.97 6.05
N PRO A 145 34.34 7.17 6.14
CA PRO A 145 35.22 7.03 4.99
C PRO A 145 35.26 5.65 4.40
N ASN A 146 34.91 4.67 5.17
CA ASN A 146 34.90 3.31 4.69
C ASN A 146 33.73 2.88 3.79
N ASP A 147 32.70 3.71 3.66
CA ASP A 147 31.52 3.42 2.87
C ASP A 147 31.80 3.90 1.46
N PRO A 148 31.89 2.96 0.53
CA PRO A 148 32.22 3.24 -0.85
C PRO A 148 31.23 4.11 -1.54
N PHE A 149 29.95 4.00 -1.22
CA PHE A 149 28.96 4.82 -1.86
C PHE A 149 29.11 6.28 -1.52
N ARG A 150 29.64 6.57 -0.36
CA ARG A 150 29.91 7.95 0.01
C ARG A 150 30.94 8.54 -0.96
N SER A 151 31.94 7.76 -1.28
CA SER A 151 32.95 8.17 -2.24
C SER A 151 32.44 8.28 -3.62
N LEU A 152 31.57 7.38 -4.02
CA LEU A 152 31.01 7.46 -5.33
C LEU A 152 30.18 8.71 -5.53
N TRP A 153 29.36 9.04 -4.55
CA TRP A 153 28.55 10.21 -4.64
C TRP A 153 29.39 11.49 -4.74
N LEU A 154 30.44 11.54 -3.95
CA LEU A 154 31.38 12.65 -3.97
C LEU A 154 32.09 12.74 -5.32
N TYR A 155 32.46 11.62 -5.88
CA TYR A 155 33.07 11.62 -7.15
C TYR A 155 32.15 12.19 -8.23
N LEU A 156 30.89 11.80 -8.21
CA LEU A 156 29.96 12.29 -9.18
C LEU A 156 29.82 13.76 -9.14
N ALA A 157 29.76 14.33 -7.95
CA ALA A 157 29.69 15.74 -7.81
C ALA A 157 30.95 16.48 -8.28
N GLU A 158 32.09 15.96 -7.84
CA GLU A 158 33.43 16.48 -8.13
C GLU A 158 33.75 16.38 -9.59
N GLN A 159 33.24 15.34 -10.23
CA GLN A 159 33.51 15.12 -11.62
C GLN A 159 32.98 16.24 -12.48
N LYS A 160 31.92 16.88 -12.02
CA LYS A 160 31.31 18.00 -12.73
C LYS A 160 32.31 19.13 -12.77
N LEU A 161 32.99 19.35 -11.64
CA LEU A 161 33.98 20.39 -11.57
C LEU A 161 35.29 20.07 -12.28
N ASP A 162 35.96 19.03 -11.87
CA ASP A 162 37.15 18.58 -12.55
C ASP A 162 37.22 17.07 -12.55
N GLU A 163 37.11 16.45 -13.72
CA GLU A 163 37.15 15.01 -13.77
C GLU A 163 38.45 14.43 -13.31
N LYS A 164 39.53 15.05 -13.69
CA LYS A 164 40.83 14.58 -13.31
C LYS A 164 41.06 14.63 -11.82
N GLN A 165 40.76 15.75 -11.22
CA GLN A 165 40.90 15.87 -9.81
C GLN A 165 39.97 14.91 -9.06
N ALA A 166 38.78 14.73 -9.59
CA ALA A 166 37.83 13.84 -8.96
C ALA A 166 38.30 12.42 -8.95
N LYS A 167 38.92 11.97 -10.02
CA LYS A 167 39.44 10.64 -10.09
C LYS A 167 40.55 10.43 -9.08
N GLU A 168 41.42 11.40 -8.97
CA GLU A 168 42.51 11.30 -8.03
C GLU A 168 42.00 11.25 -6.62
N VAL A 169 41.01 12.07 -6.31
CA VAL A 169 40.43 12.07 -5.00
C VAL A 169 39.78 10.73 -4.68
N LEU A 170 39.12 10.13 -5.66
CA LEU A 170 38.50 8.85 -5.50
C LEU A 170 39.51 7.75 -5.25
N LYS A 171 40.60 7.81 -5.98
CA LYS A 171 41.67 6.86 -5.84
C LYS A 171 42.24 6.95 -4.44
N GLN A 172 42.46 8.14 -3.95
CA GLN A 172 42.93 8.31 -2.60
C GLN A 172 41.96 7.74 -1.60
N HIS A 173 40.68 7.98 -1.79
CA HIS A 173 39.70 7.47 -0.87
C HIS A 173 39.74 5.99 -0.86
N PHE A 174 39.88 5.38 -2.03
CA PHE A 174 39.98 3.95 -2.11
C PHE A 174 41.25 3.44 -1.46
N GLU A 175 42.37 4.03 -1.77
CA GLU A 175 43.61 3.58 -1.21
C GLU A 175 43.63 3.75 0.29
N LYS A 176 43.13 4.87 0.74
CA LYS A 176 43.00 5.22 2.12
C LYS A 176 42.08 4.34 2.94
N SER A 177 41.17 3.66 2.27
CA SER A 177 40.15 2.83 2.87
C SER A 177 40.51 1.44 3.26
N ASP A 178 39.66 0.81 4.04
CA ASP A 178 39.82 -0.57 4.44
C ASP A 178 39.58 -1.55 3.32
N LYS A 179 38.84 -1.11 2.31
CA LYS A 179 38.53 -1.85 1.10
C LYS A 179 37.65 -3.04 1.28
N GLU A 180 37.04 -3.17 2.43
CA GLU A 180 36.17 -4.27 2.70
C GLU A 180 34.84 -4.43 2.02
N GLN A 181 34.08 -3.36 1.94
CA GLN A 181 32.74 -3.38 1.40
C GLN A 181 32.68 -3.62 -0.08
N TRP A 182 31.59 -4.24 -0.51
CA TRP A 182 31.38 -4.63 -1.90
C TRP A 182 31.49 -3.46 -2.85
N GLY A 183 31.01 -2.31 -2.42
CA GLY A 183 30.91 -1.12 -3.21
C GLY A 183 32.20 -0.61 -3.76
N TRP A 184 33.30 -0.96 -3.11
CA TRP A 184 34.63 -0.55 -3.53
C TRP A 184 34.97 -1.15 -4.88
N ASN A 185 34.33 -2.25 -5.21
CA ASN A 185 34.50 -2.87 -6.48
C ASN A 185 34.01 -1.95 -7.54
N ILE A 186 32.91 -1.26 -7.33
CA ILE A 186 32.38 -0.34 -8.31
C ILE A 186 33.35 0.79 -8.53
N VAL A 187 33.92 1.23 -7.44
CA VAL A 187 34.90 2.27 -7.40
C VAL A 187 36.15 1.89 -8.20
N GLU A 188 36.58 0.65 -8.09
CA GLU A 188 37.69 0.16 -8.84
C GLU A 188 37.38 0.23 -10.35
N PHE A 189 36.16 -0.07 -10.73
CA PHE A 189 35.77 0.00 -12.12
C PHE A 189 35.85 1.41 -12.62
N TYR A 190 35.40 2.37 -11.85
CA TYR A 190 35.42 3.78 -12.15
C TYR A 190 36.87 4.23 -12.31
N LEU A 191 37.72 3.65 -11.48
CA LEU A 191 39.15 3.91 -11.47
C LEU A 191 39.97 3.28 -12.63
N GLY A 192 39.42 2.33 -13.31
CA GLY A 192 40.10 1.63 -14.35
C GLY A 192 40.85 0.42 -13.84
N ASN A 193 40.84 0.17 -12.55
CA ASN A 193 41.51 -0.99 -12.00
C ASN A 193 40.96 -2.28 -12.53
N ILE A 194 39.65 -2.39 -12.66
CA ILE A 194 39.03 -3.59 -13.21
C ILE A 194 38.07 -3.26 -14.31
N SER A 195 37.71 -4.28 -15.04
CA SER A 195 36.78 -4.17 -16.12
C SER A 195 35.35 -4.42 -15.66
N GLU A 196 34.42 -4.08 -16.52
CA GLU A 196 33.05 -4.25 -16.27
C GLU A 196 32.68 -5.68 -16.07
N GLN A 197 33.22 -6.54 -16.89
CA GLN A 197 32.95 -7.95 -16.80
C GLN A 197 33.43 -8.52 -15.48
N THR A 198 34.59 -8.10 -15.06
CA THR A 198 35.16 -8.50 -13.80
C THR A 198 34.31 -7.99 -12.66
N LEU A 199 33.77 -6.78 -12.81
CA LEU A 199 32.93 -6.18 -11.83
C LEU A 199 31.69 -7.04 -11.69
N MET A 200 31.13 -7.45 -12.79
CA MET A 200 29.98 -8.31 -12.81
C MET A 200 30.25 -9.68 -12.24
N GLU A 201 31.42 -10.23 -12.49
CA GLU A 201 31.77 -11.53 -11.97
C GLU A 201 31.80 -11.47 -10.48
N ARG A 202 32.45 -10.44 -9.99
CA ARG A 202 32.57 -10.21 -8.57
C ARG A 202 31.19 -10.02 -7.93
N LEU A 203 30.28 -9.34 -8.61
CA LEU A 203 28.96 -9.14 -8.12
C LEU A 203 28.26 -10.48 -7.94
N LYS A 204 28.34 -11.33 -8.92
CA LYS A 204 27.73 -12.64 -8.86
C LYS A 204 28.27 -13.46 -7.71
N ALA A 205 29.55 -13.39 -7.51
CA ALA A 205 30.21 -14.09 -6.44
C ALA A 205 29.81 -13.61 -5.07
N ASP A 206 29.72 -12.31 -4.91
CA ASP A 206 29.35 -11.69 -3.66
C ASP A 206 27.95 -11.95 -3.20
N ALA A 207 27.00 -11.91 -4.10
CA ALA A 207 25.64 -12.10 -3.72
C ALA A 207 25.31 -13.48 -3.30
N THR A 208 24.45 -13.60 -2.33
CA THR A 208 24.09 -14.89 -1.81
C THR A 208 22.75 -15.47 -2.20
N ASP A 209 21.74 -14.65 -2.17
CA ASP A 209 20.36 -14.97 -2.46
C ASP A 209 19.72 -13.94 -3.40
N ASN A 210 18.48 -14.12 -3.73
CA ASN A 210 17.82 -13.24 -4.65
C ASN A 210 17.78 -11.79 -4.22
N THR A 211 17.49 -11.54 -2.96
CA THR A 211 17.45 -10.20 -2.43
C THR A 211 18.82 -9.59 -2.48
N SER A 212 19.82 -10.37 -2.17
CA SER A 212 21.16 -9.91 -2.21
C SER A 212 21.54 -9.52 -3.62
N LEU A 213 21.18 -10.34 -4.58
CA LEU A 213 21.45 -10.10 -5.97
C LEU A 213 20.78 -8.83 -6.46
N ALA A 214 19.51 -8.64 -6.12
CA ALA A 214 18.76 -7.49 -6.53
C ALA A 214 19.36 -6.20 -6.02
N GLU A 215 19.79 -6.21 -4.79
CA GLU A 215 20.41 -5.06 -4.20
C GLU A 215 21.69 -4.68 -4.89
N HIS A 216 22.51 -5.66 -5.22
CA HIS A 216 23.76 -5.46 -5.92
C HIS A 216 23.52 -4.92 -7.30
N LEU A 217 22.54 -5.48 -7.98
CA LEU A 217 22.15 -5.06 -9.30
C LEU A 217 21.56 -3.67 -9.31
N SER A 218 20.78 -3.34 -8.31
CA SER A 218 20.21 -2.04 -8.24
C SER A 218 21.29 -0.95 -8.11
N GLU A 219 22.19 -1.10 -7.18
CA GLU A 219 23.26 -0.15 -7.03
C GLU A 219 24.21 -0.10 -8.23
N THR A 220 24.64 -1.26 -8.69
CA THR A 220 25.63 -1.40 -9.76
C THR A 220 25.20 -0.90 -11.10
N ASN A 221 24.01 -1.26 -11.52
CA ASN A 221 23.45 -0.79 -12.74
C ASN A 221 23.28 0.75 -12.67
N PHE A 222 22.93 1.32 -11.52
CA PHE A 222 22.79 2.76 -11.44
C PHE A 222 24.11 3.50 -11.70
N TYR A 223 25.18 3.07 -11.05
CA TYR A 223 26.51 3.61 -11.21
C TYR A 223 27.07 3.36 -12.63
N LEU A 224 26.80 2.20 -13.18
CA LEU A 224 27.22 1.88 -14.52
C LEU A 224 26.53 2.84 -15.49
N GLY A 225 25.25 3.11 -15.26
CA GLY A 225 24.49 3.99 -16.09
C GLY A 225 25.03 5.37 -16.06
N LYS A 226 25.40 5.85 -14.89
CA LYS A 226 25.96 7.15 -14.73
C LYS A 226 27.28 7.23 -15.49
N TYR A 227 28.09 6.21 -15.41
CA TYR A 227 29.33 6.17 -16.08
C TYR A 227 29.17 6.25 -17.60
N TYR A 228 28.28 5.49 -18.18
CA TYR A 228 27.98 5.52 -19.60
C TYR A 228 27.35 6.81 -20.05
N LEU A 229 26.48 7.36 -19.24
CA LEU A 229 25.82 8.60 -19.51
C LEU A 229 26.82 9.73 -19.61
N SER A 230 27.82 9.69 -18.75
CA SER A 230 28.88 10.66 -18.67
C SER A 230 29.66 10.66 -19.95
N LEU A 231 29.83 9.49 -20.53
CA LEU A 231 30.52 9.33 -21.78
C LEU A 231 29.68 9.63 -22.99
N GLY A 232 28.42 9.94 -22.78
CA GLY A 232 27.51 10.23 -23.84
C GLY A 232 26.84 9.07 -24.51
N ASP A 233 27.02 7.87 -24.00
CA ASP A 233 26.36 6.71 -24.55
C ASP A 233 24.97 6.65 -23.93
N LEU A 234 24.05 7.34 -24.54
CA LEU A 234 22.71 7.41 -24.07
C LEU A 234 21.95 6.10 -24.03
N ASP A 235 22.07 5.29 -25.06
CA ASP A 235 21.38 4.02 -25.07
C ASP A 235 21.86 3.07 -24.01
N SER A 236 23.15 3.00 -23.80
CA SER A 236 23.65 2.14 -22.77
C SER A 236 23.17 2.62 -21.38
N ALA A 237 23.20 3.92 -21.15
CA ALA A 237 22.80 4.48 -19.89
C ALA A 237 21.34 4.17 -19.60
N THR A 238 20.50 4.32 -20.60
CA THR A 238 19.11 4.04 -20.49
C THR A 238 18.79 2.60 -20.17
N ALA A 239 19.44 1.67 -20.81
CA ALA A 239 19.23 0.29 -20.50
C ALA A 239 19.65 0.00 -19.05
N LEU A 240 20.78 0.53 -18.62
CA LEU A 240 21.24 0.36 -17.28
C LEU A 240 20.30 0.94 -16.19
N PHE A 241 19.76 2.13 -16.40
CA PHE A 241 18.85 2.70 -15.46
C PHE A 241 17.59 1.86 -15.37
N LYS A 242 17.07 1.39 -16.48
CA LYS A 242 15.93 0.51 -16.45
C LYS A 242 16.24 -0.78 -15.73
N LEU A 243 17.40 -1.32 -15.99
CA LEU A 243 17.85 -2.54 -15.36
C LEU A 243 17.99 -2.34 -13.86
N ALA A 244 18.42 -1.18 -13.40
CA ALA A 244 18.49 -0.89 -11.98
C ALA A 244 17.09 -0.89 -11.33
N VAL A 245 16.15 -0.21 -11.94
CA VAL A 245 14.79 -0.09 -11.49
C VAL A 245 14.05 -1.43 -11.41
N ALA A 246 14.39 -2.34 -12.29
CA ALA A 246 13.84 -3.67 -12.40
C ALA A 246 14.06 -4.51 -11.14
N ASN A 247 15.08 -4.21 -10.36
CA ASN A 247 15.26 -4.89 -9.11
C ASN A 247 14.21 -4.59 -8.04
N ASN A 248 13.43 -3.53 -8.19
CA ASN A 248 12.40 -3.12 -7.25
C ASN A 248 12.97 -2.89 -5.85
N VAL A 249 14.18 -2.38 -5.76
CA VAL A 249 14.73 -2.05 -4.45
C VAL A 249 14.29 -0.61 -4.22
N HIS A 250 13.05 -0.40 -3.81
CA HIS A 250 12.40 0.91 -3.70
C HIS A 250 13.09 1.95 -2.82
N ASN A 251 13.69 1.54 -1.72
CA ASN A 251 14.35 2.48 -0.87
C ASN A 251 15.80 2.86 -1.16
N PHE A 252 16.47 2.22 -2.06
CA PHE A 252 17.80 2.62 -2.41
C PHE A 252 17.80 3.96 -3.14
N VAL A 253 18.76 4.81 -2.87
CA VAL A 253 18.92 6.05 -3.61
C VAL A 253 19.27 5.75 -5.07
N GLU A 254 19.93 4.64 -5.32
CA GLU A 254 20.31 4.24 -6.65
C GLU A 254 19.06 3.99 -7.48
N HIS A 255 18.09 3.39 -6.84
CA HIS A 255 16.82 3.16 -7.44
C HIS A 255 16.06 4.48 -7.76
N ARG A 256 15.99 5.37 -6.80
CA ARG A 256 15.29 6.62 -6.96
C ARG A 256 15.88 7.46 -8.05
N TYR A 257 17.19 7.60 -8.01
CA TYR A 257 17.90 8.36 -8.99
C TYR A 257 17.99 7.76 -10.38
N ALA A 258 17.91 6.46 -10.49
CA ALA A 258 17.85 5.82 -11.77
C ALA A 258 16.55 6.27 -12.44
N LEU A 259 15.46 6.28 -11.68
CA LEU A 259 14.17 6.72 -12.13
C LEU A 259 14.20 8.20 -12.53
N LEU A 260 14.87 9.02 -11.77
CA LEU A 260 15.04 10.40 -12.10
C LEU A 260 15.83 10.60 -13.39
N GLU A 261 16.88 9.85 -13.58
CA GLU A 261 17.67 9.91 -14.77
C GLU A 261 16.88 9.52 -15.99
N LEU A 262 16.02 8.53 -15.86
CA LEU A 262 15.20 8.08 -16.94
C LEU A 262 14.26 9.16 -17.35
N SER A 263 13.70 9.81 -16.36
CA SER A 263 12.80 10.87 -16.55
C SER A 263 13.49 12.03 -17.24
N LEU A 264 14.73 12.33 -16.89
CA LEU A 264 15.46 13.38 -17.57
C LEU A 264 15.73 13.02 -19.01
N LEU A 265 16.08 11.78 -19.26
CA LEU A 265 16.35 11.32 -20.60
C LEU A 265 15.11 11.43 -21.43
N GLY A 266 13.99 11.11 -20.84
CA GLY A 266 12.75 11.18 -21.52
C GLY A 266 12.32 12.55 -21.96
N GLN A 267 12.57 13.52 -21.10
CA GLN A 267 12.23 14.91 -21.32
C GLN A 267 13.01 15.43 -22.49
N ASP A 268 14.27 15.09 -22.53
CA ASP A 268 15.14 15.52 -23.57
C ASP A 268 14.65 15.02 -24.92
N GLN A 269 14.22 13.78 -24.97
CA GLN A 269 13.72 13.19 -26.19
C GLN A 269 12.51 13.93 -26.66
N ASP A 270 11.62 14.23 -25.72
CA ASP A 270 10.41 14.94 -26.00
C ASP A 270 10.67 16.34 -26.53
N ASP A 271 11.83 16.89 -26.23
CA ASP A 271 12.13 18.21 -26.72
C ASP A 271 12.53 17.91 -28.15
N LEU A 272 13.83 17.84 -28.44
CA LEU A 272 14.28 17.44 -29.77
C LEU A 272 15.65 16.74 -29.82
N MET B 3 29.66 -9.40 -30.61
CA MET B 3 29.00 -8.91 -29.42
C MET B 3 29.73 -9.26 -28.14
N SER B 4 29.77 -8.30 -27.26
CA SER B 4 30.42 -8.40 -25.99
C SER B 4 29.59 -9.18 -24.98
N ASN B 5 30.18 -9.39 -23.82
CA ASN B 5 29.56 -10.02 -22.69
C ASN B 5 28.38 -9.20 -22.14
N THR B 6 28.47 -7.88 -22.27
CA THR B 6 27.46 -6.94 -21.77
C THR B 6 26.52 -6.36 -22.80
N SER B 7 26.60 -6.85 -24.00
CA SER B 7 25.78 -6.41 -25.10
C SER B 7 24.31 -6.81 -25.03
N TRP B 8 23.98 -7.69 -24.11
CA TRP B 8 22.64 -8.20 -23.88
C TRP B 8 21.70 -7.10 -23.46
N ARG B 9 22.25 -6.11 -22.78
CA ARG B 9 21.48 -4.97 -22.31
C ARG B 9 20.86 -4.22 -23.48
N LYS B 10 21.57 -4.18 -24.61
CA LYS B 10 21.05 -3.50 -25.75
C LYS B 10 20.18 -4.36 -26.64
N SER B 11 20.37 -5.66 -26.60
CA SER B 11 19.56 -6.58 -27.39
C SER B 11 18.11 -6.67 -26.98
N GLU B 12 17.87 -6.68 -25.69
CA GLU B 12 16.54 -6.76 -25.19
C GLU B 12 15.76 -5.46 -25.38
N VAL B 13 14.48 -5.56 -25.55
CA VAL B 13 13.63 -4.40 -25.63
C VAL B 13 13.18 -4.23 -24.18
N LEU B 14 13.45 -3.07 -23.65
CA LEU B 14 13.15 -2.77 -22.28
C LEU B 14 12.32 -1.55 -22.04
N ALA B 15 11.45 -1.66 -21.09
CA ALA B 15 10.63 -0.57 -20.64
C ALA B 15 11.04 -0.08 -19.27
N VAL B 16 10.61 1.11 -18.92
CA VAL B 16 10.81 1.55 -17.57
C VAL B 16 9.81 0.72 -16.75
N PRO B 17 10.25 0.05 -15.71
CA PRO B 17 9.36 -0.74 -14.90
C PRO B 17 8.25 0.18 -14.36
N LEU B 18 7.04 -0.29 -14.44
CA LEU B 18 5.90 0.46 -14.03
C LEU B 18 5.88 0.87 -12.57
N GLN B 19 5.46 2.06 -12.37
CA GLN B 19 5.31 2.63 -11.07
C GLN B 19 3.85 2.93 -10.80
N PRO B 20 3.50 3.03 -9.55
CA PRO B 20 2.16 3.41 -9.21
C PRO B 20 1.90 4.81 -9.71
N THR B 21 0.76 5.01 -10.33
CA THR B 21 0.37 6.31 -10.74
C THR B 21 -0.16 7.10 -9.54
N LEU B 22 -0.21 8.40 -9.69
CA LEU B 22 -0.72 9.25 -8.65
C LEU B 22 -2.19 8.98 -8.38
N GLN B 23 -2.95 8.70 -9.41
CA GLN B 23 -4.34 8.39 -9.23
C GLN B 23 -4.56 7.14 -8.42
N GLN B 24 -3.75 6.13 -8.61
CA GLN B 24 -3.90 4.94 -7.86
C GLN B 24 -3.68 5.19 -6.36
N GLU B 25 -2.66 5.96 -6.04
CA GLU B 25 -2.32 6.29 -4.67
C GLU B 25 -3.37 7.16 -4.01
N VAL B 26 -3.90 8.08 -4.78
CA VAL B 26 -4.93 8.97 -4.37
C VAL B 26 -6.22 8.22 -4.01
N ILE B 27 -6.58 7.28 -4.86
CA ILE B 27 -7.73 6.46 -4.65
C ILE B 27 -7.57 5.59 -3.42
N LEU B 28 -6.39 5.03 -3.22
CA LEU B 28 -6.13 4.23 -2.05
C LEU B 28 -6.27 5.08 -0.83
N ALA B 29 -5.79 6.30 -0.85
CA ALA B 29 -5.90 7.20 0.26
C ALA B 29 -7.35 7.56 0.63
N ARG B 30 -8.15 7.88 -0.35
CA ARG B 30 -9.54 8.18 -0.18
C ARG B 30 -10.27 6.99 0.38
N MET B 31 -10.02 5.81 -0.16
CA MET B 31 -10.67 4.64 0.31
C MET B 31 -10.41 4.39 1.78
N GLU B 32 -9.21 4.63 2.26
CA GLU B 32 -8.93 4.41 3.65
C GLU B 32 -9.77 5.31 4.53
N GLN B 33 -9.89 6.56 4.14
CA GLN B 33 -10.69 7.49 4.87
C GLN B 33 -12.15 7.10 4.83
N ILE B 34 -12.64 6.64 3.71
CA ILE B 34 -14.01 6.25 3.64
C ILE B 34 -14.34 5.07 4.57
N LEU B 35 -13.47 4.07 4.60
CA LEU B 35 -13.60 2.91 5.41
C LEU B 35 -13.53 3.26 6.86
N ALA B 36 -12.66 4.17 7.21
CA ALA B 36 -12.49 4.60 8.58
C ALA B 36 -13.73 5.29 9.09
N SER B 37 -14.38 5.96 8.17
CA SER B 37 -15.64 6.59 8.36
C SER B 37 -16.58 5.39 8.29
N ARG B 38 -17.54 5.35 9.14
CA ARG B 38 -18.41 4.22 9.13
C ARG B 38 -19.72 4.52 8.41
N ALA B 39 -19.63 5.43 7.46
CA ALA B 39 -20.71 5.94 6.67
C ALA B 39 -21.40 5.01 5.73
N LEU B 40 -20.66 4.05 5.23
CA LEU B 40 -21.19 3.17 4.25
C LEU B 40 -22.13 2.12 4.73
N THR B 41 -23.00 1.74 3.81
CA THR B 41 -23.91 0.64 4.00
C THR B 41 -23.11 -0.67 3.86
N ASP B 42 -23.65 -1.75 4.33
CA ASP B 42 -22.93 -2.99 4.24
C ASP B 42 -22.61 -3.35 2.83
N ASP B 43 -23.59 -3.21 1.95
CA ASP B 43 -23.38 -3.53 0.55
C ASP B 43 -22.32 -2.64 -0.01
N GLU B 44 -22.33 -1.40 0.39
CA GLU B 44 -21.35 -0.45 -0.04
C GLU B 44 -19.96 -0.78 0.45
N ARG B 45 -19.84 -1.19 1.68
CA ARG B 45 -18.58 -1.54 2.23
C ARG B 45 -18.01 -2.73 1.51
N ALA B 46 -18.81 -3.73 1.26
CA ALA B 46 -18.36 -4.89 0.58
C ALA B 46 -17.87 -4.59 -0.84
N GLN B 47 -18.58 -3.73 -1.54
CA GLN B 47 -18.22 -3.33 -2.86
C GLN B 47 -16.91 -2.57 -2.93
N LEU B 48 -16.73 -1.66 -1.98
CA LEU B 48 -15.55 -0.88 -1.85
C LEU B 48 -14.35 -1.71 -1.48
N LEU B 49 -14.53 -2.66 -0.61
CA LEU B 49 -13.49 -3.54 -0.25
C LEU B 49 -13.07 -4.36 -1.43
N TYR B 50 -14.01 -4.77 -2.27
CA TYR B 50 -13.68 -5.49 -3.46
C TYR B 50 -12.83 -4.61 -4.38
N GLU B 51 -13.23 -3.38 -4.52
CA GLU B 51 -12.54 -2.45 -5.32
C GLU B 51 -11.13 -2.19 -4.82
N ARG B 52 -10.94 -2.06 -3.52
CA ARG B 52 -9.62 -1.89 -2.97
C ARG B 52 -8.74 -3.10 -3.21
N GLY B 53 -9.31 -4.28 -3.12
CA GLY B 53 -8.59 -5.48 -3.37
C GLY B 53 -8.11 -5.50 -4.81
N VAL B 54 -8.96 -5.07 -5.72
CA VAL B 54 -8.59 -5.02 -7.09
C VAL B 54 -7.44 -4.05 -7.28
N LEU B 55 -7.49 -2.90 -6.65
CA LEU B 55 -6.45 -1.94 -6.72
C LEU B 55 -5.13 -2.45 -6.08
N TYR B 56 -5.19 -3.06 -4.93
CA TYR B 56 -4.04 -3.61 -4.26
C TYR B 56 -3.40 -4.67 -5.13
N ASP B 57 -4.22 -5.49 -5.77
CA ASP B 57 -3.79 -6.54 -6.64
C ASP B 57 -3.06 -5.99 -7.83
N SER B 58 -3.52 -4.88 -8.34
CA SER B 58 -2.90 -4.24 -9.47
C SER B 58 -1.54 -3.63 -9.14
N LEU B 59 -1.29 -3.45 -7.87
CA LEU B 59 -0.07 -2.93 -7.38
C LEU B 59 0.89 -4.00 -6.88
N GLY B 60 0.49 -5.24 -6.94
CA GLY B 60 1.31 -6.30 -6.46
C GLY B 60 1.23 -6.61 -4.98
N LEU B 61 0.29 -5.97 -4.29
CA LEU B 61 0.07 -6.23 -2.90
C LEU B 61 -1.05 -7.26 -2.74
N ARG B 62 -0.74 -8.50 -3.01
CA ARG B 62 -1.67 -9.61 -2.98
C ARG B 62 -2.21 -10.01 -1.63
N ALA B 63 -1.39 -9.97 -0.61
CA ALA B 63 -1.81 -10.27 0.72
C ALA B 63 -2.82 -9.22 1.25
N LEU B 64 -2.55 -7.96 0.99
CA LEU B 64 -3.46 -6.90 1.35
C LEU B 64 -4.77 -7.06 0.54
N ALA B 65 -4.65 -7.45 -0.71
CA ALA B 65 -5.81 -7.66 -1.54
C ALA B 65 -6.68 -8.78 -1.03
N ARG B 66 -6.04 -9.86 -0.66
CA ARG B 66 -6.67 -11.04 -0.16
C ARG B 66 -7.39 -10.73 1.12
N ASN B 67 -6.79 -9.90 1.93
CA ASN B 67 -7.37 -9.48 3.16
C ASN B 67 -8.68 -8.71 2.96
N ASP B 68 -8.67 -7.77 2.04
CA ASP B 68 -9.83 -7.01 1.68
C ASP B 68 -10.88 -7.90 1.08
N PHE B 69 -10.44 -8.84 0.27
CA PHE B 69 -11.30 -9.76 -0.38
C PHE B 69 -12.02 -10.61 0.65
N SER B 70 -11.34 -11.05 1.70
CA SER B 70 -11.92 -11.81 2.76
C SER B 70 -12.95 -11.05 3.58
N GLN B 71 -12.69 -9.78 3.81
CA GLN B 71 -13.61 -8.96 4.52
C GLN B 71 -14.86 -8.74 3.75
N ALA B 72 -14.76 -8.59 2.44
CA ALA B 72 -15.93 -8.38 1.63
C ALA B 72 -16.87 -9.58 1.70
N LEU B 73 -16.30 -10.77 1.69
CA LEU B 73 -17.01 -12.01 1.81
C LEU B 73 -17.67 -12.13 3.15
N ALA B 74 -17.04 -11.63 4.19
CA ALA B 74 -17.63 -11.68 5.49
C ALA B 74 -18.91 -10.87 5.49
N ILE B 75 -18.93 -9.73 4.86
CA ILE B 75 -20.12 -8.94 4.67
C ILE B 75 -21.13 -9.50 3.65
N ARG B 76 -20.67 -9.82 2.47
CA ARG B 76 -21.47 -10.38 1.41
C ARG B 76 -20.83 -11.63 0.85
N PRO B 77 -21.29 -12.79 1.26
CA PRO B 77 -20.69 -14.03 0.79
C PRO B 77 -21.01 -14.42 -0.64
N ASP B 78 -21.96 -13.79 -1.28
CA ASP B 78 -22.29 -14.13 -2.64
C ASP B 78 -21.62 -13.28 -3.72
N MET B 79 -20.32 -13.07 -3.62
CA MET B 79 -19.61 -12.33 -4.63
C MET B 79 -18.70 -13.24 -5.45
N PRO B 80 -19.13 -13.60 -6.64
CA PRO B 80 -18.34 -14.47 -7.50
C PRO B 80 -17.02 -13.83 -7.86
N GLU B 81 -17.04 -12.53 -8.07
CA GLU B 81 -15.87 -11.78 -8.45
C GLU B 81 -14.79 -11.87 -7.39
N VAL B 82 -15.18 -11.88 -6.14
CA VAL B 82 -14.27 -12.05 -5.04
C VAL B 82 -13.64 -13.44 -5.00
N PHE B 83 -14.47 -14.44 -5.20
CA PHE B 83 -14.06 -15.82 -5.23
C PHE B 83 -13.02 -16.02 -6.36
N ASN B 84 -13.16 -15.31 -7.46
CA ASN B 84 -12.26 -15.42 -8.57
C ASN B 84 -10.83 -15.02 -8.17
N TYR B 85 -10.69 -13.93 -7.48
CA TYR B 85 -9.42 -13.52 -6.98
C TYR B 85 -8.83 -14.50 -5.98
N LEU B 86 -9.64 -15.04 -5.11
CA LEU B 86 -9.18 -15.99 -4.14
C LEU B 86 -8.64 -17.26 -4.80
N GLY B 87 -9.30 -17.70 -5.85
CA GLY B 87 -8.86 -18.84 -6.59
C GLY B 87 -7.52 -18.63 -7.24
N ILE B 88 -7.33 -17.45 -7.77
CA ILE B 88 -6.12 -17.08 -8.39
C ILE B 88 -4.95 -17.05 -7.36
N TYR B 89 -5.20 -16.52 -6.19
CA TYR B 89 -4.22 -16.48 -5.15
C TYR B 89 -3.86 -17.86 -4.69
N LEU B 90 -4.84 -18.73 -4.60
CA LEU B 90 -4.62 -20.10 -4.24
C LEU B 90 -3.77 -20.84 -5.25
N THR B 91 -3.98 -20.52 -6.52
CA THR B 91 -3.23 -21.04 -7.63
C THR B 91 -1.78 -20.58 -7.54
N GLN B 92 -1.57 -19.31 -7.26
CA GLN B 92 -0.24 -18.74 -7.09
C GLN B 92 0.48 -19.41 -5.90
N ALA B 93 -0.26 -19.74 -4.89
CA ALA B 93 0.27 -20.41 -3.75
C ALA B 93 0.44 -21.90 -3.96
N GLY B 94 -0.02 -22.41 -5.07
CA GLY B 94 0.08 -23.80 -5.32
C GLY B 94 -0.93 -24.66 -4.58
N ASN B 95 -1.94 -24.08 -3.97
CA ASN B 95 -3.01 -24.77 -3.28
C ASN B 95 -4.07 -25.07 -4.34
N PHE B 96 -3.80 -26.06 -5.18
CA PHE B 96 -4.65 -26.38 -6.29
C PHE B 96 -6.06 -26.86 -6.01
N ASP B 97 -6.20 -27.74 -5.04
CA ASP B 97 -7.47 -28.31 -4.64
C ASP B 97 -8.40 -27.20 -4.17
N ALA B 98 -7.91 -26.34 -3.31
CA ALA B 98 -8.66 -25.21 -2.84
C ALA B 98 -9.02 -24.25 -3.92
N ALA B 99 -8.14 -24.05 -4.87
CA ALA B 99 -8.39 -23.15 -5.96
C ALA B 99 -9.53 -23.60 -6.84
N TYR B 100 -9.59 -24.90 -7.10
CA TYR B 100 -10.62 -25.50 -7.89
C TYR B 100 -11.94 -25.28 -7.19
N GLU B 101 -11.90 -25.46 -5.89
CA GLU B 101 -13.05 -25.25 -5.10
C GLU B 101 -13.52 -23.83 -5.21
N ALA B 102 -12.64 -22.85 -5.17
CA ALA B 102 -13.00 -21.48 -5.33
C ALA B 102 -13.62 -21.09 -6.68
N PHE B 103 -13.05 -21.56 -7.78
CA PHE B 103 -13.55 -21.27 -9.12
C PHE B 103 -14.91 -21.91 -9.33
N ASP B 104 -15.07 -23.07 -8.74
CA ASP B 104 -16.29 -23.81 -8.75
C ASP B 104 -17.36 -23.01 -8.03
N SER B 105 -16.96 -22.37 -6.95
CA SER B 105 -17.86 -21.53 -6.22
C SER B 105 -18.30 -20.36 -7.08
N VAL B 106 -17.39 -19.79 -7.85
CA VAL B 106 -17.69 -18.66 -8.69
C VAL B 106 -18.74 -19.00 -9.74
N LEU B 107 -18.55 -20.11 -10.42
CA LEU B 107 -19.44 -20.61 -11.40
C LEU B 107 -20.81 -21.02 -10.83
N GLU B 108 -20.82 -21.59 -9.64
CA GLU B 108 -22.03 -21.94 -8.97
C GLU B 108 -22.81 -20.66 -8.71
N LEU B 109 -22.15 -19.61 -8.25
CA LEU B 109 -22.78 -18.34 -8.06
C LEU B 109 -23.20 -17.73 -9.38
N ASP B 110 -22.32 -17.73 -10.34
CA ASP B 110 -22.64 -17.22 -11.64
C ASP B 110 -21.97 -18.05 -12.70
N PRO B 111 -22.76 -18.85 -13.35
CA PRO B 111 -22.30 -19.71 -14.43
C PRO B 111 -21.79 -18.94 -15.63
N THR B 112 -22.14 -17.68 -15.77
CA THR B 112 -21.65 -16.93 -16.90
C THR B 112 -20.33 -16.18 -16.68
N TYR B 113 -19.70 -16.31 -15.52
CA TYR B 113 -18.45 -15.61 -15.23
C TYR B 113 -17.33 -16.41 -15.89
N ASN B 114 -17.08 -16.04 -17.12
CA ASN B 114 -16.19 -16.71 -18.05
C ASN B 114 -14.76 -16.89 -17.61
N TYR B 115 -14.24 -15.88 -16.95
CA TYR B 115 -12.88 -15.82 -16.47
C TYR B 115 -12.57 -16.91 -15.48
N ALA B 116 -13.58 -17.43 -14.82
CA ALA B 116 -13.41 -18.54 -13.97
C ALA B 116 -12.98 -19.74 -14.80
N HIS B 117 -13.49 -19.85 -16.00
CA HIS B 117 -13.06 -20.94 -16.83
C HIS B 117 -11.60 -20.79 -17.17
N LEU B 118 -11.19 -19.60 -17.54
CA LEU B 118 -9.82 -19.37 -17.85
C LEU B 118 -8.95 -19.63 -16.63
N ASN B 119 -9.32 -19.10 -15.47
CA ASN B 119 -8.54 -19.31 -14.24
C ASN B 119 -8.51 -20.75 -13.69
N ARG B 120 -9.63 -21.44 -13.71
CA ARG B 120 -9.66 -22.81 -13.28
C ARG B 120 -8.80 -23.67 -14.25
N GLY B 121 -8.88 -23.35 -15.53
CA GLY B 121 -8.12 -24.03 -16.52
C GLY B 121 -6.63 -23.87 -16.31
N ILE B 122 -6.23 -22.65 -16.00
CA ILE B 122 -4.87 -22.37 -15.71
C ILE B 122 -4.41 -23.12 -14.47
N ALA B 123 -5.22 -23.13 -13.44
CA ALA B 123 -4.94 -23.84 -12.23
C ALA B 123 -4.78 -25.36 -12.43
N LEU B 124 -5.61 -25.93 -13.27
CA LEU B 124 -5.55 -27.32 -13.60
C LEU B 124 -4.27 -27.68 -14.30
N TYR B 125 -3.81 -26.80 -15.17
CA TYR B 125 -2.56 -26.96 -15.88
C TYR B 125 -1.37 -27.01 -14.93
N TYR B 126 -1.31 -26.05 -14.03
CA TYR B 126 -0.28 -26.01 -13.00
C TYR B 126 -0.43 -27.17 -12.05
N GLY B 127 -1.67 -27.60 -11.92
CA GLY B 127 -2.03 -28.69 -11.11
C GLY B 127 -1.79 -30.03 -11.74
N GLY B 128 -1.28 -30.06 -12.95
CA GLY B 128 -1.04 -31.30 -13.62
C GLY B 128 -2.23 -32.07 -14.14
N ARG B 129 -3.34 -31.41 -14.40
CA ARG B 129 -4.49 -32.10 -14.93
C ARG B 129 -4.85 -31.47 -16.24
N ASP B 130 -4.11 -31.90 -17.24
CA ASP B 130 -4.15 -31.38 -18.57
C ASP B 130 -5.43 -31.50 -19.34
N LYS B 131 -6.05 -32.66 -19.30
CA LYS B 131 -7.30 -32.87 -19.95
C LYS B 131 -8.41 -32.00 -19.40
N LEU B 132 -8.51 -31.94 -18.10
CA LEU B 132 -9.49 -31.13 -17.41
C LEU B 132 -9.29 -29.66 -17.70
N ALA B 133 -8.04 -29.26 -17.75
CA ALA B 133 -7.64 -27.92 -18.05
C ALA B 133 -8.10 -27.53 -19.44
N GLN B 134 -7.98 -28.46 -20.38
CA GLN B 134 -8.39 -28.25 -21.75
C GLN B 134 -9.88 -28.01 -21.85
N ASP B 135 -10.66 -28.71 -21.03
CA ASP B 135 -12.07 -28.52 -21.07
C ASP B 135 -12.43 -27.09 -20.73
N ASP B 136 -11.88 -26.55 -19.66
CA ASP B 136 -12.12 -25.20 -19.27
C ASP B 136 -11.59 -24.18 -20.27
N LEU B 137 -10.41 -24.42 -20.79
CA LEU B 137 -9.80 -23.54 -21.77
C LEU B 137 -10.52 -23.48 -23.12
N LEU B 138 -10.99 -24.63 -23.56
CA LEU B 138 -11.75 -24.74 -24.76
C LEU B 138 -13.03 -23.96 -24.61
N ALA B 139 -13.68 -24.08 -23.48
CA ALA B 139 -14.88 -23.32 -23.23
C ALA B 139 -14.56 -21.83 -23.21
N PHE B 140 -13.44 -21.43 -22.59
CA PHE B 140 -12.99 -20.04 -22.56
C PHE B 140 -12.73 -19.54 -23.97
N TYR B 141 -12.10 -20.37 -24.79
CA TYR B 141 -11.83 -20.05 -26.18
C TYR B 141 -13.12 -19.84 -26.95
N GLN B 142 -14.11 -20.67 -26.70
CA GLN B 142 -15.37 -20.57 -27.38
C GLN B 142 -16.08 -19.26 -27.12
N ASP B 143 -15.94 -18.72 -25.93
CA ASP B 143 -16.56 -17.45 -25.59
C ASP B 143 -16.01 -16.31 -26.45
N ASP B 144 -14.74 -16.33 -26.80
CA ASP B 144 -14.14 -15.34 -27.68
C ASP B 144 -13.01 -15.90 -28.52
N PRO B 145 -13.31 -16.43 -29.68
CA PRO B 145 -12.29 -16.99 -30.56
C PRO B 145 -11.25 -15.99 -31.05
N ASN B 146 -11.59 -14.73 -31.12
CA ASN B 146 -10.66 -13.71 -31.57
C ASN B 146 -9.59 -13.23 -30.58
N ASP B 147 -9.66 -13.65 -29.34
CA ASP B 147 -8.72 -13.24 -28.34
C ASP B 147 -7.59 -14.26 -28.36
N PRO B 148 -6.45 -13.86 -28.88
CA PRO B 148 -5.30 -14.74 -29.10
C PRO B 148 -4.75 -15.42 -27.86
N PHE B 149 -4.88 -14.79 -26.70
CA PHE B 149 -4.43 -15.33 -25.44
C PHE B 149 -5.19 -16.58 -25.06
N ARG B 150 -6.42 -16.65 -25.48
CA ARG B 150 -7.24 -17.82 -25.23
C ARG B 150 -6.66 -19.03 -25.94
N SER B 151 -6.23 -18.83 -27.16
CA SER B 151 -5.57 -19.85 -27.92
C SER B 151 -4.24 -20.25 -27.37
N LEU B 152 -3.49 -19.29 -26.87
CA LEU B 152 -2.23 -19.58 -26.27
C LEU B 152 -2.34 -20.49 -25.07
N TRP B 153 -3.27 -20.21 -24.18
CA TRP B 153 -3.48 -21.02 -23.02
C TRP B 153 -3.93 -22.41 -23.38
N LEU B 154 -4.83 -22.52 -24.34
CA LEU B 154 -5.30 -23.81 -24.79
C LEU B 154 -4.14 -24.63 -25.36
N TYR B 155 -3.31 -23.98 -26.13
CA TYR B 155 -2.15 -24.61 -26.67
C TYR B 155 -1.23 -25.11 -25.57
N LEU B 156 -0.99 -24.34 -24.54
CA LEU B 156 -0.12 -24.79 -23.49
C LEU B 156 -0.62 -26.03 -22.82
N ALA B 157 -1.90 -26.13 -22.54
CA ALA B 157 -2.48 -27.32 -21.96
C ALA B 157 -2.44 -28.55 -22.86
N GLU B 158 -2.81 -28.35 -24.09
CA GLU B 158 -2.86 -29.35 -25.15
C GLU B 158 -1.51 -29.92 -25.53
N GLN B 159 -0.49 -29.12 -25.34
CA GLN B 159 0.86 -29.45 -25.67
C GLN B 159 1.37 -30.63 -24.88
N LYS B 160 0.92 -30.71 -23.64
CA LYS B 160 1.24 -31.79 -22.76
C LYS B 160 0.65 -33.06 -23.26
N LEU B 161 -0.55 -33.01 -23.77
CA LEU B 161 -1.17 -34.20 -24.32
C LEU B 161 -0.63 -34.69 -25.64
N ASP B 162 -0.64 -33.82 -26.63
CA ASP B 162 -0.16 -34.09 -27.95
C ASP B 162 0.31 -32.79 -28.57
N GLU B 163 1.61 -32.62 -28.62
CA GLU B 163 2.17 -31.44 -29.14
C GLU B 163 1.81 -31.16 -30.58
N LYS B 164 1.88 -32.16 -31.41
CA LYS B 164 1.56 -32.00 -32.79
C LYS B 164 0.13 -31.62 -33.00
N GLN B 165 -0.77 -32.27 -32.32
CA GLN B 165 -2.15 -31.91 -32.43
C GLN B 165 -2.41 -30.49 -31.89
N ALA B 166 -1.72 -30.12 -30.83
CA ALA B 166 -1.87 -28.82 -30.21
C ALA B 166 -1.48 -27.71 -31.11
N LYS B 167 -0.37 -27.91 -31.80
CA LYS B 167 0.13 -26.99 -32.75
C LYS B 167 -0.84 -26.83 -33.93
N GLU B 168 -1.45 -27.91 -34.37
CA GLU B 168 -2.40 -27.84 -35.44
C GLU B 168 -3.65 -27.07 -35.09
N VAL B 169 -4.14 -27.28 -33.89
CA VAL B 169 -5.31 -26.63 -33.36
C VAL B 169 -5.04 -25.15 -33.27
N LEU B 170 -3.84 -24.80 -32.81
CA LEU B 170 -3.45 -23.44 -32.70
C LEU B 170 -3.40 -22.77 -34.08
N LYS B 171 -2.95 -23.51 -35.08
CA LYS B 171 -2.90 -23.02 -36.42
C LYS B 171 -4.30 -22.70 -36.94
N GLN B 172 -5.24 -23.57 -36.68
CA GLN B 172 -6.61 -23.37 -37.09
C GLN B 172 -7.24 -22.17 -36.43
N HIS B 173 -7.00 -22.00 -35.15
CA HIS B 173 -7.58 -20.90 -34.41
C HIS B 173 -7.15 -19.57 -34.97
N PHE B 174 -5.89 -19.45 -35.29
CA PHE B 174 -5.32 -18.27 -35.89
C PHE B 174 -5.88 -18.00 -37.29
N GLU B 175 -5.87 -19.04 -38.12
CA GLU B 175 -6.36 -18.92 -39.49
C GLU B 175 -7.83 -18.46 -39.51
N LYS B 176 -8.62 -19.02 -38.59
CA LYS B 176 -10.00 -18.69 -38.49
C LYS B 176 -10.35 -17.40 -37.80
N SER B 177 -9.41 -16.82 -37.09
CA SER B 177 -9.61 -15.57 -36.39
C SER B 177 -9.53 -14.38 -37.29
N ASP B 178 -9.89 -13.23 -36.80
CA ASP B 178 -9.82 -12.01 -37.54
C ASP B 178 -8.41 -11.45 -37.66
N LYS B 179 -7.54 -11.96 -36.80
CA LYS B 179 -6.14 -11.66 -36.73
C LYS B 179 -5.78 -10.27 -36.31
N GLU B 180 -6.75 -9.55 -35.79
CA GLU B 180 -6.57 -8.19 -35.35
C GLU B 180 -5.74 -7.84 -34.15
N GLN B 181 -5.91 -8.58 -33.08
CA GLN B 181 -5.21 -8.32 -31.83
C GLN B 181 -3.74 -8.61 -31.88
N TRP B 182 -2.97 -7.85 -31.12
CA TRP B 182 -1.54 -7.93 -31.11
C TRP B 182 -1.00 -9.33 -30.81
N GLY B 183 -1.63 -10.04 -29.91
CA GLY B 183 -1.23 -11.33 -29.41
C GLY B 183 -1.09 -12.45 -30.41
N TRP B 184 -1.74 -12.29 -31.55
CA TRP B 184 -1.69 -13.19 -32.67
C TRP B 184 -0.25 -13.27 -33.20
N ASN B 185 0.51 -12.21 -32.99
CA ASN B 185 1.91 -12.15 -33.34
C ASN B 185 2.66 -13.19 -32.54
N ILE B 186 2.29 -13.40 -31.30
CA ILE B 186 2.88 -14.39 -30.44
C ILE B 186 2.56 -15.78 -30.96
N VAL B 187 1.33 -15.92 -31.40
CA VAL B 187 0.85 -17.14 -31.98
C VAL B 187 1.62 -17.43 -33.23
N GLU B 188 1.87 -16.45 -34.05
CA GLU B 188 2.61 -16.63 -35.26
C GLU B 188 4.02 -17.14 -34.96
N PHE B 189 4.64 -16.61 -33.92
CA PHE B 189 5.92 -17.06 -33.49
C PHE B 189 5.88 -18.52 -33.01
N TYR B 190 4.86 -18.90 -32.30
CA TYR B 190 4.71 -20.24 -31.86
C TYR B 190 4.56 -21.19 -33.05
N LEU B 191 3.85 -20.75 -34.07
CA LEU B 191 3.59 -21.48 -35.27
C LEU B 191 4.77 -21.63 -36.22
N GLY B 192 5.78 -20.80 -36.05
CA GLY B 192 6.92 -20.78 -36.90
C GLY B 192 6.82 -19.82 -38.05
N ASN B 193 5.76 -19.05 -38.09
CA ASN B 193 5.54 -18.05 -39.10
C ASN B 193 6.52 -16.88 -39.09
N ILE B 194 6.88 -16.43 -37.91
CA ILE B 194 7.76 -15.31 -37.79
C ILE B 194 8.87 -15.55 -36.82
N SER B 195 9.96 -14.90 -37.03
CA SER B 195 11.11 -15.00 -36.18
C SER B 195 10.93 -14.21 -34.87
N GLU B 196 11.77 -14.47 -33.89
CA GLU B 196 11.76 -13.77 -32.62
C GLU B 196 12.04 -12.30 -32.83
N GLN B 197 12.94 -12.00 -33.75
CA GLN B 197 13.29 -10.66 -34.07
C GLN B 197 12.13 -9.89 -34.68
N THR B 198 11.40 -10.53 -35.56
CA THR B 198 10.22 -9.95 -36.14
C THR B 198 9.17 -9.72 -35.05
N LEU B 199 9.05 -10.64 -34.12
CA LEU B 199 8.10 -10.49 -33.06
C LEU B 199 8.39 -9.23 -32.23
N MET B 200 9.64 -9.05 -31.87
CA MET B 200 10.07 -7.91 -31.11
C MET B 200 9.90 -6.61 -31.87
N GLU B 201 10.13 -6.63 -33.15
CA GLU B 201 9.96 -5.46 -33.99
C GLU B 201 8.53 -5.05 -34.01
N ARG B 202 7.66 -6.01 -34.17
CA ARG B 202 6.25 -5.76 -34.15
C ARG B 202 5.80 -5.25 -32.78
N LEU B 203 6.38 -5.75 -31.72
CA LEU B 203 6.06 -5.30 -30.41
C LEU B 203 6.40 -3.82 -30.23
N LYS B 204 7.57 -3.41 -30.63
CA LYS B 204 7.95 -2.03 -30.54
C LYS B 204 7.07 -1.11 -31.38
N ALA B 205 6.73 -1.51 -32.58
CA ALA B 205 5.89 -0.74 -33.44
C ALA B 205 4.50 -0.56 -32.84
N ASP B 206 3.94 -1.60 -32.29
CA ASP B 206 2.66 -1.58 -31.68
C ASP B 206 2.48 -0.75 -30.42
N ALA B 207 3.48 -0.74 -29.55
CA ALA B 207 3.46 0.00 -28.33
C ALA B 207 3.43 1.50 -28.56
N THR B 208 2.66 2.22 -27.80
CA THR B 208 2.58 3.64 -27.98
C THR B 208 3.21 4.48 -26.92
N ASP B 209 3.40 3.90 -25.77
CA ASP B 209 3.99 4.54 -24.63
C ASP B 209 4.67 3.55 -23.70
N ASN B 210 5.22 4.04 -22.61
CA ASN B 210 5.89 3.17 -21.71
C ASN B 210 4.94 2.11 -21.13
N THR B 211 3.77 2.52 -20.72
CA THR B 211 2.79 1.60 -20.17
C THR B 211 2.38 0.55 -21.20
N SER B 212 2.12 0.93 -22.44
CA SER B 212 1.81 -0.07 -23.46
C SER B 212 3.00 -1.01 -23.77
N LEU B 213 4.20 -0.48 -23.75
CA LEU B 213 5.39 -1.25 -23.98
C LEU B 213 5.60 -2.31 -22.88
N ALA B 214 5.43 -1.91 -21.64
CA ALA B 214 5.59 -2.77 -20.50
C ALA B 214 4.61 -3.91 -20.50
N GLU B 215 3.39 -3.63 -20.90
CA GLU B 215 2.37 -4.62 -21.02
C GLU B 215 2.68 -5.68 -22.08
N HIS B 216 3.12 -5.24 -23.23
CA HIS B 216 3.53 -6.12 -24.29
C HIS B 216 4.72 -6.95 -23.85
N LEU B 217 5.69 -6.33 -23.22
CA LEU B 217 6.85 -7.01 -22.71
C LEU B 217 6.50 -8.07 -21.67
N SER B 218 5.58 -7.73 -20.78
CA SER B 218 5.18 -8.66 -19.76
C SER B 218 4.51 -9.92 -20.34
N GLU B 219 3.56 -9.75 -21.23
CA GLU B 219 2.94 -10.86 -21.86
C GLU B 219 3.91 -11.69 -22.75
N THR B 220 4.64 -10.98 -23.58
CA THR B 220 5.54 -11.54 -24.56
C THR B 220 6.69 -12.30 -24.00
N ASN B 221 7.32 -11.77 -22.98
CA ASN B 221 8.40 -12.43 -22.32
C ASN B 221 7.98 -13.72 -21.65
N PHE B 222 6.76 -13.75 -21.12
CA PHE B 222 6.24 -14.94 -20.51
C PHE B 222 6.06 -16.07 -21.52
N TYR B 223 5.43 -15.79 -22.64
CA TYR B 223 5.22 -16.77 -23.68
C TYR B 223 6.53 -17.23 -24.31
N LEU B 224 7.48 -16.33 -24.50
CA LEU B 224 8.79 -16.64 -25.01
C LEU B 224 9.50 -17.53 -24.01
N GLY B 225 9.31 -17.24 -22.75
CA GLY B 225 9.85 -18.01 -21.69
C GLY B 225 9.33 -19.41 -21.69
N LYS B 226 8.05 -19.58 -21.93
CA LYS B 226 7.46 -20.87 -22.01
C LYS B 226 8.02 -21.66 -23.19
N TYR B 227 8.19 -21.00 -24.28
CA TYR B 227 8.74 -21.61 -25.45
C TYR B 227 10.17 -22.11 -25.23
N TYR B 228 11.05 -21.32 -24.66
CA TYR B 228 12.39 -21.76 -24.34
C TYR B 228 12.39 -22.89 -23.30
N LEU B 229 11.47 -22.83 -22.36
CA LEU B 229 11.35 -23.82 -21.34
C LEU B 229 11.05 -25.20 -21.91
N SER B 230 10.17 -25.25 -22.87
CA SER B 230 9.77 -26.45 -23.54
C SER B 230 10.90 -27.15 -24.28
N LEU B 231 11.79 -26.36 -24.81
CA LEU B 231 12.97 -26.78 -25.52
C LEU B 231 14.11 -27.16 -24.62
N GLY B 232 13.91 -27.03 -23.33
CA GLY B 232 14.93 -27.32 -22.38
C GLY B 232 15.95 -26.25 -22.12
N ASP B 233 15.82 -25.06 -22.67
CA ASP B 233 16.78 -23.99 -22.43
C ASP B 233 16.41 -23.21 -21.18
N LEU B 234 16.85 -23.71 -20.05
CA LEU B 234 16.58 -23.12 -18.78
C LEU B 234 17.15 -21.74 -18.56
N ASP B 235 18.34 -21.49 -19.03
CA ASP B 235 18.91 -20.22 -18.84
C ASP B 235 18.11 -19.17 -19.57
N SER B 236 17.71 -19.46 -20.80
CA SER B 236 16.93 -18.56 -21.55
C SER B 236 15.56 -18.32 -20.95
N ALA B 237 14.93 -19.37 -20.50
CA ALA B 237 13.64 -19.26 -19.90
C ALA B 237 13.62 -18.45 -18.64
N THR B 238 14.60 -18.69 -17.78
CA THR B 238 14.74 -18.03 -16.53
C THR B 238 14.90 -16.53 -16.71
N ALA B 239 15.74 -16.13 -17.63
CA ALA B 239 15.93 -14.76 -17.93
C ALA B 239 14.65 -14.08 -18.49
N LEU B 240 13.95 -14.75 -19.38
CA LEU B 240 12.73 -14.24 -19.93
C LEU B 240 11.59 -14.09 -18.89
N PHE B 241 11.45 -15.05 -18.01
CA PHE B 241 10.48 -14.96 -16.97
C PHE B 241 10.80 -13.76 -16.06
N LYS B 242 12.05 -13.57 -15.72
CA LYS B 242 12.47 -12.44 -14.92
C LYS B 242 12.23 -11.10 -15.63
N LEU B 243 12.51 -11.04 -16.92
CA LEU B 243 12.31 -9.88 -17.74
C LEU B 243 10.83 -9.53 -17.81
N ALA B 244 9.98 -10.52 -17.87
CA ALA B 244 8.58 -10.30 -17.87
C ALA B 244 8.07 -9.66 -16.57
N VAL B 245 8.53 -10.17 -15.45
CA VAL B 245 8.22 -9.76 -14.12
C VAL B 245 8.66 -8.34 -13.84
N ALA B 246 9.77 -7.97 -14.42
CA ALA B 246 10.41 -6.69 -14.32
C ALA B 246 9.55 -5.56 -14.83
N ASN B 247 8.62 -5.86 -15.70
CA ASN B 247 7.70 -4.88 -16.20
C ASN B 247 6.71 -4.31 -15.16
N ASN B 248 6.54 -5.04 -14.08
CA ASN B 248 5.64 -4.70 -13.00
C ASN B 248 4.16 -4.59 -13.42
N VAL B 249 3.74 -5.40 -14.35
CA VAL B 249 2.34 -5.42 -14.73
C VAL B 249 1.76 -6.49 -13.81
N HIS B 250 1.45 -6.10 -12.60
CA HIS B 250 1.02 -6.97 -11.54
C HIS B 250 -0.22 -7.80 -11.80
N ASN B 251 -1.22 -7.28 -12.46
CA ASN B 251 -2.41 -8.06 -12.71
C ASN B 251 -2.48 -9.01 -13.90
N PHE B 252 -1.53 -8.97 -14.79
CA PHE B 252 -1.53 -9.85 -15.91
C PHE B 252 -1.31 -11.28 -15.44
N VAL B 253 -2.00 -12.20 -16.06
CA VAL B 253 -1.80 -13.62 -15.76
C VAL B 253 -0.38 -14.00 -16.13
N GLU B 254 0.16 -13.37 -17.16
CA GLU B 254 1.52 -13.63 -17.60
C GLU B 254 2.51 -13.30 -16.52
N HIS B 255 2.27 -12.21 -15.82
CA HIS B 255 3.08 -11.79 -14.73
C HIS B 255 3.04 -12.76 -13.54
N ARG B 256 1.86 -13.17 -13.14
CA ARG B 256 1.66 -14.10 -12.06
C ARG B 256 2.31 -15.41 -12.35
N TYR B 257 2.07 -15.90 -13.54
CA TYR B 257 2.62 -17.15 -14.00
C TYR B 257 4.13 -17.22 -14.25
N ALA B 258 4.72 -16.10 -14.64
CA ALA B 258 6.15 -16.01 -14.77
C ALA B 258 6.78 -16.17 -13.39
N LEU B 259 6.16 -15.57 -12.39
CA LEU B 259 6.62 -15.70 -11.04
C LEU B 259 6.50 -17.14 -10.60
N LEU B 260 5.43 -17.79 -10.95
CA LEU B 260 5.23 -19.16 -10.63
C LEU B 260 6.24 -20.09 -11.28
N GLU B 261 6.56 -19.86 -12.52
CA GLU B 261 7.56 -20.63 -13.23
C GLU B 261 8.91 -20.47 -12.60
N LEU B 262 9.21 -19.27 -12.18
CA LEU B 262 10.44 -18.96 -11.56
C LEU B 262 10.57 -19.71 -10.24
N SER B 263 9.50 -19.78 -9.50
CA SER B 263 9.48 -20.48 -8.28
C SER B 263 9.71 -21.98 -8.52
N LEU B 264 9.13 -22.50 -9.58
CA LEU B 264 9.32 -23.88 -9.94
C LEU B 264 10.75 -24.17 -10.34
N LEU B 265 11.38 -23.31 -11.07
CA LEU B 265 12.75 -23.49 -11.45
C LEU B 265 13.66 -23.47 -10.25
N GLY B 266 13.39 -22.56 -9.34
CA GLY B 266 14.17 -22.44 -8.17
C GLY B 266 14.04 -23.67 -7.32
N GLN B 267 12.83 -24.17 -7.23
CA GLN B 267 12.53 -25.30 -6.42
C GLN B 267 13.28 -26.48 -6.90
N ASP B 268 13.30 -26.69 -8.21
CA ASP B 268 14.00 -27.82 -8.78
C ASP B 268 15.48 -27.77 -8.50
N GLN B 269 16.06 -26.59 -8.60
CA GLN B 269 17.44 -26.37 -8.28
C GLN B 269 17.66 -26.67 -6.82
N ASP B 270 16.70 -26.19 -6.04
CA ASP B 270 16.70 -26.38 -4.59
C ASP B 270 16.69 -27.84 -4.23
N ASP B 271 16.22 -28.64 -5.17
CA ASP B 271 16.26 -30.05 -4.96
C ASP B 271 17.67 -30.56 -5.31
N LEU B 272 18.67 -29.66 -5.23
CA LEU B 272 20.07 -29.88 -5.54
C LEU B 272 20.29 -30.80 -6.71
N ASP C 25 -47.57 -52.37 10.53
CA ASP C 25 -48.90 -51.82 10.37
C ASP C 25 -49.10 -51.16 9.00
N ILE C 26 -48.14 -51.37 8.13
CA ILE C 26 -48.15 -50.83 6.78
C ILE C 26 -48.60 -51.99 5.91
N THR C 27 -49.63 -51.83 5.11
CA THR C 27 -50.08 -53.00 4.38
C THR C 27 -49.94 -53.02 2.91
N ARG C 28 -50.49 -52.03 2.27
CA ARG C 28 -50.40 -51.98 0.86
C ARG C 28 -48.99 -51.57 0.45
N ALA C 29 -48.64 -51.91 -0.78
CA ALA C 29 -47.35 -51.49 -1.33
C ALA C 29 -47.32 -49.97 -1.45
N ASP C 30 -48.51 -49.44 -1.50
CA ASP C 30 -48.79 -48.04 -1.68
C ASP C 30 -48.74 -47.26 -0.41
N GLN C 31 -48.29 -47.91 0.66
CA GLN C 31 -48.18 -47.25 1.95
C GLN C 31 -46.72 -46.91 2.18
N ILE C 32 -45.87 -47.37 1.27
CA ILE C 32 -44.44 -47.10 1.36
C ILE C 32 -44.25 -45.91 0.47
N PRO C 33 -43.91 -44.79 1.08
CA PRO C 33 -43.77 -43.52 0.37
C PRO C 33 -42.70 -43.52 -0.67
N VAL C 34 -42.96 -42.86 -1.78
CA VAL C 34 -42.00 -42.79 -2.83
C VAL C 34 -40.87 -41.82 -2.45
N LEU C 35 -39.64 -42.22 -2.67
CA LEU C 35 -38.51 -41.39 -2.31
C LEU C 35 -38.16 -40.37 -3.40
N LYS C 36 -38.10 -39.12 -3.00
CA LYS C 36 -37.82 -38.04 -3.90
C LYS C 36 -36.57 -37.29 -3.49
N GLU C 37 -35.73 -37.03 -4.46
CA GLU C 37 -34.50 -36.33 -4.23
C GLU C 37 -34.78 -34.93 -3.69
N GLU C 38 -34.12 -34.58 -2.62
CA GLU C 38 -34.30 -33.29 -1.97
C GLU C 38 -33.78 -32.11 -2.77
N THR C 39 -34.22 -30.92 -2.40
CA THR C 39 -33.93 -29.71 -3.12
C THR C 39 -32.45 -29.34 -3.23
N GLN C 40 -31.67 -29.55 -2.18
CA GLN C 40 -30.25 -29.28 -2.15
C GLN C 40 -29.43 -30.41 -2.69
N HIS C 41 -30.05 -31.54 -2.94
CA HIS C 41 -29.33 -32.69 -3.41
C HIS C 41 -28.64 -32.58 -4.73
N ALA C 42 -29.26 -31.96 -5.69
CA ALA C 42 -28.62 -31.83 -6.98
C ALA C 42 -27.34 -31.05 -6.86
N THR C 43 -27.40 -29.98 -6.12
CA THR C 43 -26.27 -29.13 -5.89
C THR C 43 -25.15 -29.84 -5.18
N VAL C 44 -25.49 -30.67 -4.22
CA VAL C 44 -24.52 -31.43 -3.50
C VAL C 44 -23.83 -32.41 -4.42
N SER C 45 -24.58 -32.96 -5.33
CA SER C 45 -23.99 -33.88 -6.26
C SER C 45 -22.92 -33.20 -7.11
N GLU C 46 -23.16 -32.00 -7.58
CA GLU C 46 -22.22 -31.24 -8.36
C GLU C 46 -20.97 -30.96 -7.55
N ARG C 47 -21.14 -30.59 -6.30
CA ARG C 47 -20.03 -30.32 -5.44
C ARG C 47 -19.18 -31.53 -5.15
N VAL C 48 -19.80 -32.66 -4.90
CA VAL C 48 -19.08 -33.86 -4.67
C VAL C 48 -18.31 -34.29 -5.91
N THR C 49 -18.96 -34.20 -7.04
CA THR C 49 -18.39 -34.58 -8.30
C THR C 49 -17.18 -33.75 -8.64
N SER C 50 -17.26 -32.46 -8.40
CA SER C 50 -16.16 -31.60 -8.66
C SER C 50 -14.93 -31.95 -7.80
N ARG C 51 -15.12 -32.24 -6.53
CA ARG C 51 -13.99 -32.63 -5.71
C ARG C 51 -13.39 -33.91 -6.15
N PHE C 52 -14.21 -34.91 -6.39
CA PHE C 52 -13.78 -36.23 -6.77
C PHE C 52 -13.05 -36.31 -8.12
N THR C 53 -13.59 -35.59 -9.07
CA THR C 53 -13.04 -35.47 -10.39
C THR C 53 -11.77 -34.66 -10.55
N ARG C 54 -11.64 -33.59 -9.80
CA ARG C 54 -10.49 -32.76 -9.90
C ARG C 54 -9.51 -32.84 -8.79
N SER C 55 -9.93 -33.01 -7.58
CA SER C 55 -9.03 -33.04 -6.46
C SER C 55 -8.59 -34.40 -5.95
N HIS C 56 -9.12 -35.48 -6.44
CA HIS C 56 -8.70 -36.80 -6.00
C HIS C 56 -7.30 -37.17 -6.44
N TYR C 57 -6.58 -37.89 -5.61
CA TYR C 57 -5.27 -38.34 -5.94
C TYR C 57 -5.32 -39.24 -7.14
N ARG C 58 -6.31 -40.10 -7.21
CA ARG C 58 -6.46 -40.97 -8.33
C ARG C 58 -6.92 -40.17 -9.51
N GLN C 59 -6.26 -40.36 -10.64
CA GLN C 59 -6.61 -39.66 -11.86
C GLN C 59 -7.45 -40.55 -12.73
N PHE C 60 -8.71 -40.24 -12.82
CA PHE C 60 -9.68 -41.01 -13.56
C PHE C 60 -10.63 -40.10 -14.34
N ASP C 61 -11.28 -40.65 -15.30
CA ASP C 61 -12.23 -39.90 -16.03
C ASP C 61 -13.54 -40.42 -15.67
N LEU C 62 -14.48 -39.56 -15.39
CA LEU C 62 -15.82 -40.00 -15.10
C LEU C 62 -16.55 -40.20 -16.42
N ASP C 63 -16.05 -41.14 -17.19
CA ASP C 63 -16.59 -41.53 -18.50
C ASP C 63 -17.62 -42.67 -18.44
N GLN C 64 -18.03 -43.16 -19.58
CA GLN C 64 -19.00 -44.25 -19.63
C GLN C 64 -18.50 -45.51 -18.97
N ALA C 65 -17.24 -45.83 -19.16
CA ALA C 65 -16.66 -47.01 -18.56
C ALA C 65 -16.69 -46.94 -17.06
N PHE C 66 -16.31 -45.82 -16.48
CA PHE C 66 -16.31 -45.64 -15.06
C PHE C 66 -17.73 -45.67 -14.51
N SER C 67 -18.62 -45.05 -15.24
CA SER C 67 -19.98 -44.93 -14.86
C SER C 67 -20.68 -46.27 -14.74
N ALA C 68 -20.37 -47.19 -15.64
CA ALA C 68 -20.89 -48.51 -15.66
C ALA C 68 -20.45 -49.25 -14.41
N LYS C 69 -19.19 -49.10 -14.04
CA LYS C 69 -18.68 -49.72 -12.83
C LYS C 69 -19.41 -49.18 -11.61
N ILE C 70 -19.78 -47.93 -11.65
CA ILE C 70 -20.49 -47.29 -10.58
C ILE C 70 -21.85 -47.89 -10.39
N PHE C 71 -22.50 -48.19 -11.49
CA PHE C 71 -23.81 -48.79 -11.51
C PHE C 71 -23.83 -50.18 -10.88
N ASP C 72 -22.86 -50.99 -11.20
CA ASP C 72 -22.78 -52.30 -10.64
C ASP C 72 -22.59 -52.21 -9.16
N ARG C 73 -21.78 -51.28 -8.71
CA ARG C 73 -21.50 -51.08 -7.30
C ARG C 73 -22.74 -50.70 -6.53
N TYR C 74 -23.50 -49.81 -7.11
CA TYR C 74 -24.71 -49.34 -6.53
C TYR C 74 -25.69 -50.48 -6.35
N LEU C 75 -25.79 -51.38 -7.32
CA LEU C 75 -26.68 -52.52 -7.28
C LEU C 75 -26.32 -53.42 -6.15
N ASN C 76 -25.04 -53.66 -5.99
CA ASN C 76 -24.56 -54.44 -4.90
C ASN C 76 -24.88 -53.77 -3.58
N LEU C 77 -24.88 -52.46 -3.52
CA LEU C 77 -25.29 -51.78 -2.32
C LEU C 77 -26.78 -51.96 -2.04
N LEU C 78 -27.60 -51.92 -3.07
CA LEU C 78 -29.01 -52.12 -2.92
C LEU C 78 -29.46 -53.53 -2.54
N ASP C 79 -28.85 -54.52 -3.15
CA ASP C 79 -29.19 -55.91 -2.98
C ASP C 79 -27.94 -56.74 -2.80
N TYR C 80 -27.33 -56.64 -1.63
CA TYR C 80 -26.13 -57.41 -1.33
C TYR C 80 -26.43 -58.92 -1.26
N SER C 81 -27.70 -59.25 -1.08
CA SER C 81 -28.13 -60.65 -0.99
C SER C 81 -28.81 -61.11 -2.28
N HIS C 82 -28.49 -60.42 -3.37
CA HIS C 82 -29.04 -60.72 -4.67
C HIS C 82 -30.32 -61.51 -4.62
N ASN C 83 -31.18 -61.18 -3.70
CA ASN C 83 -32.43 -61.88 -3.58
C ASN C 83 -33.60 -60.96 -3.45
N VAL C 84 -33.45 -59.74 -3.90
CA VAL C 84 -34.57 -58.86 -3.82
C VAL C 84 -35.02 -58.37 -5.17
N LEU C 85 -34.09 -58.31 -6.09
CA LEU C 85 -34.38 -57.81 -7.39
C LEU C 85 -34.25 -58.83 -8.48
N LEU C 86 -35.18 -58.75 -9.40
CA LEU C 86 -35.16 -59.64 -10.51
C LEU C 86 -34.18 -59.21 -11.50
N ALA C 87 -33.69 -60.18 -12.24
CA ALA C 87 -32.73 -59.99 -13.29
C ALA C 87 -33.31 -59.05 -14.31
N SER C 88 -34.61 -59.13 -14.51
CA SER C 88 -35.30 -58.26 -15.41
C SER C 88 -35.20 -56.84 -14.92
N ASP C 89 -35.24 -56.67 -13.62
CA ASP C 89 -35.12 -55.36 -13.06
C ASP C 89 -33.74 -54.75 -13.31
N VAL C 90 -32.72 -55.54 -13.12
CA VAL C 90 -31.40 -55.09 -13.33
C VAL C 90 -31.18 -54.68 -14.78
N GLU C 91 -31.63 -55.51 -15.71
CA GLU C 91 -31.46 -55.22 -17.12
C GLU C 91 -32.19 -54.00 -17.61
N GLN C 92 -33.32 -53.71 -17.03
CA GLN C 92 -34.07 -52.57 -17.44
C GLN C 92 -33.25 -51.31 -17.19
N PHE C 93 -32.71 -51.21 -15.99
CA PHE C 93 -31.83 -50.14 -15.58
C PHE C 93 -30.45 -50.14 -16.19
N ALA C 94 -29.92 -51.33 -16.41
CA ALA C 94 -28.59 -51.57 -16.90
C ALA C 94 -28.36 -50.98 -18.25
N LYS C 95 -29.42 -50.77 -18.98
CA LYS C 95 -29.27 -50.17 -20.27
C LYS C 95 -28.94 -48.70 -20.19
N LYS C 96 -29.19 -48.10 -19.05
CA LYS C 96 -28.89 -46.71 -18.77
C LYS C 96 -27.65 -46.56 -17.91
N LYS C 97 -26.93 -47.63 -17.73
CA LYS C 97 -25.81 -47.64 -16.84
C LYS C 97 -24.66 -46.69 -17.15
N THR C 98 -24.48 -46.35 -18.39
CA THR C 98 -23.41 -45.49 -18.80
C THR C 98 -23.72 -44.01 -18.65
N GLU C 99 -24.90 -43.72 -18.19
CA GLU C 99 -25.36 -42.37 -18.00
C GLU C 99 -25.12 -41.80 -16.62
N LEU C 100 -24.55 -42.60 -15.74
CA LEU C 100 -24.35 -42.18 -14.38
C LEU C 100 -23.47 -40.98 -14.20
N GLY C 101 -22.43 -40.86 -15.00
CA GLY C 101 -21.54 -39.73 -14.93
C GLY C 101 -22.20 -38.42 -15.25
N ASP C 102 -23.03 -38.40 -16.28
CA ASP C 102 -23.76 -37.20 -16.63
C ASP C 102 -24.73 -36.87 -15.52
N GLU C 103 -25.34 -37.86 -14.94
CA GLU C 103 -26.30 -37.64 -13.90
C GLU C 103 -25.68 -36.99 -12.69
N LEU C 104 -24.51 -37.48 -12.31
CA LEU C 104 -23.78 -36.96 -11.19
C LEU C 104 -23.35 -35.53 -11.45
N ARG C 105 -22.92 -35.23 -12.66
CA ARG C 105 -22.52 -33.89 -13.03
C ARG C 105 -23.64 -32.87 -12.96
N SER C 106 -24.82 -33.27 -13.36
CA SER C 106 -25.94 -32.38 -13.32
C SER C 106 -26.76 -32.45 -12.09
N GLY C 107 -26.55 -33.46 -11.27
CA GLY C 107 -27.32 -33.63 -10.06
C GLY C 107 -28.70 -34.25 -10.22
N LYS C 108 -29.04 -34.69 -11.41
CA LYS C 108 -30.32 -35.32 -11.65
C LYS C 108 -30.01 -36.77 -11.51
N LEU C 109 -30.36 -37.33 -10.37
CA LEU C 109 -30.02 -38.70 -10.07
C LEU C 109 -31.18 -39.64 -10.10
N ASP C 110 -31.95 -39.55 -11.15
CA ASP C 110 -33.14 -40.34 -11.31
C ASP C 110 -32.91 -41.80 -11.32
N VAL C 111 -31.89 -42.25 -12.01
CA VAL C 111 -31.60 -43.63 -12.02
C VAL C 111 -31.34 -44.08 -10.60
N PHE C 112 -30.61 -43.31 -9.79
CA PHE C 112 -30.35 -43.74 -8.42
C PHE C 112 -31.62 -43.87 -7.60
N TYR C 113 -32.47 -42.88 -7.68
CA TYR C 113 -33.74 -42.87 -7.02
C TYR C 113 -34.77 -43.86 -7.55
N ASP C 114 -34.87 -44.02 -8.87
CA ASP C 114 -35.81 -44.95 -9.45
C ASP C 114 -35.48 -46.35 -9.03
N LEU C 115 -34.24 -46.72 -9.14
CA LEU C 115 -33.81 -48.01 -8.77
C LEU C 115 -34.00 -48.29 -7.30
N TYR C 116 -33.79 -47.29 -6.46
CA TYR C 116 -33.95 -47.45 -5.03
C TYR C 116 -35.37 -47.68 -4.65
N ASN C 117 -36.25 -46.90 -5.23
CA ASN C 117 -37.65 -46.99 -4.98
C ASN C 117 -38.15 -48.35 -5.42
N LEU C 118 -37.63 -48.86 -6.52
CA LEU C 118 -38.02 -50.15 -6.97
C LEU C 118 -37.63 -51.16 -5.96
N ALA C 119 -36.42 -51.05 -5.43
CA ALA C 119 -35.94 -51.97 -4.44
C ALA C 119 -36.74 -51.90 -3.15
N GLN C 120 -37.33 -50.77 -2.88
CA GLN C 120 -38.15 -50.64 -1.74
C GLN C 120 -39.38 -51.53 -1.90
N LYS C 121 -39.94 -51.52 -3.11
CA LYS C 121 -41.12 -52.32 -3.42
C LYS C 121 -40.80 -53.80 -3.42
N ARG C 122 -39.68 -54.16 -4.06
CA ARG C 122 -39.30 -55.55 -4.11
C ARG C 122 -39.00 -56.11 -2.77
N ARG C 123 -38.43 -55.29 -1.90
CA ARG C 123 -38.05 -55.71 -0.58
C ARG C 123 -39.28 -56.03 0.22
N PHE C 124 -40.26 -55.18 0.06
CA PHE C 124 -41.50 -55.37 0.74
C PHE C 124 -42.09 -56.71 0.30
N GLU C 125 -41.95 -57.00 -0.98
CA GLU C 125 -42.47 -58.21 -1.52
C GLU C 125 -41.82 -59.41 -0.91
N ARG C 126 -40.51 -59.37 -0.70
CA ARG C 126 -39.84 -60.48 -0.08
C ARG C 126 -40.34 -60.64 1.33
N TYR C 127 -40.62 -59.54 2.00
CA TYR C 127 -41.10 -59.59 3.37
C TYR C 127 -42.52 -60.14 3.58
N GLN C 128 -43.45 -59.72 2.75
CA GLN C 128 -44.78 -60.28 2.80
C GLN C 128 -44.72 -61.77 2.42
N TYR C 129 -43.88 -62.13 1.49
CA TYR C 129 -43.74 -63.52 1.13
C TYR C 129 -43.20 -64.34 2.26
N ALA C 130 -42.28 -63.79 3.02
CA ALA C 130 -41.67 -64.49 4.13
C ALA C 130 -42.70 -64.78 5.19
N LEU C 131 -43.58 -63.82 5.45
CA LEU C 131 -44.59 -64.01 6.44
C LEU C 131 -45.49 -65.17 6.02
N SER C 132 -45.78 -65.25 4.74
CA SER C 132 -46.65 -66.25 4.20
C SER C 132 -46.08 -67.60 4.47
N VAL C 133 -44.78 -67.73 4.30
CA VAL C 133 -44.17 -69.00 4.49
C VAL C 133 -43.94 -69.38 5.93
N LEU C 134 -44.18 -68.44 6.83
CA LEU C 134 -43.99 -68.72 8.23
C LEU C 134 -44.91 -69.80 8.75
N GLU C 135 -46.16 -69.76 8.31
CA GLU C 135 -47.17 -70.74 8.72
C GLU C 135 -46.76 -72.17 8.43
N LYS C 136 -46.22 -72.42 7.23
CA LYS C 136 -45.83 -73.77 6.88
C LYS C 136 -44.91 -74.34 7.93
N PRO C 137 -44.79 -75.65 7.95
CA PRO C 137 -43.96 -76.32 8.95
C PRO C 137 -42.69 -76.84 8.33
N MET C 138 -41.59 -76.86 9.06
CA MET C 138 -40.34 -77.29 8.45
C MET C 138 -39.61 -78.38 9.17
N ASP C 139 -38.89 -79.16 8.39
CA ASP C 139 -38.18 -80.31 8.90
C ASP C 139 -36.93 -80.30 9.72
N PHE C 140 -35.90 -79.69 9.16
CA PHE C 140 -34.55 -79.65 9.76
C PHE C 140 -33.86 -81.02 9.75
N THR C 141 -34.56 -81.90 9.08
CA THR C 141 -34.20 -83.27 8.82
C THR C 141 -33.44 -83.42 7.52
N GLY C 142 -33.54 -82.42 6.66
CA GLY C 142 -32.97 -82.45 5.34
C GLY C 142 -31.48 -82.31 5.29
N ASN C 143 -30.91 -82.47 4.12
CA ASN C 143 -29.48 -82.28 3.96
C ASN C 143 -29.10 -80.98 3.24
N ASP C 144 -30.04 -80.04 3.22
CA ASP C 144 -29.86 -78.75 2.58
C ASP C 144 -28.92 -77.83 3.35
N THR C 145 -28.38 -76.86 2.63
CA THR C 145 -27.48 -75.89 3.16
C THR C 145 -27.81 -74.51 2.64
N TYR C 146 -27.42 -73.51 3.41
CA TYR C 146 -27.62 -72.10 3.10
C TYR C 146 -26.26 -71.50 2.83
N ASN C 147 -26.18 -70.60 1.87
CA ASN C 147 -24.92 -69.99 1.51
C ASN C 147 -24.88 -68.53 1.91
N LEU C 148 -23.91 -68.21 2.75
CA LEU C 148 -23.68 -66.89 3.30
C LEU C 148 -23.28 -65.80 2.31
N ASP C 149 -22.55 -66.16 1.28
CA ASP C 149 -22.13 -65.19 0.31
C ASP C 149 -22.81 -65.30 -1.04
N ARG C 150 -23.74 -64.40 -1.29
CA ARG C 150 -24.48 -64.32 -2.54
C ARG C 150 -24.02 -63.13 -3.40
N SER C 151 -22.82 -62.65 -3.12
CA SER C 151 -22.27 -61.50 -3.78
C SER C 151 -22.10 -61.68 -5.24
N LYS C 152 -21.64 -62.86 -5.60
CA LYS C 152 -21.41 -63.18 -6.97
C LYS C 152 -22.54 -63.91 -7.67
N ALA C 153 -23.62 -64.20 -6.99
CA ALA C 153 -24.67 -64.96 -7.60
C ALA C 153 -25.44 -64.24 -8.67
N PRO C 154 -25.95 -64.99 -9.61
CA PRO C 154 -26.77 -64.41 -10.66
C PRO C 154 -28.05 -63.90 -10.08
N TRP C 155 -28.59 -62.87 -10.68
CA TRP C 155 -29.83 -62.33 -10.20
C TRP C 155 -30.98 -63.26 -10.50
N PRO C 156 -31.92 -63.37 -9.58
CA PRO C 156 -33.03 -64.28 -9.76
C PRO C 156 -33.86 -63.95 -10.96
N LYS C 157 -34.11 -64.96 -11.77
CA LYS C 157 -34.90 -64.89 -13.00
C LYS C 157 -36.39 -64.65 -12.98
N ASN C 158 -37.08 -65.12 -11.97
CA ASN C 158 -38.53 -64.95 -11.88
C ASN C 158 -38.99 -65.07 -10.45
N GLU C 159 -40.28 -64.93 -10.24
CA GLU C 159 -40.80 -64.99 -8.89
C GLU C 159 -40.53 -66.33 -8.18
N ALA C 160 -40.49 -67.40 -8.93
CA ALA C 160 -40.24 -68.70 -8.35
C ALA C 160 -38.86 -68.80 -7.76
N GLU C 161 -37.88 -68.27 -8.45
CA GLU C 161 -36.52 -68.30 -7.96
C GLU C 161 -36.45 -67.46 -6.68
N LEU C 162 -37.15 -66.34 -6.71
CA LEU C 162 -37.18 -65.45 -5.62
C LEU C 162 -37.81 -66.09 -4.41
N ASN C 163 -38.91 -66.78 -4.61
CA ASN C 163 -39.59 -67.46 -3.52
C ASN C 163 -38.71 -68.55 -2.93
N ALA C 164 -37.97 -69.24 -3.76
CA ALA C 164 -37.11 -70.27 -3.27
C ALA C 164 -35.98 -69.80 -2.37
N LEU C 165 -35.35 -68.69 -2.74
CA LEU C 165 -34.26 -68.10 -1.99
C LEU C 165 -34.75 -67.67 -0.66
N TRP C 166 -35.88 -67.01 -0.67
CA TRP C 166 -36.52 -66.60 0.55
C TRP C 166 -37.05 -67.78 1.36
N ASP C 167 -37.32 -68.89 0.67
CA ASP C 167 -37.79 -70.10 1.34
C ASP C 167 -36.62 -70.62 2.16
N SER C 168 -35.43 -70.52 1.58
CA SER C 168 -34.22 -70.92 2.22
C SER C 168 -33.88 -70.01 3.36
N LYS C 169 -34.03 -68.74 3.14
CA LYS C 169 -33.68 -67.77 4.13
C LYS C 169 -34.48 -67.87 5.40
N VAL C 170 -35.79 -67.99 5.28
CA VAL C 170 -36.63 -68.10 6.45
C VAL C 170 -36.34 -69.39 7.17
N LYS C 171 -36.03 -70.43 6.43
CA LYS C 171 -35.73 -71.65 7.06
C LYS C 171 -34.50 -71.46 7.90
N PHE C 172 -33.50 -70.80 7.32
CA PHE C 172 -32.24 -70.58 7.98
C PHE C 172 -32.45 -69.80 9.25
N ASP C 173 -33.37 -68.84 9.18
CA ASP C 173 -33.68 -67.99 10.32
C ASP C 173 -34.43 -68.77 11.39
N GLU C 174 -35.37 -69.59 10.96
CA GLU C 174 -36.14 -70.38 11.87
C GLU C 174 -35.19 -71.28 12.59
N LEU C 175 -34.32 -71.90 11.85
CA LEU C 175 -33.40 -72.81 12.41
C LEU C 175 -32.52 -72.14 13.44
N SER C 176 -32.17 -70.88 13.20
CA SER C 176 -31.29 -70.14 14.10
C SER C 176 -31.85 -70.00 15.52
N LEU C 177 -33.09 -69.54 15.62
CA LEU C 177 -33.74 -69.33 16.91
C LEU C 177 -33.98 -70.67 17.59
N LYS C 178 -34.23 -71.70 16.77
CA LYS C 178 -34.47 -73.04 17.28
C LYS C 178 -33.20 -73.60 17.92
N LEU C 179 -32.04 -73.20 17.40
CA LEU C 179 -30.77 -73.67 17.94
C LEU C 179 -30.49 -73.10 19.34
N THR C 180 -31.30 -72.13 19.73
CA THR C 180 -31.18 -71.51 21.03
C THR C 180 -32.25 -72.12 21.92
N GLY C 181 -32.82 -73.24 21.48
CA GLY C 181 -33.85 -73.86 22.26
C GLY C 181 -35.12 -73.03 22.38
N LYS C 182 -35.68 -72.64 21.25
CA LYS C 182 -36.89 -71.84 21.21
C LYS C 182 -38.07 -72.64 20.69
N THR C 183 -39.24 -72.40 21.26
CA THR C 183 -40.40 -73.15 20.83
C THR C 183 -40.80 -72.73 19.45
N ASP C 184 -41.45 -73.62 18.73
CA ASP C 184 -41.93 -73.32 17.38
C ASP C 184 -43.04 -72.29 17.36
N LYS C 185 -43.77 -72.16 18.46
CA LYS C 185 -44.78 -71.17 18.64
C LYS C 185 -44.15 -69.83 18.68
N GLU C 186 -43.01 -69.72 19.36
CA GLU C 186 -42.39 -68.43 19.42
C GLU C 186 -41.69 -68.19 18.12
N ILE C 187 -40.86 -69.13 17.74
CA ILE C 187 -40.13 -69.02 16.51
C ILE C 187 -40.92 -68.36 15.42
N ARG C 188 -42.22 -68.60 15.35
CA ARG C 188 -43.04 -68.01 14.32
C ARG C 188 -43.14 -66.56 14.65
N GLU C 189 -44.01 -66.29 15.58
CA GLU C 189 -44.08 -64.95 16.14
C GLU C 189 -42.87 -64.03 16.29
N THR C 190 -41.75 -64.51 16.80
CA THR C 190 -40.58 -63.66 16.90
C THR C 190 -40.15 -63.28 15.47
N LEU C 191 -39.94 -64.30 14.65
CA LEU C 191 -39.57 -64.09 13.26
C LEU C 191 -40.65 -63.23 12.63
N THR C 192 -41.92 -63.53 12.97
CA THR C 192 -43.04 -62.76 12.48
C THR C 192 -42.81 -61.32 12.91
N ARG C 193 -42.30 -61.15 14.12
CA ARG C 193 -41.99 -59.84 14.63
C ARG C 193 -40.88 -59.15 13.86
N ARG C 194 -39.82 -59.88 13.53
CA ARG C 194 -38.73 -59.27 12.79
C ARG C 194 -39.16 -58.81 11.45
N TYR C 195 -39.82 -59.66 10.71
CA TYR C 195 -40.20 -59.35 9.35
C TYR C 195 -41.12 -58.16 9.24
N LYS C 196 -42.04 -58.03 10.16
CA LYS C 196 -42.91 -56.88 10.15
C LYS C 196 -42.14 -55.61 10.40
N PHE C 197 -41.16 -55.69 11.30
CA PHE C 197 -40.38 -54.52 11.67
C PHE C 197 -39.56 -54.02 10.49
N ALA C 198 -39.01 -54.97 9.75
CA ALA C 198 -38.21 -54.69 8.60
C ALA C 198 -39.03 -53.94 7.60
N ILE C 199 -40.30 -54.27 7.53
CA ILE C 199 -41.20 -53.59 6.62
C ILE C 199 -41.40 -52.12 7.03
N ARG C 200 -41.55 -51.89 8.32
CA ARG C 200 -41.70 -50.55 8.87
C ARG C 200 -40.47 -49.74 8.61
N ARG C 201 -39.37 -50.42 8.74
CA ARG C 201 -38.08 -49.84 8.54
C ARG C 201 -38.10 -49.27 7.15
N LEU C 202 -38.70 -49.98 6.22
CA LEU C 202 -38.80 -49.59 4.84
C LEU C 202 -39.54 -48.31 4.61
N ALA C 203 -40.64 -48.14 5.28
CA ALA C 203 -41.41 -46.92 5.16
C ALA C 203 -40.66 -45.75 5.70
N GLN C 204 -39.84 -46.05 6.68
CA GLN C 204 -39.04 -45.05 7.37
C GLN C 204 -37.82 -44.49 6.60
N THR C 205 -37.50 -45.06 5.46
CA THR C 205 -36.37 -44.63 4.67
C THR C 205 -36.58 -43.23 4.23
N ASN C 206 -35.55 -42.42 4.26
CA ASN C 206 -35.61 -41.03 3.85
C ASN C 206 -34.74 -40.77 2.63
N SER C 207 -34.88 -39.58 2.06
CA SER C 207 -34.20 -39.16 0.86
C SER C 207 -32.69 -39.17 0.96
N GLU C 208 -32.18 -38.75 2.08
CA GLU C 208 -30.78 -38.69 2.35
C GLU C 208 -30.20 -40.08 2.27
N ASP C 209 -30.96 -41.08 2.64
CA ASP C 209 -30.45 -42.43 2.57
C ASP C 209 -30.14 -42.83 1.15
N VAL C 210 -30.99 -42.44 0.22
CA VAL C 210 -30.76 -42.70 -1.16
C VAL C 210 -29.57 -41.92 -1.67
N PHE C 211 -29.53 -40.64 -1.35
CA PHE C 211 -28.46 -39.79 -1.79
C PHE C 211 -27.16 -40.27 -1.25
N SER C 212 -27.15 -40.67 -0.02
CA SER C 212 -25.95 -41.14 0.58
C SER C 212 -25.43 -42.40 -0.09
N LEU C 213 -26.33 -43.30 -0.40
CA LEU C 213 -25.98 -44.52 -1.07
C LEU C 213 -25.42 -44.30 -2.46
N ALA C 214 -25.99 -43.39 -3.21
CA ALA C 214 -25.53 -43.06 -4.54
C ALA C 214 -24.11 -42.49 -4.54
N MET C 215 -23.85 -41.57 -3.62
CA MET C 215 -22.55 -40.99 -3.42
C MET C 215 -21.52 -42.04 -2.98
N THR C 216 -21.94 -43.00 -2.18
CA THR C 216 -21.09 -44.09 -1.73
C THR C 216 -20.63 -44.96 -2.87
N ALA C 217 -21.55 -45.24 -3.78
CA ALA C 217 -21.26 -46.03 -4.93
C ALA C 217 -20.24 -45.35 -5.78
N PHE C 218 -20.38 -44.04 -5.92
CA PHE C 218 -19.43 -43.20 -6.60
C PHE C 218 -18.08 -43.12 -5.88
N ALA C 219 -18.11 -42.82 -4.61
CA ALA C 219 -16.91 -42.69 -3.81
C ALA C 219 -16.06 -43.95 -3.75
N ARG C 220 -16.68 -45.08 -3.49
CA ARG C 220 -16.01 -46.34 -3.38
C ARG C 220 -15.49 -46.89 -4.68
N GLU C 221 -16.04 -46.46 -5.77
CA GLU C 221 -15.51 -46.86 -7.04
C GLU C 221 -14.10 -46.30 -7.23
N ILE C 222 -13.84 -45.08 -6.74
CA ILE C 222 -12.55 -44.45 -6.86
C ILE C 222 -11.45 -45.08 -6.05
N ASP C 223 -11.67 -45.16 -4.75
CA ASP C 223 -10.82 -45.86 -3.82
C ASP C 223 -11.55 -46.29 -2.53
N PRO C 224 -10.98 -47.24 -1.83
CA PRO C 224 -11.56 -47.78 -0.61
C PRO C 224 -11.67 -46.80 0.55
N HIS C 225 -10.88 -45.75 0.55
CA HIS C 225 -10.90 -44.76 1.59
C HIS C 225 -11.58 -43.45 1.28
N THR C 226 -12.40 -43.39 0.27
CA THR C 226 -13.08 -42.19 -0.13
C THR C 226 -14.53 -42.27 0.23
N ASN C 227 -15.06 -41.29 0.90
CA ASN C 227 -16.44 -41.30 1.32
C ASN C 227 -17.24 -40.04 1.22
N TYR C 228 -18.55 -40.20 1.17
CA TYR C 228 -19.47 -39.12 1.31
C TYR C 228 -20.10 -39.33 2.67
N LEU C 229 -20.16 -38.29 3.44
CA LEU C 229 -20.76 -38.40 4.72
C LEU C 229 -21.94 -37.56 4.78
N SER C 230 -23.01 -38.15 5.23
CA SER C 230 -24.24 -37.45 5.46
C SER C 230 -24.08 -36.55 6.67
N PRO C 231 -25.00 -35.64 6.82
CA PRO C 231 -24.93 -34.70 7.91
C PRO C 231 -24.91 -35.41 9.25
N ARG C 232 -25.73 -36.39 9.52
CA ARG C 232 -25.65 -37.13 10.76
C ARG C 232 -24.35 -37.85 10.85
N ASN C 233 -23.93 -38.43 9.76
CA ASN C 233 -22.67 -39.12 9.72
C ASN C 233 -21.49 -38.18 9.92
N THR C 234 -21.62 -36.96 9.43
CA THR C 234 -20.61 -35.97 9.59
C THR C 234 -20.45 -35.62 11.07
N GLU C 235 -21.56 -35.48 11.77
CA GLU C 235 -21.59 -35.20 13.18
C GLU C 235 -20.91 -36.33 13.91
N GLN C 236 -21.23 -37.53 13.50
CA GLN C 236 -20.67 -38.68 14.11
C GLN C 236 -19.19 -38.79 13.93
N PHE C 237 -18.72 -38.48 12.74
CA PHE C 237 -17.30 -38.51 12.47
C PHE C 237 -16.57 -37.45 13.24
N ASN C 238 -17.17 -36.28 13.34
CA ASN C 238 -16.55 -35.20 14.07
C ASN C 238 -16.41 -35.58 15.52
N THR C 239 -17.42 -36.24 16.05
CA THR C 239 -17.44 -36.73 17.40
C THR C 239 -16.34 -37.74 17.62
N GLU C 240 -16.05 -38.57 16.64
CA GLU C 240 -14.99 -39.52 16.74
C GLU C 240 -13.64 -38.87 16.81
N MET C 241 -13.42 -37.84 16.01
CA MET C 241 -12.16 -37.15 16.10
C MET C 241 -11.97 -36.36 17.39
N SER C 242 -12.96 -35.56 17.73
CA SER C 242 -13.01 -34.71 18.91
C SER C 242 -13.13 -35.34 20.28
N LEU C 243 -13.76 -36.50 20.31
CA LEU C 243 -14.13 -37.28 21.49
C LEU C 243 -15.30 -36.62 22.23
N SER C 244 -15.92 -35.67 21.58
CA SER C 244 -16.97 -34.95 22.20
C SER C 244 -18.29 -34.84 21.45
N LEU C 245 -19.38 -34.85 22.20
CA LEU C 245 -20.69 -34.66 21.67
C LEU C 245 -21.53 -33.85 22.64
N GLU C 246 -22.47 -33.08 22.12
CA GLU C 246 -23.35 -32.32 22.97
C GLU C 246 -24.67 -33.07 22.96
N GLY C 247 -24.96 -33.72 24.06
CA GLY C 247 -26.14 -34.53 24.20
C GLY C 247 -26.42 -34.81 25.66
N ILE C 248 -27.02 -35.93 25.95
CA ILE C 248 -27.28 -36.29 27.31
C ILE C 248 -26.34 -37.33 27.85
N GLY C 249 -25.32 -37.67 27.09
CA GLY C 249 -24.39 -38.68 27.53
C GLY C 249 -24.96 -40.04 27.75
N ALA C 250 -25.80 -40.46 26.82
CA ALA C 250 -26.39 -41.76 26.90
C ALA C 250 -26.18 -42.53 25.61
N VAL C 251 -25.76 -43.78 25.70
CA VAL C 251 -25.63 -44.55 24.48
C VAL C 251 -26.90 -45.37 24.32
N LEU C 252 -27.73 -44.98 23.36
CA LEU C 252 -29.03 -45.57 23.09
C LEU C 252 -29.09 -46.81 22.25
N GLN C 253 -30.31 -47.36 22.11
CA GLN C 253 -30.59 -48.59 21.36
C GLN C 253 -32.08 -48.88 21.10
N MET C 254 -32.42 -49.38 19.92
CA MET C 254 -33.79 -49.76 19.62
C MET C 254 -33.86 -51.28 19.65
N ASP C 255 -34.91 -51.86 20.21
CA ASP C 255 -35.06 -53.32 20.18
C ASP C 255 -36.20 -53.49 19.20
N ASP C 256 -37.38 -53.18 19.67
CA ASP C 256 -38.56 -53.19 18.83
C ASP C 256 -39.48 -52.08 19.34
N ASP C 257 -39.96 -51.26 18.41
CA ASP C 257 -40.84 -50.15 18.73
C ASP C 257 -40.29 -49.23 19.83
N TYR C 258 -39.23 -49.66 20.51
CA TYR C 258 -38.69 -48.84 21.60
C TYR C 258 -37.21 -48.50 21.56
N THR C 259 -36.87 -47.37 22.17
CA THR C 259 -35.49 -46.91 22.24
C THR C 259 -34.99 -47.03 23.68
N VAL C 260 -34.28 -48.11 23.96
CA VAL C 260 -33.76 -48.37 25.30
C VAL C 260 -32.35 -47.84 25.54
N ILE C 261 -32.03 -47.63 26.81
CA ILE C 261 -30.74 -47.15 27.23
C ILE C 261 -29.81 -48.23 27.70
N ASN C 262 -28.83 -48.52 26.86
CA ASN C 262 -27.81 -49.48 27.15
C ASN C 262 -26.89 -49.09 28.27
N SER C 263 -26.52 -47.81 28.32
CA SER C 263 -25.61 -47.29 29.31
C SER C 263 -25.63 -45.77 29.41
N MET C 264 -24.99 -45.24 30.42
CA MET C 264 -24.93 -43.83 30.61
C MET C 264 -23.51 -43.40 30.89
N VAL C 265 -23.18 -42.18 30.50
CA VAL C 265 -21.84 -41.68 30.69
C VAL C 265 -21.64 -41.03 32.05
N ALA C 266 -20.59 -41.44 32.75
CA ALA C 266 -20.32 -40.92 34.07
C ALA C 266 -20.10 -39.44 33.96
N GLY C 267 -20.88 -38.71 34.75
CA GLY C 267 -20.85 -37.26 34.77
C GLY C 267 -21.77 -36.66 33.73
N GLY C 268 -22.34 -37.49 32.89
CA GLY C 268 -23.25 -37.03 31.87
C GLY C 268 -24.55 -36.60 32.48
N PRO C 269 -25.28 -35.75 31.80
CA PRO C 269 -26.51 -35.21 32.34
C PRO C 269 -27.48 -36.29 32.72
N ALA C 270 -27.63 -37.32 31.92
CA ALA C 270 -28.57 -38.35 32.28
C ALA C 270 -28.13 -39.12 33.51
N ALA C 271 -26.84 -39.38 33.60
CA ALA C 271 -26.25 -40.17 34.66
C ALA C 271 -26.49 -39.50 35.97
N LYS C 272 -26.27 -38.20 35.97
CA LYS C 272 -26.46 -37.42 37.15
C LYS C 272 -27.90 -37.00 37.24
N SER C 273 -28.68 -37.99 36.99
CA SER C 273 -30.07 -37.91 37.10
C SER C 273 -30.30 -39.35 37.42
N LYS C 274 -30.63 -39.58 38.68
CA LYS C 274 -31.00 -40.91 39.14
C LYS C 274 -32.37 -41.30 38.55
N ALA C 275 -32.94 -40.29 37.90
CA ALA C 275 -34.22 -40.31 37.27
C ALA C 275 -34.26 -41.36 36.21
N ILE C 276 -33.13 -41.59 35.57
CA ILE C 276 -33.06 -42.55 34.49
C ILE C 276 -32.00 -43.58 34.77
N SER C 277 -32.27 -44.80 34.36
CA SER C 277 -31.35 -45.90 34.59
C SER C 277 -31.38 -46.90 33.45
N VAL C 278 -30.43 -47.82 33.46
CA VAL C 278 -30.28 -48.79 32.39
C VAL C 278 -31.54 -49.56 32.14
N GLY C 279 -31.89 -49.72 30.89
CA GLY C 279 -33.06 -50.47 30.54
C GLY C 279 -34.29 -49.64 30.40
N ASP C 280 -34.24 -48.42 30.89
CA ASP C 280 -35.35 -47.49 30.74
C ASP C 280 -35.73 -47.38 29.29
N LYS C 281 -36.93 -46.89 29.04
CA LYS C 281 -37.36 -46.75 27.68
C LYS C 281 -37.81 -45.36 27.36
N ILE C 282 -37.37 -44.86 26.22
CA ILE C 282 -37.72 -43.51 25.78
C ILE C 282 -38.91 -43.54 24.82
N VAL C 283 -40.03 -42.97 25.26
CA VAL C 283 -41.23 -42.94 24.44
C VAL C 283 -41.66 -41.51 24.14
N GLY C 284 -40.75 -40.56 24.35
CA GLY C 284 -41.07 -39.19 24.09
C GLY C 284 -39.89 -38.27 24.17
N VAL C 285 -39.86 -37.25 23.34
CA VAL C 285 -38.82 -36.27 23.40
C VAL C 285 -39.46 -34.93 23.28
N GLY C 286 -39.12 -34.01 24.16
CA GLY C 286 -39.68 -32.70 24.11
C GLY C 286 -38.73 -31.53 24.05
N GLN C 287 -38.80 -30.84 22.94
CA GLN C 287 -38.02 -29.65 22.75
C GLN C 287 -38.65 -28.60 23.66
N THR C 288 -37.85 -27.67 24.16
CA THR C 288 -38.34 -26.81 25.20
C THR C 288 -39.62 -26.05 24.87
N GLY C 289 -39.68 -25.29 23.80
CA GLY C 289 -40.93 -24.63 23.57
C GLY C 289 -42.03 -25.63 23.30
N LYS C 290 -41.72 -26.62 22.49
CA LYS C 290 -42.70 -27.59 22.06
C LYS C 290 -43.25 -28.63 23.01
N PRO C 291 -44.34 -29.24 22.56
CA PRO C 291 -45.00 -30.33 23.27
C PRO C 291 -44.25 -31.61 23.08
N MET C 292 -44.50 -32.59 23.93
CA MET C 292 -43.83 -33.85 23.81
C MET C 292 -44.20 -34.55 22.51
N VAL C 293 -43.24 -35.23 21.90
CA VAL C 293 -43.48 -35.98 20.68
C VAL C 293 -43.18 -37.43 20.97
N ASP C 294 -44.10 -38.29 20.59
CA ASP C 294 -44.00 -39.71 20.80
C ASP C 294 -43.08 -40.34 19.80
N VAL C 295 -42.09 -41.04 20.29
CA VAL C 295 -41.13 -41.65 19.41
C VAL C 295 -41.22 -43.17 19.36
N ILE C 296 -42.37 -43.71 19.71
CA ILE C 296 -42.50 -45.14 19.64
C ILE C 296 -42.51 -45.56 18.17
N GLY C 297 -41.67 -46.54 17.86
CA GLY C 297 -41.50 -47.06 16.51
C GLY C 297 -40.59 -46.28 15.56
N TRP C 298 -40.07 -45.14 15.98
CA TRP C 298 -39.22 -44.35 15.13
C TRP C 298 -37.90 -45.01 14.88
N ARG C 299 -37.27 -44.66 13.76
CA ARG C 299 -35.93 -45.16 13.48
C ARG C 299 -35.01 -44.50 14.48
N LEU C 300 -33.99 -45.21 14.89
CA LEU C 300 -33.12 -44.77 15.94
C LEU C 300 -32.46 -43.43 15.77
N ASP C 301 -31.93 -43.18 14.58
CA ASP C 301 -31.23 -41.96 14.29
C ASP C 301 -32.10 -40.79 14.48
N ASP C 302 -33.37 -40.94 14.15
CA ASP C 302 -34.34 -39.85 14.25
C ASP C 302 -34.53 -39.39 15.67
N VAL C 303 -34.64 -40.36 16.58
CA VAL C 303 -34.83 -40.08 17.99
C VAL C 303 -33.57 -39.47 18.54
N VAL C 304 -32.44 -40.05 18.17
CA VAL C 304 -31.14 -39.59 18.61
C VAL C 304 -30.95 -38.17 18.19
N ALA C 305 -31.40 -37.88 16.99
CA ALA C 305 -31.33 -36.53 16.46
C ALA C 305 -32.14 -35.62 17.31
N LEU C 306 -33.27 -36.10 17.79
CA LEU C 306 -34.11 -35.33 18.66
C LEU C 306 -33.50 -35.08 20.01
N ILE C 307 -32.93 -36.12 20.60
CA ILE C 307 -32.28 -36.02 21.89
C ILE C 307 -31.05 -35.12 21.95
N LYS C 308 -30.21 -35.20 20.94
CA LYS C 308 -29.03 -34.40 20.87
C LYS C 308 -29.42 -32.96 20.69
N GLY C 309 -28.66 -32.09 21.32
CA GLY C 309 -28.95 -30.69 21.26
C GLY C 309 -27.80 -29.84 21.67
N PRO C 310 -27.97 -28.56 21.45
CA PRO C 310 -26.94 -27.60 21.77
C PRO C 310 -26.72 -27.62 23.24
N LYS C 311 -25.45 -27.62 23.62
CA LYS C 311 -25.08 -27.63 25.00
C LYS C 311 -25.66 -26.34 25.56
N GLY C 312 -26.20 -26.50 26.75
CA GLY C 312 -26.90 -25.46 27.47
C GLY C 312 -28.39 -25.51 27.23
N SER C 313 -28.75 -26.20 26.17
CA SER C 313 -30.14 -26.43 25.82
C SER C 313 -30.73 -27.45 26.76
N LYS C 314 -32.05 -27.49 26.81
CA LYS C 314 -32.71 -28.47 27.65
C LYS C 314 -33.65 -29.27 26.79
N VAL C 315 -33.77 -30.53 27.10
CA VAL C 315 -34.66 -31.42 26.39
C VAL C 315 -35.46 -32.20 27.39
N ARG C 316 -36.68 -32.52 27.02
CA ARG C 316 -37.56 -33.29 27.85
C ARG C 316 -37.71 -34.67 27.28
N LEU C 317 -37.71 -35.66 28.15
CA LEU C 317 -37.84 -37.04 27.74
C LEU C 317 -38.97 -37.77 28.42
N GLU C 318 -39.85 -38.43 27.66
CA GLU C 318 -40.92 -39.24 28.23
C GLU C 318 -40.33 -40.64 28.39
N ILE C 319 -40.08 -41.05 29.64
CA ILE C 319 -39.48 -42.32 29.89
C ILE C 319 -40.48 -43.33 30.34
N LEU C 320 -40.52 -44.47 29.67
CA LEU C 320 -41.38 -45.53 30.13
C LEU C 320 -40.37 -46.32 30.89
N PRO C 321 -40.58 -46.49 32.16
CA PRO C 321 -39.60 -47.20 32.96
C PRO C 321 -39.46 -48.64 32.51
N ALA C 322 -38.27 -49.19 32.71
CA ALA C 322 -37.97 -50.50 32.25
C ALA C 322 -38.84 -51.52 32.91
N GLY C 323 -39.36 -52.43 32.11
CA GLY C 323 -40.22 -53.49 32.61
C GLY C 323 -41.58 -53.02 33.07
N LYS C 324 -42.19 -53.83 33.92
CA LYS C 324 -43.49 -53.59 34.54
C LYS C 324 -44.70 -53.30 33.63
N GLY C 325 -45.37 -52.19 33.90
CA GLY C 325 -46.57 -51.75 33.19
C GLY C 325 -46.47 -50.28 32.85
N THR C 326 -47.31 -49.82 31.93
CA THR C 326 -47.23 -48.46 31.42
C THR C 326 -47.23 -47.29 32.40
N LYS C 327 -46.12 -46.55 32.40
CA LYS C 327 -46.00 -45.36 33.22
C LYS C 327 -45.19 -44.33 32.48
N THR C 328 -45.56 -43.06 32.63
CA THR C 328 -44.85 -41.98 31.96
C THR C 328 -44.22 -41.03 32.96
N ARG C 329 -42.90 -41.06 33.05
CA ARG C 329 -42.21 -40.20 33.94
C ARG C 329 -41.52 -39.21 33.01
N THR C 330 -41.72 -37.94 33.25
CA THR C 330 -41.10 -36.94 32.42
C THR C 330 -39.84 -36.43 33.09
N VAL C 331 -38.74 -36.52 32.37
CA VAL C 331 -37.46 -36.09 32.87
C VAL C 331 -36.98 -34.94 32.01
N THR C 332 -36.59 -33.85 32.62
CA THR C 332 -36.08 -32.74 31.85
C THR C 332 -34.59 -32.56 32.13
N LEU C 333 -33.75 -32.73 31.12
CA LEU C 333 -32.31 -32.60 31.31
C LEU C 333 -31.76 -31.48 30.50
N THR C 334 -30.63 -30.99 30.95
CA THR C 334 -29.98 -29.95 30.21
C THR C 334 -28.80 -30.57 29.51
N ARG C 335 -28.77 -30.39 28.21
CA ARG C 335 -27.77 -30.95 27.36
C ARG C 335 -26.49 -30.24 27.58
N GLU C 336 -25.42 -30.99 27.60
CA GLU C 336 -24.09 -30.44 27.82
C GLU C 336 -23.06 -31.15 26.96
N ARG C 337 -21.85 -30.64 26.96
CA ARG C 337 -20.77 -31.24 26.22
C ARG C 337 -20.37 -32.47 26.97
N ILE C 338 -20.22 -33.58 26.25
CA ILE C 338 -19.87 -34.83 26.89
C ILE C 338 -18.62 -35.42 26.28
N ARG C 339 -17.82 -36.08 27.10
CA ARG C 339 -16.61 -36.67 26.59
C ARG C 339 -16.59 -38.17 26.58
N LEU C 340 -16.21 -38.75 25.47
CA LEU C 340 -16.19 -40.18 25.35
C LEU C 340 -14.92 -40.83 25.81
N GLU C 341 -14.80 -40.98 27.12
CA GLU C 341 -13.61 -41.50 27.75
C GLU C 341 -13.22 -42.88 27.36
N ASP C 342 -14.15 -43.71 26.97
CA ASP C 342 -13.85 -45.08 26.56
C ASP C 342 -12.94 -45.14 25.33
N ARG C 343 -13.13 -44.16 24.46
CA ARG C 343 -12.36 -43.98 23.25
C ARG C 343 -10.97 -43.46 23.51
N ALA C 344 -10.79 -42.80 24.62
CA ALA C 344 -9.50 -42.24 24.95
C ALA C 344 -8.45 -43.22 25.38
N VAL C 345 -7.21 -42.81 25.32
CA VAL C 345 -6.15 -43.67 25.73
C VAL C 345 -6.26 -43.98 27.21
N LYS C 346 -6.08 -45.24 27.56
CA LYS C 346 -6.11 -45.69 28.93
C LYS C 346 -4.81 -46.35 29.22
N MET C 347 -4.25 -46.00 30.35
CA MET C 347 -2.97 -46.49 30.79
C MET C 347 -3.15 -47.52 31.88
N SER C 348 -2.23 -48.44 31.95
CA SER C 348 -2.23 -49.40 33.01
C SER C 348 -0.86 -50.03 33.18
N VAL C 349 -0.65 -50.64 34.32
CA VAL C 349 0.60 -51.30 34.62
C VAL C 349 0.46 -52.80 34.74
N LYS C 350 1.43 -53.52 34.18
CA LYS C 350 1.43 -54.96 34.28
C LYS C 350 2.60 -55.28 35.14
N THR C 351 2.31 -55.53 36.41
CA THR C 351 3.32 -55.84 37.41
C THR C 351 3.65 -57.33 37.39
N VAL C 352 4.84 -57.65 36.90
CA VAL C 352 5.29 -59.01 36.82
C VAL C 352 6.27 -59.17 37.98
N GLY C 353 5.78 -59.65 39.11
CA GLY C 353 6.63 -59.80 40.26
C GLY C 353 7.20 -58.45 40.64
N LYS C 354 8.52 -58.35 40.71
CA LYS C 354 9.16 -57.07 40.99
C LYS C 354 8.96 -56.05 39.88
N GLU C 355 9.04 -56.51 38.64
CA GLU C 355 8.88 -55.71 37.44
C GLU C 355 7.50 -55.19 37.14
N LYS C 356 7.48 -54.05 36.47
CA LYS C 356 6.27 -53.41 36.05
C LYS C 356 6.45 -52.96 34.62
N VAL C 357 5.41 -53.10 33.82
CA VAL C 357 5.47 -52.66 32.45
C VAL C 357 4.28 -51.77 32.16
N GLY C 358 4.52 -50.57 31.68
CA GLY C 358 3.43 -49.68 31.34
C GLY C 358 2.80 -50.00 29.99
N VAL C 359 1.49 -50.05 29.96
CA VAL C 359 0.81 -50.31 28.72
C VAL C 359 -0.13 -49.18 28.36
N LEU C 360 0.05 -48.63 27.19
CA LEU C 360 -0.89 -47.62 26.71
C LEU C 360 -1.80 -48.20 25.64
N ASP C 361 -3.08 -48.23 25.94
CA ASP C 361 -4.08 -48.72 25.03
C ASP C 361 -4.64 -47.55 24.24
N ILE C 362 -4.29 -47.46 22.98
CA ILE C 362 -4.79 -46.37 22.18
C ILE C 362 -5.81 -46.86 21.18
N PRO C 363 -7.04 -46.52 21.41
CA PRO C 363 -8.12 -46.93 20.52
C PRO C 363 -8.04 -46.30 19.13
N GLY C 364 -7.70 -45.03 19.07
CA GLY C 364 -7.60 -44.30 17.85
C GLY C 364 -6.82 -43.03 18.00
N PHE C 365 -6.44 -42.45 16.89
CA PHE C 365 -5.71 -41.21 16.90
C PHE C 365 -6.61 -39.98 16.87
N TYR C 366 -7.34 -39.77 17.96
CA TYR C 366 -8.21 -38.64 18.10
C TYR C 366 -7.45 -37.36 18.38
N VAL C 367 -8.10 -36.23 18.17
CA VAL C 367 -7.45 -34.98 18.39
C VAL C 367 -7.35 -34.76 19.89
N GLY C 368 -6.13 -34.54 20.34
CA GLY C 368 -5.83 -34.39 21.74
C GLY C 368 -5.16 -35.61 22.33
N LEU C 369 -4.94 -36.64 21.54
CA LEU C 369 -4.33 -37.84 22.03
C LEU C 369 -2.91 -37.68 22.55
N THR C 370 -2.10 -36.88 21.89
CA THR C 370 -0.73 -36.69 22.28
C THR C 370 -0.69 -36.07 23.66
N ASP C 371 -1.57 -35.10 23.88
CA ASP C 371 -1.71 -34.43 25.15
C ASP C 371 -2.15 -35.36 26.23
N ASP C 372 -3.11 -36.19 25.93
CA ASP C 372 -3.58 -37.14 26.87
C ASP C 372 -2.49 -38.13 27.19
N VAL C 373 -1.70 -38.47 26.21
CA VAL C 373 -0.62 -39.40 26.36
C VAL C 373 0.49 -38.87 27.22
N LYS C 374 0.80 -37.60 27.09
CA LYS C 374 1.86 -37.03 27.85
C LYS C 374 1.56 -37.14 29.32
N VAL C 375 0.33 -36.85 29.69
CA VAL C 375 -0.06 -36.88 31.06
C VAL C 375 0.18 -38.26 31.61
N GLN C 376 -0.26 -39.26 30.88
CA GLN C 376 -0.10 -40.63 31.28
C GLN C 376 1.36 -41.05 31.35
N LEU C 377 2.19 -40.52 30.48
CA LEU C 377 3.58 -40.86 30.53
C LEU C 377 4.22 -40.41 31.84
N GLN C 378 3.88 -39.20 32.27
CA GLN C 378 4.39 -38.60 33.48
C GLN C 378 3.90 -39.42 34.67
N LYS C 379 2.66 -39.86 34.59
CA LYS C 379 2.07 -40.69 35.61
C LYS C 379 2.82 -42.00 35.71
N LEU C 380 3.46 -42.41 34.62
CA LEU C 380 4.27 -43.63 34.60
C LEU C 380 5.60 -43.43 35.31
N GLU C 381 5.99 -42.18 35.49
CA GLU C 381 7.21 -41.92 36.23
C GLU C 381 7.04 -42.25 37.71
N LYS C 382 5.89 -41.85 38.24
CA LYS C 382 5.61 -42.03 39.65
C LYS C 382 5.62 -43.49 40.03
N GLN C 383 4.99 -44.32 39.22
CA GLN C 383 5.00 -45.75 39.45
C GLN C 383 6.11 -46.03 38.47
N ASN C 384 7.32 -46.17 38.96
CA ASN C 384 8.40 -46.36 38.06
C ASN C 384 8.16 -47.62 37.30
N VAL C 385 8.37 -47.56 36.00
CA VAL C 385 8.17 -48.70 35.14
C VAL C 385 9.37 -48.91 34.26
N SER C 386 9.70 -50.17 34.04
CA SER C 386 10.82 -50.57 33.21
C SER C 386 10.68 -50.29 31.72
N SER C 387 9.48 -50.48 31.20
CA SER C 387 9.18 -50.26 29.80
C SER C 387 7.69 -50.02 29.55
N VAL C 388 7.41 -49.54 28.37
CA VAL C 388 6.07 -49.17 27.98
C VAL C 388 5.67 -49.85 26.73
N ILE C 389 4.42 -50.19 26.64
CA ILE C 389 3.89 -50.79 25.45
C ILE C 389 2.77 -49.93 24.91
N ILE C 390 2.82 -49.64 23.62
CA ILE C 390 1.77 -48.89 22.97
C ILE C 390 1.01 -49.92 22.21
N ASP C 391 -0.22 -50.09 22.59
CA ASP C 391 -1.08 -51.06 21.97
C ASP C 391 -1.93 -50.40 20.95
N LEU C 392 -1.60 -50.64 19.71
CA LEU C 392 -2.33 -50.10 18.59
C LEU C 392 -3.16 -51.13 17.90
N ARG C 393 -3.39 -52.27 18.55
CA ARG C 393 -4.16 -53.34 17.95
C ARG C 393 -5.53 -52.80 17.70
N SER C 394 -6.01 -53.04 16.49
CA SER C 394 -7.31 -52.63 16.03
C SER C 394 -7.49 -51.14 15.98
N ASN C 395 -6.41 -50.41 15.88
CA ASN C 395 -6.50 -48.98 15.80
C ASN C 395 -6.47 -48.65 14.32
N GLY C 396 -7.59 -48.14 13.86
CA GLY C 396 -7.82 -47.75 12.51
C GLY C 396 -7.18 -46.47 12.03
N GLY C 397 -6.61 -45.70 12.94
CA GLY C 397 -5.97 -44.45 12.57
C GLY C 397 -6.74 -43.26 13.08
N GLY C 398 -6.46 -42.10 12.51
CA GLY C 398 -7.08 -40.88 12.92
C GLY C 398 -6.50 -39.70 12.19
N ALA C 399 -6.30 -38.63 12.92
CA ALA C 399 -5.69 -37.41 12.41
C ALA C 399 -4.22 -37.58 12.10
N LEU C 400 -3.80 -37.08 10.97
CA LEU C 400 -2.43 -37.19 10.56
C LEU C 400 -1.48 -36.50 11.53
N THR C 401 -1.92 -35.36 12.02
CA THR C 401 -1.13 -34.60 12.94
C THR C 401 -0.86 -35.37 14.21
N GLU C 402 -1.84 -36.12 14.68
CA GLU C 402 -1.68 -36.89 15.88
C GLU C 402 -0.63 -37.94 15.73
N ALA C 403 -0.55 -38.54 14.56
CA ALA C 403 0.44 -39.54 14.30
C ALA C 403 1.79 -38.94 14.43
N VAL C 404 1.97 -37.78 13.83
CA VAL C 404 3.24 -37.11 13.86
C VAL C 404 3.64 -36.68 15.25
N SER C 405 2.72 -36.04 15.93
CA SER C 405 2.94 -35.55 17.25
C SER C 405 3.16 -36.68 18.24
N LEU C 406 2.42 -37.76 18.11
CA LEU C 406 2.61 -38.89 19.00
C LEU C 406 3.98 -39.43 18.78
N SER C 407 4.40 -39.48 17.54
CA SER C 407 5.71 -39.95 17.22
C SER C 407 6.76 -39.05 17.85
N GLY C 408 6.41 -37.79 18.00
CA GLY C 408 7.29 -36.80 18.57
C GLY C 408 7.69 -37.03 19.99
N LEU C 409 6.81 -37.65 20.74
CA LEU C 409 7.05 -37.93 22.13
C LEU C 409 8.25 -38.83 22.39
N PHE C 410 8.51 -39.75 21.49
CA PHE C 410 9.62 -40.65 21.65
C PHE C 410 10.74 -40.46 20.67
N ILE C 411 10.59 -39.55 19.75
CA ILE C 411 11.64 -39.36 18.82
C ILE C 411 12.13 -37.93 18.89
N PRO C 412 13.44 -37.75 19.03
CA PRO C 412 14.03 -36.42 19.01
C PRO C 412 13.78 -35.84 17.63
N ALA C 413 13.56 -34.57 17.47
CA ALA C 413 13.06 -34.16 16.16
C ALA C 413 13.80 -34.56 14.90
N GLY C 414 12.96 -35.03 13.99
CA GLY C 414 13.24 -35.50 12.64
C GLY C 414 11.91 -35.72 11.90
N PRO C 415 11.97 -36.08 10.65
CA PRO C 415 10.73 -36.33 9.94
C PRO C 415 10.09 -37.61 10.44
N ILE C 416 8.76 -37.64 10.46
CA ILE C 416 8.03 -38.82 10.83
C ILE C 416 7.47 -39.54 9.62
N VAL C 417 7.06 -38.80 8.62
CA VAL C 417 6.48 -39.37 7.42
C VAL C 417 6.63 -38.42 6.25
N GLN C 418 6.52 -38.96 5.06
CA GLN C 418 6.58 -38.19 3.83
C GLN C 418 5.28 -38.39 3.10
N VAL C 419 4.82 -37.36 2.44
CA VAL C 419 3.59 -37.40 1.68
C VAL C 419 3.80 -36.86 0.31
N ARG C 420 3.13 -37.42 -0.66
CA ARG C 420 3.26 -36.96 -2.00
C ARG C 420 1.94 -36.92 -2.69
N ASP C 421 1.71 -35.88 -3.45
CA ASP C 421 0.49 -35.74 -4.21
C ASP C 421 0.59 -36.33 -5.59
N ASN C 422 -0.44 -36.13 -6.36
CA ASN C 422 -0.50 -36.63 -7.71
C ASN C 422 0.23 -35.81 -8.77
N ASN C 423 0.73 -34.66 -8.35
CA ASN C 423 1.49 -33.67 -9.13
C ASN C 423 2.99 -33.73 -8.76
N GLY C 424 3.38 -34.78 -8.10
CA GLY C 424 4.74 -34.99 -7.68
C GLY C 424 5.28 -34.16 -6.56
N LYS C 425 4.45 -33.47 -5.83
CA LYS C 425 4.94 -32.65 -4.75
C LYS C 425 5.07 -33.47 -3.51
N VAL C 426 6.25 -33.45 -2.94
CA VAL C 426 6.59 -34.20 -1.76
C VAL C 426 6.82 -33.29 -0.60
N ARG C 427 6.22 -33.62 0.52
CA ARG C 427 6.40 -32.89 1.74
C ARG C 427 6.81 -33.84 2.85
N GLU C 428 7.46 -33.33 3.87
CA GLU C 428 7.81 -34.18 4.99
C GLU C 428 7.37 -33.55 6.29
N ASP C 429 6.75 -34.30 7.16
CA ASP C 429 6.26 -33.78 8.41
C ASP C 429 7.08 -34.15 9.63
N SER C 430 7.25 -33.22 10.54
CA SER C 430 7.99 -33.47 11.72
C SER C 430 7.33 -32.86 12.89
N ASP C 431 7.58 -33.38 14.08
CA ASP C 431 7.01 -32.77 15.27
C ASP C 431 8.00 -31.71 15.61
N THR C 432 8.08 -30.74 14.75
CA THR C 432 9.05 -29.70 14.82
C THR C 432 9.02 -28.92 16.12
N ASP C 433 7.83 -28.74 16.66
CA ASP C 433 7.69 -28.03 17.91
C ASP C 433 7.73 -28.94 19.14
N GLY C 434 7.74 -30.25 18.88
CA GLY C 434 7.76 -31.25 19.94
C GLY C 434 9.06 -31.56 20.66
N GLN C 435 8.90 -32.20 21.80
CA GLN C 435 10.00 -32.62 22.67
C GLN C 435 9.77 -34.06 23.15
N VAL C 436 10.86 -34.83 23.24
CA VAL C 436 10.77 -36.21 23.66
C VAL C 436 10.28 -36.28 25.06
N PHE C 437 9.26 -37.09 25.31
CA PHE C 437 8.78 -37.26 26.67
C PHE C 437 9.17 -38.62 27.23
N TYR C 438 9.74 -39.49 26.44
CA TYR C 438 10.14 -40.75 26.97
C TYR C 438 11.26 -41.37 26.18
N LYS C 439 12.34 -41.73 26.85
CA LYS C 439 13.47 -42.39 26.19
C LYS C 439 13.62 -43.85 26.54
N GLY C 440 12.70 -44.32 27.37
CA GLY C 440 12.74 -45.68 27.84
C GLY C 440 12.45 -46.71 26.79
N PRO C 441 12.81 -47.94 27.08
CA PRO C 441 12.57 -49.01 26.14
C PRO C 441 11.08 -49.03 25.87
N LEU C 442 10.75 -49.09 24.59
CA LEU C 442 9.40 -49.00 24.12
C LEU C 442 9.08 -50.06 23.12
N VAL C 443 7.89 -50.62 23.24
CA VAL C 443 7.43 -51.64 22.34
C VAL C 443 6.10 -51.29 21.73
N VAL C 444 5.95 -51.52 20.44
CA VAL C 444 4.69 -51.25 19.75
C VAL C 444 4.07 -52.56 19.33
N LEU C 445 2.85 -52.77 19.76
CA LEU C 445 2.12 -53.97 19.50
C LEU C 445 1.03 -53.72 18.53
N VAL C 446 1.06 -54.43 17.43
CA VAL C 446 0.09 -54.26 16.36
C VAL C 446 -0.56 -55.51 15.86
N ASP C 447 -1.71 -55.36 15.27
CA ASP C 447 -2.40 -56.46 14.66
C ASP C 447 -2.80 -56.13 13.24
N ARG C 448 -3.50 -57.03 12.60
CA ARG C 448 -3.92 -56.85 11.24
C ARG C 448 -4.85 -55.69 11.07
N PHE C 449 -5.46 -55.25 12.13
CA PHE C 449 -6.37 -54.15 12.06
C PHE C 449 -5.75 -52.79 12.38
N SER C 450 -4.47 -52.75 12.66
CA SER C 450 -3.82 -51.51 12.91
C SER C 450 -3.62 -50.94 11.52
N ALA C 451 -4.09 -49.72 11.31
CA ALA C 451 -4.06 -49.02 10.03
C ALA C 451 -3.75 -47.52 10.06
N SER C 452 -3.25 -47.00 8.93
CA SER C 452 -2.96 -45.57 8.69
C SER C 452 -2.00 -44.94 9.64
N ALA C 453 -2.53 -44.12 10.50
CA ALA C 453 -1.76 -43.40 11.48
C ALA C 453 -1.03 -44.38 12.36
N SER C 454 -1.66 -45.48 12.70
CA SER C 454 -1.00 -46.47 13.50
C SER C 454 0.19 -47.03 12.77
N GLU C 455 0.03 -47.31 11.50
CA GLU C 455 1.10 -47.81 10.68
C GLU C 455 2.20 -46.81 10.55
N ILE C 456 1.85 -45.55 10.43
CA ILE C 456 2.79 -44.48 10.32
C ILE C 456 3.60 -44.45 11.58
N PHE C 457 2.94 -44.55 12.71
CA PHE C 457 3.58 -44.54 13.99
C PHE C 457 4.52 -45.71 14.19
N ALA C 458 4.05 -46.90 13.87
CA ALA C 458 4.87 -48.07 13.99
C ALA C 458 6.05 -48.02 13.06
N ALA C 459 5.84 -47.61 11.83
CA ALA C 459 6.91 -47.54 10.86
C ALA C 459 7.96 -46.58 11.30
N ALA C 460 7.56 -45.46 11.86
CA ALA C 460 8.48 -44.47 12.30
C ALA C 460 9.33 -44.95 13.43
N MET C 461 8.74 -45.60 14.42
CA MET C 461 9.54 -46.10 15.52
C MET C 461 10.50 -47.14 15.06
N GLN C 462 10.06 -48.00 14.19
CA GLN C 462 10.89 -49.03 13.70
C GLN C 462 12.08 -48.51 12.94
N ASP C 463 11.85 -47.57 12.05
CA ASP C 463 12.92 -46.99 11.28
C ASP C 463 13.90 -46.13 12.05
N TYR C 464 13.47 -45.55 13.14
CA TYR C 464 14.37 -44.76 13.91
C TYR C 464 15.17 -45.62 14.90
N GLY C 465 14.83 -46.89 14.98
CA GLY C 465 15.44 -47.79 15.91
C GLY C 465 14.98 -47.55 17.32
N ARG C 466 13.93 -46.75 17.46
CA ARG C 466 13.33 -46.41 18.72
C ARG C 466 12.62 -47.49 19.44
N ALA C 467 11.91 -48.31 18.70
CA ALA C 467 11.11 -49.36 19.29
C ALA C 467 10.99 -50.67 18.56
N LEU C 468 10.51 -51.63 19.28
CA LEU C 468 10.31 -52.93 18.75
C LEU C 468 8.83 -53.10 18.41
N VAL C 469 8.55 -53.61 17.23
CA VAL C 469 7.21 -53.83 16.81
C VAL C 469 6.91 -55.32 16.97
N VAL C 470 5.81 -55.64 17.61
CA VAL C 470 5.37 -56.98 17.85
C VAL C 470 3.92 -57.16 17.42
N GLY C 471 3.58 -58.28 16.83
CA GLY C 471 2.22 -58.50 16.47
C GLY C 471 2.05 -59.18 15.16
N GLU C 472 1.07 -58.71 14.45
CA GLU C 472 0.77 -59.20 13.14
C GLU C 472 1.08 -58.14 12.12
N PRO C 473 1.31 -58.56 10.89
CA PRO C 473 1.52 -57.59 9.82
C PRO C 473 0.28 -56.74 9.76
N THR C 474 0.47 -55.45 9.54
CA THR C 474 -0.61 -54.49 9.56
C THR C 474 -1.53 -54.42 8.36
N PHE C 475 -2.45 -53.50 8.43
CA PHE C 475 -3.47 -53.34 7.41
C PHE C 475 -3.01 -53.03 6.00
N GLY C 476 -1.96 -52.25 5.84
CA GLY C 476 -1.55 -51.88 4.52
C GLY C 476 -2.13 -50.59 3.99
N ALA C 477 -2.62 -49.77 4.87
CA ALA C 477 -3.10 -48.48 4.47
C ALA C 477 -1.89 -47.63 4.11
N GLY C 478 -2.00 -46.82 3.09
CA GLY C 478 -0.90 -45.98 2.70
C GLY C 478 -1.28 -44.64 2.14
N THR C 479 -2.44 -44.15 2.50
CA THR C 479 -2.91 -42.92 1.95
C THR C 479 -3.43 -41.94 2.97
N VAL C 480 -3.47 -40.71 2.58
CA VAL C 480 -3.93 -39.62 3.38
C VAL C 480 -5.13 -39.04 2.70
N GLN C 481 -6.15 -38.76 3.47
CA GLN C 481 -7.38 -38.25 2.96
C GLN C 481 -7.64 -36.88 3.50
N GLN C 482 -8.34 -36.09 2.72
CA GLN C 482 -8.75 -34.77 3.03
C GLN C 482 -10.20 -34.79 3.39
N TYR C 483 -10.54 -34.12 4.46
CA TYR C 483 -11.88 -34.03 4.94
C TYR C 483 -12.42 -32.62 4.72
N ARG C 484 -13.49 -32.49 3.97
CA ARG C 484 -14.09 -31.22 3.69
C ARG C 484 -15.56 -31.20 3.87
N SER C 485 -16.05 -30.15 4.47
CA SER C 485 -17.43 -29.89 4.55
C SER C 485 -17.92 -29.49 3.17
N LEU C 486 -19.17 -29.77 2.89
CA LEU C 486 -19.82 -29.40 1.65
C LEU C 486 -20.53 -28.08 1.76
N ASN C 487 -20.49 -27.46 2.92
CA ASN C 487 -21.07 -26.16 3.06
C ASN C 487 -20.22 -25.10 2.41
N ARG C 488 -20.89 -24.18 1.78
CA ARG C 488 -20.32 -22.99 1.20
C ARG C 488 -20.81 -21.82 2.06
N ILE C 489 -20.03 -20.77 2.12
CA ILE C 489 -20.27 -19.63 2.95
C ILE C 489 -21.51 -18.85 2.67
N TYR C 490 -21.99 -18.93 1.45
CA TYR C 490 -23.18 -18.26 1.01
C TYR C 490 -24.45 -19.12 1.02
N ASP C 491 -24.38 -20.35 1.48
CA ASP C 491 -25.54 -21.22 1.50
C ASP C 491 -26.65 -20.68 2.39
N GLN C 492 -26.34 -20.27 3.59
CA GLN C 492 -27.33 -19.76 4.49
C GLN C 492 -28.02 -18.52 3.92
N MET C 493 -27.24 -17.60 3.35
CA MET C 493 -27.76 -16.41 2.76
C MET C 493 -28.67 -16.67 1.56
N LEU C 494 -28.24 -17.50 0.62
CA LEU C 494 -29.03 -17.82 -0.54
C LEU C 494 -30.05 -18.92 -0.40
N ARG C 495 -29.78 -19.87 0.47
CA ARG C 495 -30.67 -20.99 0.69
C ARG C 495 -30.90 -21.24 2.18
N PRO C 496 -31.59 -20.32 2.82
CA PRO C 496 -31.89 -20.42 4.25
C PRO C 496 -32.72 -21.65 4.56
N GLU C 497 -33.58 -22.05 3.65
CA GLU C 497 -34.37 -23.22 3.89
C GLU C 497 -33.63 -24.54 3.80
N TRP C 498 -32.42 -24.56 3.29
CA TRP C 498 -31.68 -25.78 3.17
C TRP C 498 -31.29 -26.30 4.52
N PRO C 499 -31.24 -27.60 4.62
CA PRO C 499 -30.77 -28.28 5.82
C PRO C 499 -29.27 -28.29 5.83
N ALA C 500 -28.72 -28.74 6.94
CA ALA C 500 -27.30 -28.82 7.07
C ALA C 500 -26.74 -29.82 6.07
N LEU C 501 -25.59 -29.54 5.52
CA LEU C 501 -25.00 -30.41 4.55
C LEU C 501 -24.04 -31.43 5.13
N GLY C 502 -23.65 -32.35 4.31
CA GLY C 502 -22.73 -33.37 4.70
C GLY C 502 -21.30 -32.98 4.40
N SER C 503 -20.47 -33.98 4.20
CA SER C 503 -19.09 -33.79 3.96
C SER C 503 -18.49 -34.89 3.13
N VAL C 504 -17.25 -34.71 2.74
CA VAL C 504 -16.51 -35.70 2.00
C VAL C 504 -15.13 -35.96 2.56
N GLN C 505 -14.65 -37.14 2.33
CA GLN C 505 -13.32 -37.52 2.62
C GLN C 505 -12.79 -38.07 1.30
N TYR C 506 -11.73 -37.51 0.76
CA TYR C 506 -11.19 -37.98 -0.50
C TYR C 506 -9.69 -38.05 -0.41
N THR C 507 -9.08 -39.04 -0.99
CA THR C 507 -7.66 -39.18 -0.95
C THR C 507 -6.95 -38.12 -1.77
N ILE C 508 -5.95 -37.49 -1.17
CA ILE C 508 -5.10 -36.50 -1.79
C ILE C 508 -3.63 -36.87 -1.87
N GLN C 509 -3.15 -37.73 -1.00
CA GLN C 509 -1.77 -38.12 -1.00
C GLN C 509 -1.50 -39.56 -0.64
N LYS C 510 -0.28 -39.98 -0.92
CA LYS C 510 0.19 -41.27 -0.52
C LYS C 510 1.24 -41.03 0.54
N PHE C 511 1.21 -41.77 1.62
CA PHE C 511 2.24 -41.61 2.63
C PHE C 511 3.37 -42.60 2.49
N TYR C 512 4.53 -42.19 2.93
CA TYR C 512 5.74 -42.95 2.84
C TYR C 512 6.52 -42.90 4.10
N ARG C 513 7.25 -43.96 4.32
CA ARG C 513 8.11 -44.07 5.47
C ARG C 513 9.30 -43.17 5.30
N VAL C 514 9.97 -42.87 6.40
CA VAL C 514 11.15 -42.02 6.38
C VAL C 514 12.25 -42.66 5.55
N ASN C 515 12.22 -43.96 5.46
CA ASN C 515 13.21 -44.68 4.71
C ASN C 515 12.88 -44.77 3.24
N GLY C 516 11.77 -44.21 2.84
CA GLY C 516 11.36 -44.24 1.46
C GLY C 516 10.45 -45.37 1.08
N GLY C 517 10.35 -46.37 1.95
CA GLY C 517 9.48 -47.50 1.77
C GLY C 517 8.02 -47.14 2.02
N SER C 518 7.13 -48.06 1.71
CA SER C 518 5.71 -47.81 1.84
C SER C 518 4.96 -48.93 2.51
N THR C 519 3.90 -48.58 3.20
CA THR C 519 3.06 -49.54 3.86
C THR C 519 1.83 -49.92 3.06
N GLN C 520 1.68 -49.36 1.87
CA GLN C 520 0.54 -49.57 1.00
C GLN C 520 0.55 -50.95 0.45
N ARG C 521 -0.48 -51.71 0.81
CA ARG C 521 -0.72 -53.12 0.45
C ARG C 521 0.40 -53.99 1.01
N LYS C 522 1.01 -53.56 2.06
CA LYS C 522 2.10 -54.25 2.64
C LYS C 522 2.01 -54.37 4.13
N GLY C 523 1.85 -53.23 4.76
CA GLY C 523 1.81 -53.11 6.18
C GLY C 523 3.18 -53.01 6.79
N VAL C 524 3.23 -52.93 8.10
CA VAL C 524 4.49 -52.88 8.80
C VAL C 524 4.75 -54.28 9.30
N THR C 525 5.92 -54.81 9.01
CA THR C 525 6.27 -56.13 9.41
C THR C 525 6.90 -56.04 10.77
N PRO C 526 6.32 -56.70 11.75
CA PRO C 526 6.81 -56.65 13.12
C PRO C 526 8.14 -57.31 13.31
N ASP C 527 8.84 -56.86 14.31
CA ASP C 527 10.12 -57.41 14.68
C ASP C 527 9.95 -58.85 15.12
N ILE C 528 8.97 -59.08 15.97
CA ILE C 528 8.59 -60.40 16.42
C ILE C 528 7.13 -60.61 16.03
N ILE C 529 6.87 -61.62 15.23
CA ILE C 529 5.56 -61.92 14.74
C ILE C 529 4.80 -62.99 15.50
N MET C 530 3.62 -62.63 15.97
CA MET C 530 2.78 -63.57 16.65
C MET C 530 2.32 -64.62 15.64
N PRO C 531 2.01 -65.82 16.13
CA PRO C 531 1.67 -66.94 15.26
C PRO C 531 0.51 -66.70 14.37
N THR C 532 -0.43 -65.86 14.82
CA THR C 532 -1.59 -65.53 14.01
C THR C 532 -1.11 -64.74 12.80
N GLY C 533 -0.05 -63.98 13.00
CA GLY C 533 0.58 -63.17 11.99
C GLY C 533 1.23 -63.90 10.84
N ASN C 534 1.52 -65.17 11.02
CA ASN C 534 2.14 -66.00 10.00
C ASN C 534 1.17 -66.77 9.14
N GLU C 535 -0.11 -66.55 9.35
CA GLU C 535 -1.15 -67.27 8.62
C GLU C 535 -1.76 -66.38 7.56
N GLU C 536 -2.16 -66.95 6.43
CA GLU C 536 -2.66 -66.11 5.39
C GLU C 536 -3.92 -65.47 5.86
N THR C 537 -4.05 -64.18 5.59
CA THR C 537 -5.17 -63.42 6.03
C THR C 537 -6.12 -63.09 4.92
N GLU C 538 -7.35 -62.76 5.26
CA GLU C 538 -8.33 -62.39 4.29
C GLU C 538 -8.78 -60.94 4.40
N THR C 539 -8.12 -60.19 5.25
CA THR C 539 -8.42 -58.79 5.41
C THR C 539 -7.21 -57.96 5.09
N GLY C 540 -7.45 -56.73 4.73
CA GLY C 540 -6.39 -55.80 4.44
C GLY C 540 -6.70 -54.88 3.31
N GLU C 541 -5.79 -53.95 3.12
CA GLU C 541 -5.86 -52.97 2.07
C GLU C 541 -5.80 -53.68 0.74
N LYS C 542 -5.00 -54.71 0.66
CA LYS C 542 -4.82 -55.48 -0.56
C LYS C 542 -6.04 -56.20 -1.06
N PHE C 543 -7.01 -56.42 -0.20
CA PHE C 543 -8.24 -57.03 -0.56
C PHE C 543 -9.35 -56.03 -0.80
N GLU C 544 -9.13 -54.76 -0.51
CA GLU C 544 -10.15 -53.75 -0.75
C GLU C 544 -10.31 -53.36 -2.21
N ASP C 545 -11.52 -53.02 -2.59
CA ASP C 545 -11.78 -52.63 -3.95
C ASP C 545 -11.04 -51.33 -4.36
N ASN C 546 -10.37 -51.39 -5.50
CA ASN C 546 -9.66 -50.29 -6.12
C ASN C 546 -8.54 -49.67 -5.31
N ALA C 547 -7.86 -50.45 -4.49
CA ALA C 547 -6.79 -49.94 -3.70
C ALA C 547 -5.56 -49.60 -4.51
N LEU C 548 -4.88 -48.57 -4.12
CA LEU C 548 -3.73 -48.11 -4.82
C LEU C 548 -2.57 -49.05 -4.75
N PRO C 549 -1.76 -49.01 -5.77
CA PRO C 549 -0.57 -49.83 -5.86
C PRO C 549 0.49 -49.35 -4.93
N TRP C 550 1.32 -50.27 -4.53
CA TRP C 550 2.48 -49.95 -3.74
C TRP C 550 3.52 -49.28 -4.66
N ASP C 551 4.32 -48.40 -4.10
CA ASP C 551 5.43 -47.75 -4.76
C ASP C 551 6.42 -47.21 -3.76
N SER C 552 7.49 -46.65 -4.26
CA SER C 552 8.55 -46.14 -3.41
C SER C 552 9.03 -44.78 -3.85
N ILE C 553 9.69 -44.12 -2.92
CA ILE C 553 10.29 -42.81 -3.08
C ILE C 553 11.62 -42.73 -2.34
N ASP C 554 12.36 -41.68 -2.58
CA ASP C 554 13.67 -41.53 -1.97
C ASP C 554 13.54 -41.39 -0.51
N ALA C 555 14.50 -41.88 0.22
CA ALA C 555 14.47 -41.71 1.62
C ALA C 555 14.72 -40.28 2.04
N ALA C 556 14.10 -39.91 3.13
CA ALA C 556 14.34 -38.64 3.75
C ALA C 556 15.67 -38.71 4.54
N THR C 557 16.17 -37.59 5.00
CA THR C 557 17.39 -37.66 5.75
C THR C 557 17.01 -37.54 7.19
N TYR C 558 17.40 -38.54 7.93
CA TYR C 558 17.10 -38.63 9.33
C TYR C 558 18.19 -39.44 10.02
N VAL C 559 18.29 -39.26 11.31
CA VAL C 559 19.25 -40.01 12.07
C VAL C 559 18.54 -40.88 13.09
N LYS C 560 18.86 -42.15 13.06
CA LYS C 560 18.26 -43.12 13.92
C LYS C 560 18.44 -42.75 15.35
N SER C 561 17.38 -42.94 16.11
CA SER C 561 17.33 -42.69 17.54
C SER C 561 18.23 -43.62 18.35
N GLY C 562 18.27 -44.86 17.92
CA GLY C 562 19.00 -45.95 18.52
C GLY C 562 19.00 -47.16 17.60
N ASP C 563 19.37 -48.30 18.12
CA ASP C 563 19.29 -49.49 17.32
C ASP C 563 19.08 -50.68 18.22
N LEU C 564 18.18 -51.57 17.83
CA LEU C 564 17.91 -52.77 18.59
C LEU C 564 18.08 -54.01 17.76
N THR C 565 18.65 -53.89 16.59
CA THR C 565 18.77 -55.03 15.71
C THR C 565 19.58 -56.17 16.29
N ALA C 566 20.61 -55.82 17.05
CA ALA C 566 21.54 -56.73 17.71
C ALA C 566 20.82 -57.61 18.69
N PHE C 567 19.87 -57.00 19.39
CA PHE C 567 19.09 -57.70 20.40
C PHE C 567 18.08 -58.66 19.78
N GLU C 568 18.09 -58.77 18.45
CA GLU C 568 17.15 -59.67 17.81
C GLU C 568 17.08 -61.17 18.10
N PRO C 569 18.17 -61.86 17.92
CA PRO C 569 18.16 -63.31 18.07
C PRO C 569 17.78 -63.73 19.47
N GLU C 570 18.26 -63.02 20.47
CA GLU C 570 17.93 -63.41 21.81
C GLU C 570 16.42 -63.32 22.06
N LEU C 571 15.82 -62.20 21.69
CA LEU C 571 14.39 -62.00 21.90
C LEU C 571 13.56 -63.00 21.14
N LEU C 572 13.94 -63.32 19.93
CA LEU C 572 13.19 -64.30 19.20
C LEU C 572 13.21 -65.73 19.78
N LYS C 573 14.38 -66.27 20.09
CA LYS C 573 14.45 -67.59 20.66
C LYS C 573 13.85 -67.64 22.05
N GLU C 574 14.02 -66.59 22.80
CA GLU C 574 13.42 -66.54 24.08
C GLU C 574 11.90 -66.49 23.92
N HIS C 575 11.44 -65.64 23.02
CA HIS C 575 10.02 -65.51 22.77
C HIS C 575 9.50 -66.81 22.26
N ASN C 576 10.26 -67.41 21.36
CA ASN C 576 9.86 -68.66 20.74
C ASN C 576 9.69 -69.81 21.74
N ALA C 577 10.58 -69.88 22.71
CA ALA C 577 10.50 -70.89 23.73
C ALA C 577 9.30 -70.72 24.62
N ARG C 578 9.04 -69.51 25.07
CA ARG C 578 7.93 -69.34 25.94
C ARG C 578 6.61 -69.71 25.31
N ILE C 579 6.41 -69.39 24.06
CA ILE C 579 5.19 -69.74 23.35
C ILE C 579 5.03 -71.23 23.12
N ALA C 580 6.15 -71.91 22.93
CA ALA C 580 6.13 -73.33 22.72
C ALA C 580 5.58 -74.05 23.94
N LYS C 581 5.93 -73.59 25.11
CA LYS C 581 5.41 -74.22 26.29
C LYS C 581 4.21 -73.55 26.92
N ASP C 582 3.60 -72.59 26.25
CA ASP C 582 2.45 -71.94 26.82
C ASP C 582 1.16 -72.53 26.31
N PRO C 583 0.32 -72.91 27.21
CA PRO C 583 -0.96 -73.55 26.90
C PRO C 583 -1.92 -72.67 26.10
N GLU C 584 -1.97 -71.39 26.38
CA GLU C 584 -2.84 -70.51 25.61
C GLU C 584 -2.35 -70.47 24.17
N PHE C 585 -1.05 -70.37 23.97
CA PHE C 585 -0.46 -70.40 22.65
C PHE C 585 -0.63 -71.71 21.92
N GLN C 586 -0.49 -72.80 22.65
CA GLN C 586 -0.66 -74.12 22.10
C GLN C 586 -2.09 -74.25 21.62
N ASN C 587 -3.01 -73.68 22.37
CA ASN C 587 -4.41 -73.72 22.00
C ASN C 587 -4.66 -72.90 20.75
N ILE C 588 -3.98 -71.78 20.69
CA ILE C 588 -4.10 -70.91 19.56
C ILE C 588 -3.67 -71.66 18.32
N MET C 589 -2.54 -72.36 18.40
CA MET C 589 -2.06 -73.11 17.25
C MET C 589 -3.07 -74.11 16.81
N LYS C 590 -3.64 -74.83 17.75
CA LYS C 590 -4.64 -75.78 17.38
C LYS C 590 -5.87 -75.10 16.80
N ASP C 591 -6.19 -73.92 17.30
CA ASP C 591 -7.32 -73.19 16.79
C ASP C 591 -7.11 -72.80 15.34
N ILE C 592 -5.91 -72.36 15.05
CA ILE C 592 -5.50 -71.95 13.72
C ILE C 592 -5.57 -73.13 12.78
N ALA C 593 -5.06 -74.25 13.23
CA ALA C 593 -5.09 -75.42 12.42
C ALA C 593 -6.52 -75.81 12.10
N ARG C 594 -7.37 -75.71 13.08
CA ARG C 594 -8.73 -76.04 12.84
C ARG C 594 -9.37 -75.08 11.88
N PHE C 595 -9.10 -73.80 12.06
CA PHE C 595 -9.68 -72.79 11.21
C PHE C 595 -9.21 -72.99 9.79
N ASN C 596 -7.95 -73.32 9.63
CA ASN C 596 -7.42 -73.56 8.31
C ASN C 596 -8.14 -74.73 7.69
N ALA C 597 -8.42 -75.74 8.49
CA ALA C 597 -9.11 -76.94 8.03
C ALA C 597 -10.56 -76.77 7.60
N MET C 598 -11.25 -75.86 8.25
CA MET C 598 -12.64 -75.62 8.00
C MET C 598 -12.93 -74.61 6.92
N LYS C 599 -11.88 -74.08 6.33
CA LYS C 599 -11.98 -73.01 5.33
C LYS C 599 -12.80 -73.31 4.11
N ASP C 600 -12.79 -74.56 3.70
CA ASP C 600 -13.46 -74.91 2.48
C ASP C 600 -14.95 -74.63 2.46
N LYS C 601 -15.64 -74.97 3.52
CA LYS C 601 -17.08 -74.79 3.51
C LYS C 601 -17.52 -73.71 4.47
N ARG C 602 -16.68 -72.69 4.60
CA ARG C 602 -16.96 -71.63 5.54
C ARG C 602 -18.24 -70.88 5.27
N ASN C 603 -18.55 -70.62 4.02
CA ASN C 603 -19.76 -69.90 3.71
C ASN C 603 -20.99 -70.76 3.59
N ILE C 604 -20.81 -72.07 3.75
CA ILE C 604 -21.92 -72.98 3.65
C ILE C 604 -22.28 -73.44 5.01
N VAL C 605 -23.48 -73.09 5.41
CA VAL C 605 -23.95 -73.44 6.71
C VAL C 605 -25.04 -74.46 6.56
N SER C 606 -24.96 -75.54 7.32
CA SER C 606 -25.92 -76.62 7.27
C SER C 606 -27.27 -76.31 7.82
N LEU C 607 -28.29 -76.93 7.25
CA LEU C 607 -29.64 -76.72 7.71
C LEU C 607 -30.24 -77.91 8.44
N ASN C 608 -29.41 -78.92 8.69
CA ASN C 608 -29.86 -80.12 9.38
C ASN C 608 -29.79 -79.83 10.84
N TYR C 609 -30.89 -79.92 11.54
CA TYR C 609 -30.83 -79.57 12.94
C TYR C 609 -29.89 -80.42 13.73
N ALA C 610 -29.84 -81.70 13.48
CA ALA C 610 -28.97 -82.52 14.27
C ALA C 610 -27.56 -82.17 14.10
N VAL C 611 -27.14 -81.98 12.87
CA VAL C 611 -25.75 -81.70 12.58
C VAL C 611 -25.31 -80.44 13.29
N ARG C 612 -26.16 -79.44 13.22
CA ARG C 612 -25.88 -78.18 13.84
C ARG C 612 -25.83 -78.36 15.34
N GLU C 613 -26.79 -79.12 15.86
CA GLU C 613 -26.87 -79.38 17.29
C GLU C 613 -25.60 -80.09 17.78
N LYS C 614 -25.08 -80.99 16.95
CA LYS C 614 -23.90 -81.70 17.30
C LYS C 614 -22.73 -80.77 17.36
N GLU C 615 -22.56 -79.98 16.32
CA GLU C 615 -21.46 -79.05 16.32
C GLU C 615 -21.60 -78.00 17.43
N ASN C 616 -22.78 -77.46 17.58
CA ASN C 616 -22.96 -76.42 18.57
C ASN C 616 -22.65 -76.95 19.93
N ASN C 617 -23.17 -78.14 20.23
CA ASN C 617 -22.95 -78.76 21.51
C ASN C 617 -21.49 -79.06 21.69
N GLU C 618 -20.84 -79.44 20.62
CA GLU C 618 -19.43 -79.74 20.59
C GLU C 618 -18.55 -78.53 20.93
N ASP C 619 -18.87 -77.37 20.40
CA ASP C 619 -18.15 -76.16 20.68
C ASP C 619 -18.27 -75.77 22.13
N ASP C 620 -19.45 -75.93 22.69
CA ASP C 620 -19.65 -75.58 24.09
C ASP C 620 -18.76 -76.40 25.00
N ALA C 621 -18.59 -77.67 24.67
CA ALA C 621 -17.76 -78.54 25.44
C ALA C 621 -16.33 -78.11 25.41
N THR C 622 -15.86 -77.72 24.24
CA THR C 622 -14.49 -77.31 24.09
C THR C 622 -14.25 -76.06 24.93
N ARG C 623 -15.20 -75.16 24.90
CA ARG C 623 -15.07 -73.94 25.64
C ARG C 623 -15.03 -74.25 27.12
N LEU C 624 -15.87 -75.16 27.55
CA LEU C 624 -15.88 -75.56 28.95
C LEU C 624 -14.58 -76.23 29.31
N ALA C 625 -14.14 -77.10 28.42
CA ALA C 625 -12.93 -77.82 28.67
C ALA C 625 -11.79 -76.88 28.79
N ARG C 626 -11.73 -75.91 27.91
CA ARG C 626 -10.65 -74.94 27.90
C ARG C 626 -10.63 -74.13 29.17
N LEU C 627 -11.76 -73.70 29.65
CA LEU C 627 -11.83 -72.95 30.88
C LEU C 627 -11.40 -73.81 32.06
N ASN C 628 -11.87 -75.05 32.10
CA ASN C 628 -11.56 -75.97 33.17
C ASN C 628 -10.09 -76.31 33.21
N GLU C 629 -9.49 -76.28 32.04
CA GLU C 629 -8.09 -76.53 31.88
C GLU C 629 -7.33 -75.47 32.58
N ARG C 630 -7.77 -74.23 32.39
CA ARG C 630 -7.15 -73.09 33.01
C ARG C 630 -7.33 -73.08 34.50
N PHE C 631 -8.52 -73.38 34.94
CA PHE C 631 -8.83 -73.40 36.34
C PHE C 631 -8.05 -74.48 37.07
N LYS C 632 -7.98 -75.65 36.45
CA LYS C 632 -7.26 -76.75 37.00
C LYS C 632 -5.81 -76.37 37.07
N ARG C 633 -5.31 -75.74 36.03
CA ARG C 633 -3.94 -75.33 35.98
C ARG C 633 -3.67 -74.29 37.04
N GLU C 634 -4.63 -73.41 37.25
CA GLU C 634 -4.54 -72.33 38.18
C GLU C 634 -4.81 -72.71 39.61
N GLY C 635 -5.04 -73.99 39.85
CA GLY C 635 -5.35 -74.44 41.17
C GLY C 635 -6.60 -73.84 41.73
N LYS C 636 -7.59 -73.70 40.87
CA LYS C 636 -8.82 -73.11 41.27
C LYS C 636 -10.01 -73.97 40.86
N PRO C 637 -11.09 -73.88 41.58
CA PRO C 637 -12.20 -74.77 41.32
C PRO C 637 -12.81 -74.70 39.96
N GLU C 638 -13.12 -75.85 39.43
CA GLU C 638 -13.73 -76.00 38.13
C GLU C 638 -15.22 -75.69 38.11
N LEU C 639 -15.79 -75.51 36.94
CA LEU C 639 -17.21 -75.25 36.87
C LEU C 639 -17.93 -76.43 36.31
N LYS C 640 -19.01 -76.75 36.97
CA LYS C 640 -19.82 -77.88 36.63
C LYS C 640 -20.40 -77.71 35.26
N LYS C 641 -20.85 -76.52 34.95
CA LYS C 641 -21.41 -76.29 33.68
C LYS C 641 -21.02 -74.95 33.15
N LEU C 642 -21.18 -74.80 31.84
CA LEU C 642 -20.83 -73.58 31.12
C LEU C 642 -21.58 -72.38 31.59
N ASP C 643 -22.83 -72.59 31.98
CA ASP C 643 -23.70 -71.55 32.44
C ASP C 643 -23.15 -70.94 33.70
N ASP C 644 -22.40 -71.71 34.47
CA ASP C 644 -21.85 -71.26 35.75
C ASP C 644 -20.74 -70.23 35.65
N LEU C 645 -20.25 -70.02 34.46
CA LEU C 645 -19.23 -69.03 34.25
C LEU C 645 -19.84 -67.67 34.41
N PRO C 646 -19.13 -66.77 35.02
CA PRO C 646 -19.67 -65.44 35.23
C PRO C 646 -19.61 -64.58 33.97
N LYS C 647 -20.45 -63.56 33.89
CA LYS C 647 -20.32 -62.60 32.78
C LYS C 647 -19.14 -61.64 33.04
N ASP C 648 -18.73 -61.59 34.29
CA ASP C 648 -17.64 -60.85 34.80
C ASP C 648 -16.34 -61.42 34.28
N TYR C 649 -16.32 -62.69 33.89
CA TYR C 649 -15.07 -63.30 33.45
C TYR C 649 -14.41 -62.55 32.34
N GLN C 650 -13.12 -62.31 32.55
CA GLN C 650 -12.31 -61.62 31.61
C GLN C 650 -11.44 -62.59 30.94
N GLU C 651 -11.52 -62.69 29.64
CA GLU C 651 -10.64 -63.56 28.92
C GLU C 651 -9.21 -63.06 29.05
N PRO C 652 -8.28 -63.96 29.20
CA PRO C 652 -6.89 -63.58 29.30
C PRO C 652 -6.37 -63.13 27.94
N ASP C 653 -5.37 -62.26 27.90
CA ASP C 653 -4.87 -61.75 26.66
C ASP C 653 -3.46 -62.19 26.48
N PRO C 654 -3.34 -63.29 25.80
CA PRO C 654 -2.06 -63.93 25.55
C PRO C 654 -1.11 -63.11 24.73
N TYR C 655 -1.58 -62.44 23.68
CA TYR C 655 -0.70 -61.62 22.92
C TYR C 655 -0.18 -60.51 23.79
N LEU C 656 -1.02 -59.89 24.59
CA LEU C 656 -0.55 -58.84 25.46
C LEU C 656 0.46 -59.32 26.51
N ASP C 657 0.19 -60.45 27.16
CA ASP C 657 1.07 -60.95 28.19
C ASP C 657 2.43 -61.29 27.64
N GLU C 658 2.42 -61.97 26.52
CA GLU C 658 3.63 -62.36 25.88
C GLU C 658 4.46 -61.16 25.46
N THR C 659 3.78 -60.14 24.97
CA THR C 659 4.40 -58.88 24.57
C THR C 659 5.01 -58.24 25.80
N VAL C 660 4.32 -58.39 26.92
CA VAL C 660 4.79 -57.89 28.20
C VAL C 660 6.09 -58.59 28.53
N ASN C 661 6.18 -59.88 28.23
CA ASN C 661 7.42 -60.59 28.48
C ASN C 661 8.48 -60.02 27.61
N ILE C 662 8.12 -59.75 26.39
CA ILE C 662 9.04 -59.24 25.39
C ILE C 662 9.63 -57.92 25.79
N ALA C 663 8.83 -57.07 26.40
CA ALA C 663 9.32 -55.77 26.83
C ALA C 663 10.39 -55.87 27.89
N LEU C 664 10.17 -56.75 28.84
CA LEU C 664 11.08 -56.99 29.94
C LEU C 664 12.41 -57.48 29.44
N ASP C 665 12.42 -58.35 28.46
CA ASP C 665 13.65 -58.79 27.94
C ASP C 665 14.37 -57.58 27.38
N LEU C 666 13.69 -56.74 26.63
CA LEU C 666 14.30 -55.55 26.04
C LEU C 666 14.79 -54.64 27.15
N ALA C 667 14.03 -54.51 28.22
CA ALA C 667 14.46 -53.70 29.35
C ALA C 667 15.62 -54.41 30.07
N LYS C 668 15.59 -55.72 30.04
CA LYS C 668 16.59 -56.58 30.61
C LYS C 668 17.84 -56.55 29.79
N LEU C 669 17.69 -56.68 28.47
CA LEU C 669 18.84 -56.69 27.56
C LEU C 669 19.36 -55.31 27.17
N GLU C 670 18.66 -54.28 27.62
CA GLU C 670 19.03 -52.93 27.33
C GLU C 670 20.37 -52.66 27.87
N LYS C 671 20.45 -52.83 29.17
CA LYS C 671 21.68 -52.56 29.91
C LYS C 671 22.86 -53.39 29.51
N ALA C 672 23.75 -52.82 28.73
CA ALA C 672 24.96 -53.51 28.37
C ALA C 672 26.07 -52.51 28.05
N ASP D 25 18.34 65.35 23.98
CA ASP D 25 18.59 64.53 25.15
C ASP D 25 20.00 63.98 25.09
N ILE D 26 20.51 63.72 23.90
CA ILE D 26 21.83 63.11 23.78
C ILE D 26 22.90 64.15 23.49
N THR D 27 23.94 64.12 24.29
CA THR D 27 25.01 65.07 24.16
C THR D 27 26.38 64.47 24.13
N ARG D 28 26.48 63.18 24.43
CA ARG D 28 27.76 62.51 24.46
C ARG D 28 27.82 61.23 23.64
N ALA D 29 29.02 60.78 23.36
CA ALA D 29 29.25 59.57 22.58
C ALA D 29 28.79 58.35 23.32
N ASP D 30 28.79 58.43 24.63
CA ASP D 30 28.36 57.28 25.43
C ASP D 30 26.87 57.18 25.61
N GLN D 31 26.18 58.10 24.98
CA GLN D 31 24.74 58.08 24.89
C GLN D 31 24.28 57.36 23.62
N ILE D 32 25.22 56.90 22.82
CA ILE D 32 24.91 56.18 21.62
C ILE D 32 24.97 54.74 22.06
N PRO D 33 23.87 54.04 21.92
CA PRO D 33 23.83 52.65 22.34
C PRO D 33 24.63 51.76 21.42
N VAL D 34 25.27 50.77 21.99
CA VAL D 34 26.02 49.84 21.22
C VAL D 34 25.03 48.85 20.65
N LEU D 35 24.89 48.81 19.33
CA LEU D 35 23.99 47.89 18.64
C LEU D 35 24.44 46.47 18.68
N LYS D 36 23.54 45.58 19.01
CA LYS D 36 23.91 44.19 19.12
C LYS D 36 22.98 43.32 18.31
N GLU D 37 23.53 42.34 17.62
CA GLU D 37 22.72 41.42 16.82
C GLU D 37 21.82 40.62 17.74
N GLU D 38 20.58 40.48 17.30
CA GLU D 38 19.57 39.75 18.03
C GLU D 38 19.85 38.25 18.01
N THR D 39 19.20 37.56 18.95
CA THR D 39 19.31 36.14 19.13
C THR D 39 18.86 35.33 17.92
N GLN D 40 17.83 35.76 17.23
CA GLN D 40 17.36 35.04 16.06
C GLN D 40 18.00 35.41 14.75
N HIS D 41 18.77 36.50 14.70
CA HIS D 41 19.38 36.99 13.47
C HIS D 41 20.34 36.05 12.79
N ALA D 42 21.11 35.32 13.55
CA ALA D 42 22.02 34.40 12.99
C ALA D 42 21.32 33.34 12.19
N THR D 43 20.24 32.86 12.72
CA THR D 43 19.45 31.88 12.10
C THR D 43 18.90 32.42 10.80
N VAL D 44 18.41 33.64 10.81
CA VAL D 44 17.89 34.29 9.64
C VAL D 44 18.93 34.47 8.56
N SER D 45 20.13 34.84 8.95
CA SER D 45 21.22 35.07 8.05
C SER D 45 21.51 33.81 7.28
N GLU D 46 21.56 32.73 8.00
CA GLU D 46 21.79 31.42 7.50
C GLU D 46 20.69 31.02 6.50
N ARG D 47 19.45 31.30 6.83
CA ARG D 47 18.33 31.01 5.99
C ARG D 47 18.33 31.82 4.69
N VAL D 48 18.63 33.10 4.77
CA VAL D 48 18.71 33.92 3.59
C VAL D 48 19.85 33.44 2.69
N THR D 49 20.96 33.10 3.33
CA THR D 49 22.14 32.64 2.67
C THR D 49 21.89 31.35 1.91
N SER D 50 21.14 30.43 2.49
CA SER D 50 20.85 29.16 1.84
C SER D 50 20.06 29.40 0.59
N ARG D 51 19.04 30.20 0.73
CA ARG D 51 18.21 30.52 -0.38
C ARG D 51 18.90 31.27 -1.50
N PHE D 52 19.61 32.33 -1.20
CA PHE D 52 20.30 33.12 -2.19
C PHE D 52 21.40 32.33 -2.92
N THR D 53 22.19 31.57 -2.19
CA THR D 53 23.25 30.74 -2.72
C THR D 53 22.88 29.49 -3.51
N ARG D 54 21.74 28.92 -3.26
CA ARG D 54 21.37 27.73 -3.94
C ARG D 54 20.30 27.88 -4.96
N SER D 55 19.46 28.84 -4.80
CA SER D 55 18.33 28.95 -5.65
C SER D 55 18.17 30.17 -6.48
N HIS D 56 19.10 31.08 -6.41
CA HIS D 56 19.00 32.24 -7.22
C HIS D 56 19.22 31.83 -8.65
N TYR D 57 18.59 32.59 -9.53
CA TYR D 57 18.71 32.43 -10.95
C TYR D 57 20.18 32.65 -11.32
N ARG D 58 20.79 33.59 -10.67
CA ARG D 58 22.18 33.85 -10.88
C ARG D 58 23.00 32.93 -9.99
N GLN D 59 23.78 32.10 -10.60
CA GLN D 59 24.59 31.18 -9.88
C GLN D 59 25.92 31.79 -9.61
N PHE D 60 26.12 32.20 -8.40
CA PHE D 60 27.30 32.82 -7.93
C PHE D 60 27.86 32.06 -6.75
N ASP D 61 29.11 32.21 -6.54
CA ASP D 61 29.71 31.58 -5.41
C ASP D 61 29.91 32.66 -4.38
N LEU D 62 29.54 32.41 -3.15
CA LEU D 62 29.76 33.37 -2.09
C LEU D 62 31.15 33.19 -1.53
N ASP D 63 32.13 33.48 -2.37
CA ASP D 63 33.54 33.39 -2.05
C ASP D 63 34.14 34.71 -1.59
N GLN D 64 35.45 34.76 -1.43
CA GLN D 64 36.11 35.95 -0.95
C GLN D 64 35.91 37.15 -1.86
N ALA D 65 35.92 36.94 -3.15
CA ALA D 65 35.73 38.00 -4.09
C ALA D 65 34.37 38.60 -3.98
N PHE D 66 33.36 37.76 -3.88
CA PHE D 66 31.98 38.21 -3.75
C PHE D 66 31.78 38.95 -2.46
N SER D 67 32.43 38.46 -1.45
CA SER D 67 32.35 38.99 -0.15
C SER D 67 32.87 40.43 -0.06
N ALA D 68 33.97 40.71 -0.75
CA ALA D 68 34.54 42.04 -0.82
C ALA D 68 33.61 43.01 -1.50
N LYS D 69 32.91 42.58 -2.53
CA LYS D 69 31.95 43.44 -3.18
C LYS D 69 30.80 43.79 -2.24
N ILE D 70 30.37 42.83 -1.44
CA ILE D 70 29.32 43.05 -0.50
C ILE D 70 29.77 44.11 0.48
N PHE D 71 31.01 44.05 0.91
CA PHE D 71 31.55 45.00 1.84
C PHE D 71 31.54 46.40 1.27
N ASP D 72 31.92 46.53 0.03
CA ASP D 72 31.92 47.78 -0.62
C ASP D 72 30.53 48.36 -0.71
N ARG D 73 29.57 47.52 -1.03
CA ARG D 73 28.17 47.88 -1.12
C ARG D 73 27.62 48.32 0.24
N TYR D 74 28.02 47.64 1.29
CA TYR D 74 27.57 47.97 2.62
C TYR D 74 28.04 49.34 3.04
N LEU D 75 29.27 49.69 2.69
CA LEU D 75 29.83 50.99 3.01
C LEU D 75 29.05 52.08 2.32
N ASN D 76 28.70 51.90 1.07
CA ASN D 76 27.90 52.89 0.40
C ASN D 76 26.53 53.00 1.06
N LEU D 77 25.96 51.91 1.52
CA LEU D 77 24.67 52.00 2.18
C LEU D 77 24.80 52.78 3.46
N LEU D 78 25.86 52.47 4.19
CA LEU D 78 26.22 53.10 5.43
C LEU D 78 26.53 54.62 5.35
N ASP D 79 27.22 55.05 4.29
CA ASP D 79 27.61 56.44 4.07
C ASP D 79 27.49 56.81 2.59
N TYR D 80 26.30 57.03 2.10
CA TYR D 80 26.12 57.23 0.68
C TYR D 80 26.90 58.37 0.12
N SER D 81 26.82 59.49 0.82
CA SER D 81 27.58 60.70 0.54
C SER D 81 28.83 60.38 1.34
N HIS D 82 30.00 60.41 0.70
CA HIS D 82 31.15 59.91 1.42
C HIS D 82 31.61 60.92 2.47
N ASN D 83 30.71 61.12 3.42
CA ASN D 83 30.77 62.10 4.46
C ASN D 83 31.07 61.83 5.90
N VAL D 84 31.06 60.59 6.29
CA VAL D 84 31.16 60.33 7.68
C VAL D 84 32.29 59.49 8.14
N LEU D 85 32.66 58.55 7.32
CA LEU D 85 33.72 57.66 7.68
C LEU D 85 35.02 58.12 7.13
N LEU D 86 36.05 57.87 7.87
CA LEU D 86 37.33 58.22 7.38
C LEU D 86 37.90 57.06 6.64
N ALA D 87 38.80 57.40 5.74
CA ALA D 87 39.48 56.45 4.95
C ALA D 87 40.21 55.49 5.86
N SER D 88 40.68 55.97 6.98
CA SER D 88 41.31 55.10 7.94
C SER D 88 40.29 54.15 8.53
N ASP D 89 39.05 54.59 8.68
CA ASP D 89 38.01 53.71 9.16
C ASP D 89 37.78 52.63 8.11
N VAL D 90 37.65 53.02 6.85
CA VAL D 90 37.40 52.09 5.82
C VAL D 90 38.52 51.09 5.70
N GLU D 91 39.72 51.57 5.66
CA GLU D 91 40.87 50.73 5.55
C GLU D 91 41.13 49.78 6.71
N GLN D 92 40.71 50.16 7.89
CA GLN D 92 40.88 49.32 9.04
C GLN D 92 40.06 48.07 8.84
N PHE D 93 38.83 48.30 8.43
CA PHE D 93 37.81 47.31 8.11
C PHE D 93 37.99 46.47 6.89
N ALA D 94 38.65 47.02 5.90
CA ALA D 94 38.90 46.37 4.61
C ALA D 94 39.79 45.16 4.78
N LYS D 95 40.51 45.16 5.87
CA LYS D 95 41.36 44.05 6.20
C LYS D 95 40.52 42.78 6.41
N LYS D 96 39.28 42.93 6.78
CA LYS D 96 38.44 41.76 6.93
C LYS D 96 37.26 41.71 5.95
N LYS D 97 37.39 42.44 4.88
CA LYS D 97 36.41 42.48 3.81
C LYS D 97 36.05 41.20 3.08
N THR D 98 36.92 40.23 3.10
CA THR D 98 36.65 38.97 2.46
C THR D 98 36.08 37.94 3.41
N GLU D 99 35.87 38.34 4.65
CA GLU D 99 35.34 37.51 5.72
C GLU D 99 33.82 37.51 5.78
N LEU D 100 33.19 38.31 4.94
CA LEU D 100 31.77 38.49 4.95
C LEU D 100 30.98 37.24 4.65
N GLY D 101 31.48 36.41 3.75
CA GLY D 101 30.86 35.17 3.38
C GLY D 101 30.79 34.21 4.51
N ASP D 102 31.87 34.08 5.25
CA ASP D 102 31.91 33.21 6.39
C ASP D 102 30.91 33.69 7.44
N GLU D 103 30.80 35.01 7.57
CA GLU D 103 29.90 35.62 8.54
C GLU D 103 28.44 35.33 8.20
N LEU D 104 28.07 35.56 6.95
CA LEU D 104 26.71 35.31 6.53
C LEU D 104 26.32 33.85 6.72
N ARG D 105 27.19 32.93 6.37
CA ARG D 105 26.92 31.53 6.53
C ARG D 105 26.74 31.24 8.00
N SER D 106 27.62 31.75 8.83
CA SER D 106 27.56 31.60 10.27
C SER D 106 26.47 32.35 10.96
N GLY D 107 26.19 33.53 10.45
CA GLY D 107 25.23 34.43 11.02
C GLY D 107 25.79 35.29 12.11
N LYS D 108 27.07 35.16 12.41
CA LYS D 108 27.73 35.99 13.39
C LYS D 108 28.23 37.21 12.64
N LEU D 109 27.38 38.20 12.51
CA LEU D 109 27.65 39.38 11.73
C LEU D 109 28.43 40.52 12.38
N ASP D 110 29.60 40.22 12.94
CA ASP D 110 30.39 41.22 13.63
C ASP D 110 30.88 42.39 12.83
N VAL D 111 31.47 42.18 11.66
CA VAL D 111 31.90 43.32 10.89
C VAL D 111 30.77 44.18 10.43
N PHE D 112 29.63 43.62 10.07
CA PHE D 112 28.52 44.44 9.67
C PHE D 112 28.14 45.29 10.88
N TYR D 113 28.08 44.66 12.04
CA TYR D 113 27.75 45.32 13.29
C TYR D 113 28.78 46.31 13.83
N ASP D 114 30.04 45.89 13.82
CA ASP D 114 31.13 46.72 14.29
C ASP D 114 31.20 47.96 13.42
N LEU D 115 31.05 47.79 12.12
CA LEU D 115 31.04 48.90 11.21
C LEU D 115 29.89 49.83 11.38
N TYR D 116 28.72 49.29 11.63
CA TYR D 116 27.56 50.12 11.81
C TYR D 116 27.74 50.98 13.04
N ASN D 117 28.25 50.37 14.09
CA ASN D 117 28.45 51.04 15.35
C ASN D 117 29.42 52.20 15.19
N LEU D 118 30.52 51.98 14.50
CA LEU D 118 31.50 53.00 14.26
C LEU D 118 30.83 54.09 13.48
N ALA D 119 29.97 53.74 12.53
CA ALA D 119 29.28 54.73 11.73
C ALA D 119 28.37 55.60 12.55
N GLN D 120 27.82 55.03 13.59
CA GLN D 120 26.94 55.76 14.45
C GLN D 120 27.68 56.87 15.17
N LYS D 121 28.81 56.53 15.74
CA LYS D 121 29.64 57.46 16.45
C LYS D 121 30.12 58.54 15.51
N ARG D 122 30.49 58.15 14.32
CA ARG D 122 30.93 59.08 13.30
C ARG D 122 29.85 60.03 12.86
N ARG D 123 28.63 59.58 12.82
CA ARG D 123 27.49 60.38 12.45
C ARG D 123 27.23 61.42 13.51
N PHE D 124 27.34 60.97 14.73
CA PHE D 124 27.13 61.77 15.90
C PHE D 124 28.21 62.84 15.96
N GLU D 125 29.43 62.42 15.69
CA GLU D 125 30.55 63.30 15.67
C GLU D 125 30.35 64.32 14.62
N ARG D 126 29.86 63.92 13.50
CA ARG D 126 29.64 64.83 12.43
C ARG D 126 28.58 65.85 12.71
N TYR D 127 27.45 65.40 13.25
CA TYR D 127 26.32 66.28 13.53
C TYR D 127 26.68 67.28 14.61
N GLN D 128 27.38 66.81 15.62
CA GLN D 128 27.79 67.64 16.71
C GLN D 128 28.69 68.73 16.15
N TYR D 129 29.53 68.38 15.20
CA TYR D 129 30.42 69.33 14.58
C TYR D 129 29.62 70.38 13.85
N ALA D 130 28.57 69.95 13.18
CA ALA D 130 27.70 70.85 12.42
C ALA D 130 26.94 71.81 13.29
N LEU D 131 26.78 71.40 14.53
CA LEU D 131 26.11 72.20 15.51
C LEU D 131 26.94 73.45 15.75
N SER D 132 28.26 73.27 15.79
CA SER D 132 29.20 74.33 15.92
C SER D 132 29.22 75.26 14.74
N VAL D 133 29.26 74.70 13.56
CA VAL D 133 29.40 75.50 12.37
C VAL D 133 28.29 76.49 12.17
N LEU D 134 27.10 76.07 12.59
CA LEU D 134 25.90 76.89 12.45
C LEU D 134 26.03 78.18 13.25
N GLU D 135 26.65 78.08 14.43
CA GLU D 135 26.84 79.24 15.27
C GLU D 135 27.75 80.25 14.60
N LYS D 136 28.74 79.79 13.86
CA LYS D 136 29.65 80.69 13.19
C LYS D 136 28.81 81.46 12.23
N PRO D 137 29.00 82.76 12.22
CA PRO D 137 28.15 83.61 11.43
C PRO D 137 28.78 83.72 10.13
N MET D 138 28.09 83.18 9.18
CA MET D 138 28.52 83.26 7.83
C MET D 138 27.31 83.40 6.99
N ASP D 139 27.35 84.35 6.07
CA ASP D 139 26.27 84.56 5.10
C ASP D 139 27.08 84.70 3.86
N PHE D 140 26.88 83.88 2.84
CA PHE D 140 27.76 84.09 1.75
C PHE D 140 27.45 84.42 0.31
N THR D 141 28.34 85.28 -0.18
CA THR D 141 28.35 85.87 -1.49
C THR D 141 29.48 85.45 -2.40
N GLY D 142 30.12 84.34 -2.11
CA GLY D 142 31.18 83.81 -2.93
C GLY D 142 30.61 83.08 -4.15
N ASN D 143 31.45 82.46 -4.94
CA ASN D 143 30.93 81.74 -6.08
C ASN D 143 31.08 80.22 -5.90
N ASP D 144 31.49 79.79 -4.70
CA ASP D 144 31.77 78.38 -4.39
C ASP D 144 30.56 77.50 -4.56
N THR D 145 30.80 76.29 -5.04
CA THR D 145 29.76 75.34 -5.39
C THR D 145 29.67 74.07 -4.58
N TYR D 146 28.53 73.42 -4.72
CA TYR D 146 28.24 72.19 -4.03
C TYR D 146 27.83 71.12 -5.06
N ASN D 147 28.34 69.92 -4.86
CA ASN D 147 28.07 68.78 -5.73
C ASN D 147 27.20 67.82 -4.98
N LEU D 148 26.15 67.34 -5.60
CA LEU D 148 25.26 66.44 -4.92
C LEU D 148 25.62 64.98 -5.02
N ASP D 149 26.44 64.66 -5.97
CA ASP D 149 26.86 63.32 -6.10
C ASP D 149 28.23 63.13 -5.56
N ARG D 150 28.26 62.67 -4.34
CA ARG D 150 29.49 62.32 -3.69
C ARG D 150 29.63 60.79 -3.64
N SER D 151 28.89 60.12 -4.50
CA SER D 151 28.81 58.69 -4.52
C SER D 151 30.11 58.01 -4.73
N LYS D 152 30.93 58.55 -5.60
CA LYS D 152 32.22 57.98 -5.85
C LYS D 152 33.39 58.76 -5.31
N ALA D 153 33.14 59.74 -4.47
CA ALA D 153 34.22 60.52 -3.91
C ALA D 153 35.06 59.69 -2.98
N PRO D 154 36.33 59.99 -2.98
CA PRO D 154 37.24 59.30 -2.10
C PRO D 154 36.90 59.66 -0.67
N TRP D 155 37.11 58.73 0.24
CA TRP D 155 36.80 58.98 1.65
C TRP D 155 37.68 60.11 2.20
N PRO D 156 37.14 60.84 3.14
CA PRO D 156 37.90 61.92 3.70
C PRO D 156 39.16 61.36 4.32
N LYS D 157 40.26 61.96 3.91
CA LYS D 157 41.59 61.63 4.35
C LYS D 157 41.85 61.95 5.81
N ASN D 158 41.26 63.00 6.28
CA ASN D 158 41.48 63.41 7.64
C ASN D 158 40.34 64.17 8.20
N GLU D 159 40.46 64.52 9.45
CA GLU D 159 39.42 65.24 10.12
C GLU D 159 39.21 66.57 9.48
N ALA D 160 40.26 67.13 8.94
CA ALA D 160 40.17 68.42 8.32
C ALA D 160 39.25 68.34 7.16
N GLU D 161 39.42 67.30 6.37
CA GLU D 161 38.59 67.09 5.21
C GLU D 161 37.15 66.90 5.63
N LEU D 162 36.96 66.16 6.71
CA LEU D 162 35.64 65.88 7.21
C LEU D 162 34.92 67.12 7.64
N ASN D 163 35.59 67.95 8.42
CA ASN D 163 35.01 69.20 8.86
C ASN D 163 34.75 70.07 7.67
N ALA D 164 35.68 70.08 6.75
CA ALA D 164 35.52 70.90 5.59
C ALA D 164 34.30 70.48 4.78
N LEU D 165 34.08 69.19 4.62
CA LEU D 165 32.92 68.74 3.88
C LEU D 165 31.64 69.13 4.59
N TRP D 166 31.64 68.97 5.89
CA TRP D 166 30.53 69.34 6.70
C TRP D 166 30.36 70.85 6.78
N ASP D 167 31.46 71.61 6.70
CA ASP D 167 31.36 73.05 6.64
C ASP D 167 30.58 73.34 5.37
N SER D 168 30.96 72.67 4.30
CA SER D 168 30.32 72.81 3.03
C SER D 168 28.88 72.38 3.09
N LYS D 169 28.61 71.31 3.82
CA LYS D 169 27.26 70.80 3.92
C LYS D 169 26.31 71.75 4.60
N VAL D 170 26.72 72.26 5.76
CA VAL D 170 25.88 73.16 6.53
C VAL D 170 25.61 74.44 5.78
N LYS D 171 26.55 74.83 4.97
CA LYS D 171 26.40 76.00 4.17
C LYS D 171 25.26 75.75 3.23
N PHE D 172 25.25 74.58 2.63
CA PHE D 172 24.24 74.29 1.64
C PHE D 172 22.86 74.37 2.22
N ASP D 173 22.72 73.80 3.39
CA ASP D 173 21.44 73.79 4.06
C ASP D 173 20.94 75.16 4.47
N GLU D 174 21.78 75.93 5.14
CA GLU D 174 21.36 77.25 5.56
C GLU D 174 21.03 78.05 4.34
N LEU D 175 21.83 77.90 3.32
CA LEU D 175 21.60 78.64 2.12
C LEU D 175 20.27 78.31 1.54
N SER D 176 19.88 77.06 1.57
CA SER D 176 18.61 76.67 1.00
C SER D 176 17.42 77.25 1.72
N LEU D 177 17.54 77.37 3.04
CA LEU D 177 16.47 77.92 3.86
C LEU D 177 16.41 79.42 3.64
N LYS D 178 17.59 80.04 3.57
CA LYS D 178 17.68 81.48 3.34
C LYS D 178 17.01 81.80 2.01
N LEU D 179 17.10 80.86 1.08
CA LEU D 179 16.51 81.03 -0.25
C LEU D 179 15.00 81.07 -0.19
N THR D 180 14.46 80.59 0.93
CA THR D 180 13.04 80.63 1.17
C THR D 180 12.82 82.08 1.57
N GLY D 181 13.77 82.59 2.36
CA GLY D 181 13.78 83.96 2.78
C GLY D 181 13.54 84.15 4.26
N LYS D 182 14.32 83.50 5.13
CA LYS D 182 14.01 83.76 6.46
C LYS D 182 15.01 84.67 7.05
N THR D 183 15.18 84.52 8.35
CA THR D 183 16.19 85.28 9.01
C THR D 183 17.43 84.44 9.02
N ASP D 184 18.28 84.72 9.96
CA ASP D 184 19.50 83.94 10.13
C ASP D 184 19.39 83.16 11.45
N LYS D 185 18.67 83.74 12.41
CA LYS D 185 18.42 83.12 13.67
C LYS D 185 17.35 82.04 13.45
N GLU D 186 16.46 82.23 12.49
CA GLU D 186 15.45 81.26 12.21
C GLU D 186 16.15 80.00 11.72
N ILE D 187 16.75 80.18 10.54
CA ILE D 187 17.54 79.24 9.80
C ILE D 187 18.39 78.52 10.79
N ARG D 188 18.91 79.25 11.75
CA ARG D 188 19.62 78.54 12.77
C ARG D 188 18.66 77.69 13.57
N GLU D 189 17.52 78.28 13.90
CA GLU D 189 16.56 77.54 14.68
C GLU D 189 16.05 76.33 13.92
N THR D 190 15.70 76.52 12.65
CA THR D 190 15.20 75.43 11.85
C THR D 190 16.21 74.31 11.69
N LEU D 191 17.44 74.67 11.33
CA LEU D 191 18.51 73.69 11.14
C LEU D 191 18.87 73.04 12.47
N THR D 192 18.80 73.81 13.55
CA THR D 192 19.12 73.30 14.88
C THR D 192 18.22 72.12 15.21
N ARG D 193 16.92 72.26 14.95
CA ARG D 193 15.97 71.20 15.23
C ARG D 193 16.23 70.00 14.32
N ARG D 194 16.83 70.26 13.16
CA ARG D 194 17.14 69.21 12.21
C ARG D 194 18.35 68.43 12.60
N TYR D 195 19.44 69.09 12.87
CA TYR D 195 20.60 68.36 13.25
C TYR D 195 20.36 67.64 14.54
N LYS D 196 19.60 68.25 15.42
CA LYS D 196 19.29 67.61 16.70
C LYS D 196 18.41 66.37 16.55
N PHE D 197 17.47 66.46 15.62
CA PHE D 197 16.55 65.38 15.32
C PHE D 197 17.31 64.18 14.82
N ALA D 198 18.27 64.44 13.95
CA ALA D 198 19.12 63.47 13.36
C ALA D 198 19.88 62.77 14.43
N ILE D 199 20.25 63.51 15.46
CA ILE D 199 20.96 62.90 16.55
C ILE D 199 20.11 61.94 17.33
N ARG D 200 18.85 62.31 17.49
CA ARG D 200 17.86 61.50 18.20
C ARG D 200 17.60 60.21 17.45
N ARG D 201 17.53 60.32 16.15
CA ARG D 201 17.29 59.18 15.32
C ARG D 201 18.41 58.16 15.54
N LEU D 202 19.64 58.60 15.66
CA LEU D 202 20.75 57.71 15.86
C LEU D 202 20.62 56.93 17.12
N ALA D 203 20.15 57.56 18.17
CA ALA D 203 20.00 56.89 19.44
C ALA D 203 18.85 55.93 19.49
N GLN D 204 17.96 56.06 18.53
CA GLN D 204 16.79 55.23 18.38
C GLN D 204 17.01 54.02 17.46
N THR D 205 18.20 53.87 16.91
CA THR D 205 18.52 52.81 15.97
C THR D 205 18.38 51.41 16.58
N ASN D 206 17.93 50.51 15.74
CA ASN D 206 17.66 49.12 16.03
C ASN D 206 18.72 48.19 15.64
N SER D 207 18.70 47.03 16.28
CA SER D 207 19.53 45.94 15.88
C SER D 207 19.07 45.52 14.50
N GLU D 208 17.76 45.58 14.31
CA GLU D 208 17.07 45.25 13.08
C GLU D 208 17.45 46.18 11.97
N ASP D 209 17.68 47.43 12.30
CA ASP D 209 18.05 48.40 11.32
C ASP D 209 19.35 47.92 10.69
N VAL D 210 20.30 47.50 11.50
CA VAL D 210 21.53 46.99 10.98
C VAL D 210 21.40 45.68 10.22
N PHE D 211 20.65 44.74 10.75
CA PHE D 211 20.46 43.45 10.13
C PHE D 211 19.80 43.58 8.79
N SER D 212 18.81 44.43 8.67
CA SER D 212 18.17 44.65 7.40
C SER D 212 19.13 45.21 6.41
N LEU D 213 19.94 46.16 6.83
CA LEU D 213 20.91 46.77 5.97
C LEU D 213 21.97 45.80 5.46
N ALA D 214 22.47 44.95 6.31
CA ALA D 214 23.45 43.96 5.94
C ALA D 214 22.91 42.98 4.92
N MET D 215 21.69 42.54 5.09
CA MET D 215 21.05 41.65 4.16
C MET D 215 20.85 42.31 2.84
N THR D 216 20.49 43.57 2.85
CA THR D 216 20.32 44.28 1.60
C THR D 216 21.61 44.46 0.77
N ALA D 217 22.73 44.57 1.46
CA ALA D 217 24.00 44.69 0.83
C ALA D 217 24.31 43.43 0.08
N PHE D 218 24.00 42.31 0.71
CA PHE D 218 24.12 41.00 0.16
C PHE D 218 23.16 40.75 -1.00
N ALA D 219 21.89 41.04 -0.80
CA ALA D 219 20.89 40.81 -1.80
C ALA D 219 21.12 41.59 -3.08
N ARG D 220 21.41 42.87 -2.95
CA ARG D 220 21.64 43.75 -4.07
C ARG D 220 22.89 43.50 -4.82
N GLU D 221 23.82 42.83 -4.18
CA GLU D 221 25.02 42.46 -4.84
C GLU D 221 24.73 41.43 -5.90
N ILE D 222 23.79 40.53 -5.61
CA ILE D 222 23.39 39.52 -6.54
C ILE D 222 22.69 40.03 -7.78
N ASP D 223 21.62 40.76 -7.57
CA ASP D 223 20.84 41.46 -8.60
C ASP D 223 19.94 42.55 -8.02
N PRO D 224 19.48 43.43 -8.87
CA PRO D 224 18.69 44.58 -8.47
C PRO D 224 17.32 44.30 -7.88
N HIS D 225 16.78 43.14 -8.13
CA HIS D 225 15.47 42.77 -7.63
C HIS D 225 15.44 41.78 -6.53
N THR D 226 16.52 41.59 -5.84
CA THR D 226 16.61 40.63 -4.79
C THR D 226 16.68 41.32 -3.48
N ASN D 227 15.85 40.90 -2.55
CA ASN D 227 15.74 41.52 -1.25
C ASN D 227 15.49 40.65 -0.05
N TYR D 228 15.80 41.21 1.10
CA TYR D 228 15.43 40.66 2.37
C TYR D 228 14.44 41.66 2.96
N LEU D 229 13.40 41.12 3.54
CA LEU D 229 12.44 41.92 4.17
C LEU D 229 12.39 41.48 5.58
N SER D 230 12.47 42.46 6.44
CA SER D 230 12.31 42.24 7.84
C SER D 230 10.83 41.93 8.13
N PRO D 231 10.57 41.50 9.33
CA PRO D 231 9.22 41.09 9.68
C PRO D 231 8.25 42.17 9.47
N ARG D 232 8.57 43.39 9.88
CA ARG D 232 7.71 44.49 9.65
C ARG D 232 7.54 44.81 8.17
N ASN D 233 8.61 44.75 7.41
CA ASN D 233 8.58 45.01 5.98
C ASN D 233 7.82 44.01 5.16
N THR D 234 7.89 42.78 5.60
CA THR D 234 7.21 41.66 5.00
C THR D 234 5.72 41.91 5.11
N GLU D 235 5.30 42.36 6.30
CA GLU D 235 3.91 42.64 6.60
C GLU D 235 3.42 43.71 5.72
N GLN D 236 4.23 44.72 5.53
CA GLN D 236 3.89 45.81 4.67
C GLN D 236 3.74 45.42 3.22
N PHE D 237 4.64 44.59 2.74
CA PHE D 237 4.58 44.15 1.38
C PHE D 237 3.33 43.32 1.12
N ASN D 238 2.97 42.50 2.06
CA ASN D 238 1.77 41.68 1.96
C ASN D 238 0.56 42.58 1.88
N THR D 239 0.55 43.63 2.67
CA THR D 239 -0.52 44.59 2.66
C THR D 239 -0.65 45.28 1.32
N GLU D 240 0.45 45.67 0.73
CA GLU D 240 0.43 46.29 -0.57
C GLU D 240 -0.05 45.34 -1.61
N MET D 241 0.33 44.08 -1.46
CA MET D 241 -0.14 43.07 -2.36
C MET D 241 -1.63 42.73 -2.24
N SER D 242 -2.14 42.74 -1.02
CA SER D 242 -3.52 42.39 -0.76
C SER D 242 -4.51 43.49 -0.61
N LEU D 243 -4.04 44.71 -0.51
CA LEU D 243 -4.84 45.91 -0.28
C LEU D 243 -5.47 45.89 1.07
N SER D 244 -4.88 45.20 2.01
CA SER D 244 -5.47 45.13 3.28
C SER D 244 -4.57 44.96 4.49
N LEU D 245 -5.05 45.42 5.61
CA LEU D 245 -4.29 45.32 6.82
C LEU D 245 -5.15 45.02 8.00
N GLU D 246 -4.56 44.43 9.02
CA GLU D 246 -5.31 44.13 10.20
C GLU D 246 -4.88 44.96 11.37
N GLY D 247 -5.81 45.78 11.86
CA GLY D 247 -5.58 46.70 12.95
C GLY D 247 -6.76 47.61 13.20
N ILE D 248 -6.50 48.87 13.48
CA ILE D 248 -7.53 49.85 13.74
C ILE D 248 -7.86 50.86 12.67
N GLY D 249 -7.24 50.80 11.52
CA GLY D 249 -7.49 51.79 10.51
C GLY D 249 -7.15 53.24 10.78
N ALA D 250 -6.00 53.51 11.34
CA ALA D 250 -5.55 54.87 11.56
C ALA D 250 -4.11 55.13 11.07
N VAL D 251 -3.93 56.23 10.37
CA VAL D 251 -2.62 56.62 9.86
C VAL D 251 -1.90 57.45 10.91
N LEU D 252 -0.75 56.99 11.35
CA LEU D 252 -0.01 57.64 12.42
C LEU D 252 1.27 58.41 12.05
N GLN D 253 1.41 59.58 12.64
CA GLN D 253 2.54 60.48 12.43
C GLN D 253 3.23 60.71 13.75
N MET D 254 4.56 60.80 13.78
CA MET D 254 5.22 61.05 15.06
C MET D 254 5.76 62.47 15.11
N ASP D 255 5.33 63.24 16.11
CA ASP D 255 5.82 64.60 16.30
C ASP D 255 6.52 64.63 17.62
N ASP D 256 7.83 64.79 17.59
CA ASP D 256 8.63 64.78 18.80
C ASP D 256 8.45 63.43 19.46
N ASP D 257 8.05 63.41 20.70
CA ASP D 257 7.90 62.18 21.43
C ASP D 257 6.48 61.58 21.33
N TYR D 258 5.61 62.19 20.56
CA TYR D 258 4.25 61.75 20.54
C TYR D 258 3.72 61.20 19.27
N THR D 259 2.98 60.11 19.43
CA THR D 259 2.35 59.47 18.32
C THR D 259 1.03 60.18 18.17
N VAL D 260 0.83 60.85 17.05
CA VAL D 260 -0.37 61.60 16.77
C VAL D 260 -1.16 60.93 15.69
N ILE D 261 -2.49 61.01 15.76
CA ILE D 261 -3.28 60.39 14.73
C ILE D 261 -3.56 61.39 13.65
N ASN D 262 -2.97 61.17 12.48
CA ASN D 262 -3.18 62.02 11.32
C ASN D 262 -4.52 61.96 10.62
N SER D 263 -5.03 60.74 10.46
CA SER D 263 -6.29 60.47 9.80
C SER D 263 -6.85 59.08 10.12
N MET D 264 -8.12 58.86 9.81
CA MET D 264 -8.75 57.60 10.08
C MET D 264 -9.38 57.01 8.84
N VAL D 265 -9.11 55.75 8.60
CA VAL D 265 -9.67 55.10 7.44
C VAL D 265 -11.18 54.94 7.59
N ALA D 266 -11.91 55.35 6.59
CA ALA D 266 -13.34 55.27 6.57
C ALA D 266 -13.80 53.81 6.60
N GLY D 267 -14.71 53.53 7.52
CA GLY D 267 -15.24 52.21 7.73
C GLY D 267 -14.42 51.38 8.68
N GLY D 268 -13.28 51.90 9.06
CA GLY D 268 -12.34 51.30 9.97
C GLY D 268 -12.72 51.44 11.43
N PRO D 269 -12.06 50.70 12.28
CA PRO D 269 -12.40 50.70 13.71
C PRO D 269 -12.26 51.99 14.47
N ALA D 270 -11.17 52.72 14.31
CA ALA D 270 -10.99 53.98 14.99
C ALA D 270 -12.03 55.00 14.58
N ALA D 271 -12.30 55.10 13.29
CA ALA D 271 -13.30 55.99 12.72
C ALA D 271 -14.73 55.68 13.11
N LYS D 272 -15.10 54.42 13.06
CA LYS D 272 -16.47 54.00 13.40
C LYS D 272 -16.78 54.13 14.89
N SER D 273 -15.75 54.06 15.72
CA SER D 273 -15.92 54.15 17.15
C SER D 273 -16.51 55.43 17.73
N LYS D 274 -16.18 56.56 17.12
CA LYS D 274 -16.60 57.91 17.51
C LYS D 274 -16.00 58.35 18.83
N ALA D 275 -14.97 57.66 19.24
CA ALA D 275 -14.24 57.91 20.46
C ALA D 275 -12.79 58.30 20.20
N ILE D 276 -12.45 58.50 18.96
CA ILE D 276 -11.11 58.89 18.61
C ILE D 276 -11.19 59.93 17.52
N SER D 277 -10.32 60.92 17.59
CA SER D 277 -10.30 62.01 16.62
C SER D 277 -8.94 62.34 16.11
N VAL D 278 -8.92 63.03 14.97
CA VAL D 278 -7.72 63.49 14.33
C VAL D 278 -7.07 64.43 15.31
N GLY D 279 -5.77 64.32 15.45
CA GLY D 279 -5.05 65.16 16.36
C GLY D 279 -4.91 64.59 17.74
N ASP D 280 -5.62 63.52 18.04
CA ASP D 280 -5.50 62.83 19.29
C ASP D 280 -4.11 62.20 19.38
N LYS D 281 -3.62 62.00 20.58
CA LYS D 281 -2.31 61.43 20.79
C LYS D 281 -2.32 60.12 21.55
N ILE D 282 -1.56 59.15 21.10
CA ILE D 282 -1.54 57.88 21.74
C ILE D 282 -0.27 57.76 22.54
N VAL D 283 -0.42 57.82 23.84
CA VAL D 283 0.65 57.71 24.79
C VAL D 283 0.71 56.34 25.46
N GLY D 284 -0.33 55.55 25.30
CA GLY D 284 -0.40 54.23 25.87
C GLY D 284 -0.97 53.17 24.95
N VAL D 285 -0.45 51.97 25.00
CA VAL D 285 -0.99 50.88 24.22
C VAL D 285 -1.15 49.65 25.10
N GLY D 286 -2.31 49.05 25.09
CA GLY D 286 -2.51 47.90 25.92
C GLY D 286 -3.05 46.63 25.29
N GLN D 287 -2.35 45.55 25.52
CA GLN D 287 -2.77 44.24 25.05
C GLN D 287 -3.82 43.70 26.03
N THR D 288 -4.61 42.74 25.60
CA THR D 288 -5.77 42.31 26.34
C THR D 288 -5.63 41.86 27.77
N GLY D 289 -4.66 41.06 28.10
CA GLY D 289 -4.54 40.69 29.49
C GLY D 289 -3.34 41.29 30.16
N LYS D 290 -2.87 42.39 29.63
CA LYS D 290 -1.66 43.01 30.07
C LYS D 290 -1.81 44.47 30.34
N PRO D 291 -0.78 45.05 30.90
CA PRO D 291 -0.81 46.47 31.26
C PRO D 291 -0.71 47.41 30.09
N MET D 292 -1.11 48.65 30.31
CA MET D 292 -1.04 49.69 29.34
C MET D 292 0.42 50.06 29.30
N VAL D 293 1.01 50.02 28.14
CA VAL D 293 2.41 50.33 28.01
C VAL D 293 2.60 51.75 27.52
N ASP D 294 3.38 52.52 28.28
CA ASP D 294 3.65 53.89 27.95
C ASP D 294 4.54 53.86 26.76
N VAL D 295 4.16 54.58 25.72
CA VAL D 295 4.93 54.63 24.50
C VAL D 295 5.38 56.00 24.09
N ILE D 296 5.47 56.91 25.06
CA ILE D 296 5.88 58.28 24.79
C ILE D 296 7.26 58.34 24.15
N GLY D 297 8.23 57.70 24.79
CA GLY D 297 9.59 57.69 24.29
C GLY D 297 9.88 56.57 23.32
N TRP D 298 9.04 56.44 22.29
CA TRP D 298 9.23 55.41 21.30
C TRP D 298 9.34 55.73 19.83
N ARG D 299 9.96 54.82 19.09
CA ARG D 299 10.04 54.86 17.63
C ARG D 299 8.64 54.62 17.08
N LEU D 300 8.32 55.16 15.92
CA LEU D 300 6.98 55.00 15.38
C LEU D 300 6.63 53.55 15.09
N ASP D 301 7.54 52.84 14.47
CA ASP D 301 7.28 51.48 14.13
C ASP D 301 7.06 50.58 15.35
N ASP D 302 7.73 50.82 16.45
CA ASP D 302 7.52 50.02 17.63
C ASP D 302 6.10 50.20 18.16
N VAL D 303 5.58 51.41 18.09
CA VAL D 303 4.23 51.73 18.49
C VAL D 303 3.15 51.14 17.58
N VAL D 304 3.34 51.26 16.27
CA VAL D 304 2.42 50.75 15.27
C VAL D 304 2.31 49.22 15.43
N ALA D 305 3.42 48.59 15.76
CA ALA D 305 3.45 47.18 15.98
C ALA D 305 2.56 46.77 17.15
N LEU D 306 2.56 47.52 18.22
CA LEU D 306 1.68 47.24 19.32
C LEU D 306 0.21 47.43 18.96
N ILE D 307 -0.08 48.45 18.17
CA ILE D 307 -1.43 48.77 17.76
C ILE D 307 -2.08 47.77 16.84
N LYS D 308 -1.34 47.36 15.84
CA LYS D 308 -1.79 46.37 14.87
C LYS D 308 -1.89 45.01 15.49
N GLY D 309 -2.82 44.24 14.97
CA GLY D 309 -3.04 42.91 15.46
C GLY D 309 -4.07 42.15 14.69
N PRO D 310 -4.24 40.91 15.09
CA PRO D 310 -5.20 40.03 14.44
C PRO D 310 -6.61 40.51 14.63
N LYS D 311 -7.37 40.45 13.55
CA LYS D 311 -8.73 40.89 13.53
C LYS D 311 -9.52 40.11 14.55
N GLY D 312 -10.41 40.81 15.23
CA GLY D 312 -11.22 40.26 16.29
C GLY D 312 -10.60 40.38 17.66
N SER D 313 -9.34 40.73 17.64
CA SER D 313 -8.51 41.01 18.79
C SER D 313 -8.86 42.41 19.34
N LYS D 314 -8.49 42.66 20.59
CA LYS D 314 -8.76 43.93 21.19
C LYS D 314 -7.51 44.68 21.58
N VAL D 315 -7.55 45.97 21.41
CA VAL D 315 -6.46 46.80 21.83
C VAL D 315 -7.01 48.00 22.57
N ARG D 316 -6.36 48.37 23.65
CA ARG D 316 -6.77 49.53 24.37
C ARG D 316 -5.68 50.59 24.26
N LEU D 317 -6.13 51.80 23.94
CA LEU D 317 -5.29 52.93 23.72
C LEU D 317 -5.44 54.00 24.78
N GLU D 318 -4.34 54.50 25.31
CA GLU D 318 -4.38 55.60 26.24
C GLU D 318 -4.19 56.85 25.39
N ILE D 319 -5.20 57.69 25.35
CA ILE D 319 -5.21 58.88 24.53
C ILE D 319 -5.15 60.21 25.25
N LEU D 320 -4.21 61.03 24.84
CA LEU D 320 -4.09 62.37 25.37
C LEU D 320 -4.80 63.18 24.30
N PRO D 321 -5.87 63.86 24.68
CA PRO D 321 -6.67 64.61 23.73
C PRO D 321 -5.91 65.78 23.16
N ALA D 322 -6.40 66.25 22.03
CA ALA D 322 -5.76 67.23 21.20
C ALA D 322 -5.44 68.58 21.77
N GLY D 323 -6.10 68.98 22.84
CA GLY D 323 -5.89 70.30 23.39
C GLY D 323 -4.70 70.44 24.29
N LYS D 324 -4.73 71.44 25.14
CA LYS D 324 -3.62 71.67 26.04
C LYS D 324 -3.79 71.00 27.40
N GLY D 325 -4.93 70.37 27.60
CA GLY D 325 -5.20 69.68 28.82
C GLY D 325 -4.34 68.46 28.97
N THR D 326 -4.09 68.13 30.22
CA THR D 326 -3.26 67.02 30.64
C THR D 326 -3.97 65.69 30.93
N LYS D 327 -5.29 65.68 30.98
CA LYS D 327 -6.03 64.46 31.28
C LYS D 327 -6.06 63.41 30.19
N THR D 328 -5.95 62.16 30.58
CA THR D 328 -5.95 61.03 29.66
C THR D 328 -7.18 60.14 29.79
N ARG D 329 -7.53 59.46 28.71
CA ARG D 329 -8.65 58.53 28.70
C ARG D 329 -8.28 57.26 27.98
N THR D 330 -8.88 56.15 28.35
CA THR D 330 -8.57 54.92 27.69
C THR D 330 -9.70 54.47 26.77
N VAL D 331 -9.36 54.19 25.53
CA VAL D 331 -10.27 53.74 24.51
C VAL D 331 -9.92 52.32 24.10
N THR D 332 -10.90 51.46 24.06
CA THR D 332 -10.72 50.08 23.67
C THR D 332 -11.37 49.85 22.32
N LEU D 333 -10.63 49.22 21.43
CA LEU D 333 -11.10 48.96 20.11
C LEU D 333 -10.92 47.52 19.68
N THR D 334 -11.75 47.09 18.75
CA THR D 334 -11.64 45.77 18.23
C THR D 334 -10.99 45.89 16.89
N ARG D 335 -9.87 45.20 16.77
CA ARG D 335 -9.11 45.19 15.54
C ARG D 335 -9.90 44.47 14.49
N GLU D 336 -9.72 44.89 13.25
CA GLU D 336 -10.40 44.28 12.15
C GLU D 336 -9.68 44.44 10.82
N ARG D 337 -10.16 43.74 9.80
CA ARG D 337 -9.59 43.84 8.47
C ARG D 337 -10.04 45.09 7.77
N ILE D 338 -9.09 45.86 7.30
CA ILE D 338 -9.33 47.11 6.66
C ILE D 338 -8.78 47.12 5.26
N ARG D 339 -9.55 47.60 4.32
CA ARG D 339 -9.11 47.63 2.95
C ARG D 339 -8.66 49.00 2.54
N LEU D 340 -7.53 49.05 1.87
CA LEU D 340 -7.00 50.27 1.37
C LEU D 340 -7.50 50.50 -0.03
N GLU D 341 -8.66 51.13 -0.13
CA GLU D 341 -9.35 51.45 -1.36
C GLU D 341 -8.58 52.36 -2.25
N ASP D 342 -7.75 53.20 -1.66
CA ASP D 342 -6.96 54.18 -2.39
C ASP D 342 -6.03 53.52 -3.34
N ARG D 343 -5.58 52.33 -2.97
CA ARG D 343 -4.65 51.60 -3.81
C ARG D 343 -5.27 50.73 -4.85
N ALA D 344 -6.58 50.69 -4.87
CA ALA D 344 -7.31 49.88 -5.81
C ALA D 344 -7.43 50.52 -7.16
N VAL D 345 -7.85 49.76 -8.15
CA VAL D 345 -8.04 50.31 -9.47
C VAL D 345 -9.16 51.33 -9.40
N LYS D 346 -9.04 52.38 -10.18
CA LYS D 346 -10.05 53.43 -10.22
C LYS D 346 -10.54 53.67 -11.61
N MET D 347 -11.84 53.87 -11.73
CA MET D 347 -12.43 54.05 -13.01
C MET D 347 -13.07 55.42 -13.20
N SER D 348 -12.91 55.97 -14.39
CA SER D 348 -13.47 57.25 -14.74
C SER D 348 -13.82 57.31 -16.20
N VAL D 349 -14.71 58.23 -16.53
CA VAL D 349 -15.11 58.43 -17.89
C VAL D 349 -14.72 59.81 -18.39
N LYS D 350 -14.15 59.84 -19.58
CA LYS D 350 -13.74 61.07 -20.19
C LYS D 350 -14.72 61.29 -21.29
N THR D 351 -15.29 62.47 -21.33
CA THR D 351 -16.24 62.79 -22.34
C THR D 351 -15.76 63.81 -23.34
N VAL D 352 -15.90 63.49 -24.60
CA VAL D 352 -15.57 64.42 -25.64
C VAL D 352 -16.78 64.43 -26.56
N GLY D 353 -17.71 65.35 -26.35
CA GLY D 353 -18.92 65.41 -27.14
C GLY D 353 -19.77 64.17 -26.99
N LYS D 354 -20.23 63.58 -28.09
CA LYS D 354 -21.02 62.34 -28.11
C LYS D 354 -20.29 61.08 -27.58
N GLU D 355 -19.01 60.98 -27.89
CA GLU D 355 -18.14 59.89 -27.50
C GLU D 355 -17.64 59.94 -26.07
N LYS D 356 -17.43 58.77 -25.50
CA LYS D 356 -16.89 58.62 -24.17
C LYS D 356 -15.77 57.60 -24.21
N VAL D 357 -14.82 57.75 -23.31
CA VAL D 357 -13.74 56.81 -23.23
C VAL D 357 -13.52 56.52 -21.77
N GLY D 358 -13.48 55.25 -21.44
CA GLY D 358 -13.26 54.85 -20.07
C GLY D 358 -11.80 54.75 -19.71
N VAL D 359 -11.48 55.05 -18.48
CA VAL D 359 -10.11 54.95 -18.04
C VAL D 359 -9.96 54.18 -16.74
N LEU D 360 -8.99 53.29 -16.72
CA LEU D 360 -8.71 52.54 -15.53
C LEU D 360 -7.32 52.87 -15.04
N ASP D 361 -7.27 53.44 -13.88
CA ASP D 361 -6.01 53.81 -13.31
C ASP D 361 -5.59 52.68 -12.41
N ILE D 362 -4.56 51.98 -12.81
CA ILE D 362 -4.10 50.89 -12.03
C ILE D 362 -2.77 51.15 -11.38
N PRO D 363 -2.78 51.35 -10.09
CA PRO D 363 -1.56 51.59 -9.33
C PRO D 363 -0.58 50.43 -9.26
N GLY D 364 -1.07 49.22 -9.13
CA GLY D 364 -0.26 48.03 -9.05
C GLY D 364 -1.02 46.78 -9.43
N PHE D 365 -0.32 45.68 -9.61
CA PHE D 365 -0.97 44.42 -9.89
C PHE D 365 -1.24 43.68 -8.61
N TYR D 366 -2.12 44.22 -7.79
CA TYR D 366 -2.46 43.62 -6.52
C TYR D 366 -3.31 42.37 -6.69
N VAL D 367 -3.30 41.54 -5.69
CA VAL D 367 -4.09 40.33 -5.75
C VAL D 367 -5.53 40.75 -5.70
N GLY D 368 -6.27 40.26 -6.65
CA GLY D 368 -7.64 40.59 -6.77
C GLY D 368 -7.93 41.70 -7.72
N LEU D 369 -6.92 42.19 -8.41
CA LEU D 369 -7.10 43.28 -9.35
C LEU D 369 -7.97 42.96 -10.51
N THR D 370 -7.82 41.78 -11.05
CA THR D 370 -8.56 41.35 -12.22
C THR D 370 -10.04 41.34 -11.93
N ASP D 371 -10.38 40.90 -10.74
CA ASP D 371 -11.75 40.85 -10.29
C ASP D 371 -12.30 42.25 -10.20
N ASP D 372 -11.51 43.14 -9.63
CA ASP D 372 -11.89 44.51 -9.50
C ASP D 372 -12.09 45.14 -10.85
N VAL D 373 -11.26 44.83 -11.81
CA VAL D 373 -11.40 45.34 -13.15
C VAL D 373 -12.66 44.85 -13.83
N LYS D 374 -13.03 43.61 -13.56
CA LYS D 374 -14.20 43.05 -14.18
C LYS D 374 -15.46 43.80 -13.84
N VAL D 375 -15.62 44.17 -12.60
CA VAL D 375 -16.76 44.94 -12.25
C VAL D 375 -16.72 46.28 -12.93
N GLN D 376 -15.55 46.90 -12.98
CA GLN D 376 -15.42 48.19 -13.62
C GLN D 376 -15.74 48.10 -15.09
N LEU D 377 -15.33 47.04 -15.75
CA LEU D 377 -15.60 46.87 -17.16
C LEU D 377 -17.10 46.77 -17.36
N GLN D 378 -17.76 46.10 -16.44
CA GLN D 378 -19.19 45.93 -16.48
C GLN D 378 -19.93 47.25 -16.38
N LYS D 379 -19.46 48.17 -15.55
CA LYS D 379 -20.05 49.48 -15.41
C LYS D 379 -19.92 50.27 -16.70
N LEU D 380 -18.77 50.12 -17.33
CA LEU D 380 -18.45 50.83 -18.53
C LEU D 380 -19.34 50.52 -19.70
N GLU D 381 -19.85 49.31 -19.73
CA GLU D 381 -20.72 48.86 -20.79
C GLU D 381 -22.00 49.64 -20.78
N LYS D 382 -22.43 49.91 -19.58
CA LYS D 382 -23.62 50.64 -19.29
C LYS D 382 -23.53 52.05 -19.84
N GLN D 383 -22.36 52.64 -19.73
CA GLN D 383 -22.14 53.99 -20.16
C GLN D 383 -21.85 54.14 -21.63
N ASN D 384 -21.76 53.02 -22.29
CA ASN D 384 -21.48 52.98 -23.71
C ASN D 384 -20.23 53.71 -24.17
N VAL D 385 -19.19 53.55 -23.38
CA VAL D 385 -17.90 54.10 -23.63
C VAL D 385 -17.40 53.48 -24.92
N SER D 386 -16.90 54.32 -25.80
CA SER D 386 -16.33 53.92 -27.07
C SER D 386 -14.96 53.25 -27.03
N SER D 387 -14.16 53.59 -26.04
CA SER D 387 -12.80 53.10 -25.90
C SER D 387 -12.37 53.03 -24.48
N VAL D 388 -11.39 52.19 -24.24
CA VAL D 388 -10.88 52.06 -22.92
C VAL D 388 -9.40 52.27 -22.85
N ILE D 389 -8.99 53.11 -21.95
CA ILE D 389 -7.59 53.34 -21.72
C ILE D 389 -7.26 52.65 -20.41
N ILE D 390 -6.16 51.95 -20.41
CA ILE D 390 -5.67 51.33 -19.21
C ILE D 390 -4.43 52.13 -18.86
N ASP D 391 -4.42 52.77 -17.71
CA ASP D 391 -3.30 53.59 -17.27
C ASP D 391 -2.33 52.90 -16.34
N LEU D 392 -1.21 52.48 -16.89
CA LEU D 392 -0.17 51.79 -16.14
C LEU D 392 1.03 52.64 -15.75
N ARG D 393 0.96 53.93 -16.01
CA ARG D 393 2.03 54.84 -15.77
C ARG D 393 2.33 54.78 -14.34
N SER D 394 3.60 54.53 -14.08
CA SER D 394 4.14 54.44 -12.78
C SER D 394 3.70 53.19 -12.04
N ASN D 395 3.20 52.19 -12.74
CA ASN D 395 2.80 50.95 -12.10
C ASN D 395 4.02 50.05 -12.09
N GLY D 396 4.53 49.88 -10.90
CA GLY D 396 5.70 49.08 -10.64
C GLY D 396 5.58 47.64 -10.98
N GLY D 397 4.40 47.08 -10.83
CA GLY D 397 4.17 45.69 -11.11
C GLY D 397 3.39 45.05 -10.00
N GLY D 398 3.66 43.79 -9.77
CA GLY D 398 2.96 43.02 -8.79
C GLY D 398 2.97 41.53 -9.04
N ALA D 399 1.89 40.88 -8.71
CA ALA D 399 1.76 39.46 -8.92
C ALA D 399 1.70 39.06 -10.38
N LEU D 400 2.45 38.03 -10.71
CA LEU D 400 2.54 37.47 -12.04
C LEU D 400 1.23 36.92 -12.50
N THR D 401 0.52 36.27 -11.59
CA THR D 401 -0.77 35.71 -11.91
C THR D 401 -1.72 36.79 -12.31
N GLU D 402 -1.66 37.89 -11.62
CA GLU D 402 -2.50 39.03 -11.91
C GLU D 402 -2.22 39.58 -13.29
N ALA D 403 -0.97 39.59 -13.69
CA ALA D 403 -0.62 40.04 -15.02
C ALA D 403 -1.24 39.16 -16.07
N VAL D 404 -1.15 37.86 -15.86
CA VAL D 404 -1.73 36.89 -16.78
C VAL D 404 -3.25 36.96 -16.86
N SER D 405 -3.92 37.02 -15.73
CA SER D 405 -5.36 37.14 -15.69
C SER D 405 -5.92 38.45 -16.25
N LEU D 406 -5.27 39.57 -15.98
CA LEU D 406 -5.68 40.84 -16.48
C LEU D 406 -5.63 40.83 -17.97
N SER D 407 -4.60 40.21 -18.51
CA SER D 407 -4.42 40.08 -19.93
C SER D 407 -5.55 39.28 -20.55
N GLY D 408 -5.95 38.25 -19.84
CA GLY D 408 -6.99 37.32 -20.24
C GLY D 408 -8.34 37.93 -20.40
N LEU D 409 -8.58 39.04 -19.74
CA LEU D 409 -9.81 39.77 -19.86
C LEU D 409 -9.97 40.31 -21.27
N PHE D 410 -8.87 40.68 -21.88
CA PHE D 410 -8.92 41.28 -23.19
C PHE D 410 -8.57 40.37 -24.33
N ILE D 411 -7.99 39.24 -24.02
CA ILE D 411 -7.55 38.32 -25.03
C ILE D 411 -8.22 36.98 -24.84
N PRO D 412 -8.80 36.44 -25.90
CA PRO D 412 -9.51 35.18 -25.77
C PRO D 412 -8.71 33.95 -25.36
N ALA D 413 -7.62 33.65 -26.01
CA ALA D 413 -6.87 32.50 -25.54
C ALA D 413 -5.42 32.49 -25.94
N GLY D 414 -4.65 31.70 -25.25
CA GLY D 414 -3.27 31.60 -25.55
C GLY D 414 -2.39 32.10 -24.47
N PRO D 415 -1.12 31.88 -24.68
CA PRO D 415 -0.07 32.28 -23.76
C PRO D 415 0.04 33.79 -23.60
N ILE D 416 0.32 34.22 -22.39
CA ILE D 416 0.46 35.61 -22.08
C ILE D 416 1.92 35.97 -21.96
N VAL D 417 2.70 35.07 -21.39
CA VAL D 417 4.12 35.29 -21.14
C VAL D 417 4.88 33.97 -21.12
N GLN D 418 6.17 34.03 -21.33
CA GLN D 418 6.99 32.86 -21.28
C GLN D 418 7.97 33.02 -20.16
N VAL D 419 8.19 31.97 -19.39
CA VAL D 419 9.16 32.01 -18.32
C VAL D 419 10.20 30.93 -18.49
N ARG D 420 11.42 31.25 -18.14
CA ARG D 420 12.52 30.35 -18.29
C ARG D 420 13.47 30.35 -17.12
N ASP D 421 13.80 29.20 -16.60
CA ASP D 421 14.75 29.15 -15.53
C ASP D 421 16.16 29.19 -16.02
N ASN D 422 17.11 29.09 -15.11
CA ASN D 422 18.51 29.16 -15.45
C ASN D 422 19.06 27.96 -16.21
N ASN D 423 18.27 26.92 -16.32
CA ASN D 423 18.68 25.71 -16.98
C ASN D 423 17.97 25.48 -18.29
N GLY D 424 17.35 26.52 -18.80
CA GLY D 424 16.66 26.47 -20.05
C GLY D 424 15.26 25.93 -20.09
N LYS D 425 14.72 25.51 -18.99
CA LYS D 425 13.37 25.02 -19.02
C LYS D 425 12.46 26.20 -19.30
N VAL D 426 11.64 26.07 -20.31
CA VAL D 426 10.72 27.09 -20.71
C VAL D 426 9.29 26.71 -20.45
N ARG D 427 8.54 27.59 -19.85
CA ARG D 427 7.15 27.37 -19.57
C ARG D 427 6.35 28.58 -20.08
N GLU D 428 5.11 28.38 -20.43
CA GLU D 428 4.31 29.48 -20.87
C GLU D 428 3.12 29.55 -19.95
N ASP D 429 2.74 30.76 -19.62
CA ASP D 429 1.64 30.93 -18.75
C ASP D 429 0.50 31.50 -19.54
N SER D 430 -0.68 30.96 -19.30
CA SER D 430 -1.91 31.39 -19.96
C SER D 430 -3.08 31.37 -19.02
N ASP D 431 -4.18 31.92 -19.48
CA ASP D 431 -5.42 31.97 -18.72
C ASP D 431 -6.35 30.74 -18.89
N THR D 432 -7.57 30.81 -18.38
CA THR D 432 -8.56 29.76 -18.40
C THR D 432 -8.71 29.13 -19.78
N GLN D 435 -14.87 34.25 -20.73
CA GLN D 435 -13.63 34.41 -21.45
C GLN D 435 -13.27 35.88 -21.55
N VAL D 436 -13.26 36.40 -22.76
CA VAL D 436 -12.91 37.80 -22.92
C VAL D 436 -13.98 38.63 -22.28
N PHE D 437 -13.58 39.55 -21.42
CA PHE D 437 -14.50 40.46 -20.78
C PHE D 437 -14.80 41.75 -21.54
N TYR D 438 -13.82 42.26 -22.25
CA TYR D 438 -14.02 43.46 -23.03
C TYR D 438 -13.39 43.29 -24.39
N LYS D 439 -14.16 43.48 -25.44
CA LYS D 439 -13.64 43.28 -26.77
C LYS D 439 -13.32 44.54 -27.55
N GLY D 440 -13.63 45.69 -26.99
CA GLY D 440 -13.47 46.96 -27.65
C GLY D 440 -12.11 47.59 -27.83
N PRO D 441 -12.09 48.77 -28.42
CA PRO D 441 -10.85 49.48 -28.65
C PRO D 441 -10.19 49.73 -27.31
N LEU D 442 -8.90 49.45 -27.25
CA LEU D 442 -8.18 49.54 -26.02
C LEU D 442 -6.87 50.24 -26.19
N VAL D 443 -6.48 50.97 -25.18
CA VAL D 443 -5.24 51.67 -25.17
C VAL D 443 -4.58 51.44 -23.84
N VAL D 444 -3.27 51.21 -23.86
CA VAL D 444 -2.45 51.07 -22.65
C VAL D 444 -1.50 52.26 -22.60
N LEU D 445 -1.52 52.97 -21.50
CA LEU D 445 -0.71 54.13 -21.30
C LEU D 445 0.41 53.81 -20.35
N VAL D 446 1.62 54.02 -20.82
CA VAL D 446 2.80 53.71 -20.05
C VAL D 446 3.87 54.76 -19.97
N ASP D 447 4.72 54.65 -18.98
CA ASP D 447 5.82 55.55 -18.86
C ASP D 447 7.06 54.83 -18.43
N ARG D 448 8.10 55.58 -18.19
CA ARG D 448 9.37 55.03 -17.83
C ARG D 448 9.28 54.26 -16.53
N PHE D 449 8.28 54.55 -15.72
CA PHE D 449 8.12 53.88 -14.47
C PHE D 449 7.16 52.70 -14.46
N SER D 450 6.60 52.38 -15.60
CA SER D 450 5.76 51.24 -15.66
C SER D 450 6.69 50.06 -15.95
N ALA D 451 6.61 49.10 -15.05
CA ALA D 451 7.49 47.96 -15.05
C ALA D 451 6.92 46.60 -14.72
N SER D 452 7.66 45.57 -15.14
CA SER D 452 7.41 44.17 -14.85
C SER D 452 6.10 43.59 -15.33
N ALA D 453 5.17 43.43 -14.42
CA ALA D 453 3.84 42.93 -14.72
C ALA D 453 3.17 43.88 -15.70
N SER D 454 3.40 45.16 -15.51
CA SER D 454 2.89 46.18 -16.39
C SER D 454 3.47 45.99 -17.78
N GLU D 455 4.75 45.71 -17.86
CA GLU D 455 5.39 45.44 -19.12
C GLU D 455 4.90 44.18 -19.72
N ILE D 456 4.65 43.17 -18.91
CA ILE D 456 4.16 41.94 -19.44
C ILE D 456 2.82 42.16 -20.07
N PHE D 457 1.93 42.86 -19.41
CA PHE D 457 0.62 43.13 -19.95
C PHE D 457 0.68 43.96 -21.19
N ALA D 458 1.49 44.99 -21.18
CA ALA D 458 1.62 45.85 -22.31
C ALA D 458 2.21 45.14 -23.52
N ALA D 459 3.22 44.33 -23.33
CA ALA D 459 3.82 43.60 -24.43
C ALA D 459 2.83 42.64 -25.04
N ALA D 460 2.08 41.98 -24.21
CA ALA D 460 1.11 41.03 -24.66
C ALA D 460 -0.01 41.63 -25.45
N MET D 461 -0.53 42.77 -25.01
CA MET D 461 -1.58 43.43 -25.72
C MET D 461 -1.04 43.83 -27.08
N GLN D 462 0.17 44.35 -27.08
CA GLN D 462 0.85 44.72 -28.30
C GLN D 462 1.21 43.56 -29.21
N ASP D 463 1.75 42.49 -28.66
CA ASP D 463 2.14 41.33 -29.45
C ASP D 463 0.93 40.65 -30.14
N TYR D 464 -0.21 40.65 -29.46
CA TYR D 464 -1.39 40.06 -30.01
C TYR D 464 -2.15 41.00 -30.92
N GLY D 465 -1.70 42.23 -30.99
CA GLY D 465 -2.37 43.23 -31.77
C GLY D 465 -3.64 43.71 -31.13
N ARG D 466 -3.86 43.35 -29.88
CA ARG D 466 -5.03 43.73 -29.12
C ARG D 466 -5.22 45.21 -28.79
N ALA D 467 -4.17 45.87 -28.34
CA ALA D 467 -4.25 47.25 -27.99
C ALA D 467 -3.04 48.07 -28.46
N LEU D 468 -3.27 49.36 -28.56
CA LEU D 468 -2.26 50.28 -28.94
C LEU D 468 -1.54 50.76 -27.70
N VAL D 469 -0.23 50.91 -27.77
CA VAL D 469 0.51 51.33 -26.60
C VAL D 469 1.02 52.75 -26.78
N VAL D 470 0.71 53.59 -25.82
CA VAL D 470 1.05 55.00 -25.84
C VAL D 470 1.85 55.41 -24.61
N GLY D 471 2.83 56.29 -24.79
CA GLY D 471 3.59 56.75 -23.69
C GLY D 471 5.08 56.83 -23.92
N GLU D 472 5.82 56.54 -22.88
CA GLU D 472 7.26 56.51 -22.85
C GLU D 472 7.71 55.06 -22.83
N PRO D 473 8.93 54.81 -23.29
CA PRO D 473 9.48 53.46 -23.25
C PRO D 473 9.58 53.04 -21.83
N THR D 474 9.33 51.75 -21.63
CA THR D 474 9.28 51.12 -20.30
C THR D 474 10.58 51.05 -19.50
N PHE D 475 10.43 50.55 -18.29
CA PHE D 475 11.53 50.38 -17.36
C PHE D 475 12.57 49.33 -17.74
N GLY D 476 12.16 48.30 -18.46
CA GLY D 476 13.08 47.25 -18.80
C GLY D 476 13.23 46.08 -17.85
N ALA D 477 12.26 45.88 -16.99
CA ALA D 477 12.28 44.75 -16.09
C ALA D 477 11.96 43.51 -16.89
N GLY D 478 12.67 42.44 -16.65
CA GLY D 478 12.49 41.17 -17.33
C GLY D 478 12.67 39.90 -16.52
N THR D 479 12.50 39.97 -15.23
CA THR D 479 12.71 38.83 -14.40
C THR D 479 11.58 38.55 -13.45
N VAL D 480 11.52 37.32 -12.97
CA VAL D 480 10.52 36.90 -12.04
C VAL D 480 11.14 36.59 -10.69
N GLN D 481 10.52 37.05 -9.64
CA GLN D 481 11.02 36.82 -8.34
C GLN D 481 10.08 35.92 -7.55
N GLN D 482 10.70 35.17 -6.69
CA GLN D 482 10.05 34.26 -5.82
C GLN D 482 9.99 34.90 -4.46
N TYR D 483 8.82 34.89 -3.89
CA TYR D 483 8.65 35.45 -2.60
C TYR D 483 8.41 34.30 -1.66
N ARG D 484 9.31 34.13 -0.69
CA ARG D 484 9.18 33.03 0.25
C ARG D 484 9.47 33.47 1.67
N SER D 485 8.63 33.02 2.59
CA SER D 485 8.78 33.34 3.98
C SER D 485 9.90 32.53 4.58
N LEU D 486 10.55 33.09 5.57
CA LEU D 486 11.60 32.39 6.24
C LEU D 486 11.13 31.64 7.47
N ASN D 487 9.86 31.75 7.80
CA ASN D 487 9.34 31.06 8.93
C ASN D 487 9.26 29.55 8.67
N ARG D 488 9.64 28.77 9.65
CA ARG D 488 9.56 27.35 9.60
C ARG D 488 8.49 26.90 10.58
N ILE D 489 7.83 25.80 10.29
CA ILE D 489 6.72 25.33 11.07
C ILE D 489 6.97 25.01 12.54
N TYR D 490 8.18 24.65 12.90
CA TYR D 490 8.47 24.37 14.26
C TYR D 490 9.04 25.58 14.99
N ASP D 491 9.04 26.72 14.34
CA ASP D 491 9.68 27.89 14.95
C ASP D 491 9.01 28.32 16.26
N GLN D 492 7.70 28.42 16.25
CA GLN D 492 7.01 28.81 17.43
C GLN D 492 7.23 27.84 18.55
N MET D 493 7.22 26.57 18.23
CA MET D 493 7.37 25.56 19.20
C MET D 493 8.70 25.61 19.90
N LEU D 494 9.76 25.74 19.16
CA LEU D 494 11.05 25.76 19.79
C LEU D 494 11.58 27.10 20.23
N ARG D 495 11.05 28.18 19.68
CA ARG D 495 11.49 29.52 20.04
C ARG D 495 10.32 30.49 20.14
N PRO D 496 9.43 30.24 21.09
CA PRO D 496 8.26 31.11 21.30
C PRO D 496 8.70 32.55 21.51
N GLU D 497 9.84 32.73 22.18
CA GLU D 497 10.38 34.04 22.44
C GLU D 497 10.79 34.82 21.22
N TRP D 498 11.05 34.15 20.12
CA TRP D 498 11.44 34.84 18.94
C TRP D 498 10.35 35.60 18.33
N PRO D 499 10.75 36.67 17.70
CA PRO D 499 9.85 37.43 16.87
C PRO D 499 9.73 36.71 15.54
N ALA D 500 8.88 37.22 14.70
CA ALA D 500 8.74 36.65 13.41
C ALA D 500 10.01 36.88 12.66
N LEU D 501 10.32 35.94 11.80
CA LEU D 501 11.39 36.12 10.89
C LEU D 501 10.80 36.88 9.67
N GLY D 502 11.66 37.34 8.80
CA GLY D 502 11.20 38.10 7.67
C GLY D 502 10.90 37.25 6.47
N SER D 503 11.23 37.79 5.33
CA SER D 503 11.04 37.15 4.06
C SER D 503 12.05 37.56 3.01
N VAL D 504 12.12 36.82 1.93
CA VAL D 504 13.00 37.12 0.83
C VAL D 504 12.30 37.11 -0.50
N GLN D 505 12.82 37.89 -1.40
CA GLN D 505 12.38 37.89 -2.74
C GLN D 505 13.64 37.66 -3.55
N TYR D 506 13.64 36.67 -4.41
CA TYR D 506 14.81 36.39 -5.23
C TYR D 506 14.44 35.96 -6.57
N THR D 507 15.21 36.38 -7.55
CA THR D 507 14.88 36.06 -8.91
C THR D 507 15.17 34.62 -9.26
N ILE D 508 14.20 34.02 -9.92
CA ILE D 508 14.27 32.64 -10.30
C ILE D 508 14.19 32.41 -11.78
N GLN D 509 13.68 33.39 -12.50
CA GLN D 509 13.56 33.28 -13.92
C GLN D 509 13.49 34.55 -14.72
N LYS D 510 13.76 34.41 -15.98
CA LYS D 510 13.62 35.48 -16.92
C LYS D 510 12.29 35.34 -17.66
N PHE D 511 11.66 36.45 -17.99
CA PHE D 511 10.40 36.39 -18.69
C PHE D 511 10.50 36.96 -20.09
N TYR D 512 9.80 36.34 -21.01
CA TYR D 512 9.85 36.70 -22.39
C TYR D 512 8.50 36.87 -22.94
N ARG D 513 8.44 37.71 -23.93
CA ARG D 513 7.20 37.96 -24.59
C ARG D 513 6.82 36.72 -25.38
N VAL D 514 5.58 36.67 -25.81
CA VAL D 514 5.15 35.56 -26.67
C VAL D 514 5.92 35.59 -27.99
N ASN D 515 6.49 36.74 -28.26
CA ASN D 515 7.31 37.06 -29.40
C ASN D 515 8.58 36.28 -29.46
N GLY D 516 9.00 35.89 -28.28
CA GLY D 516 10.33 35.38 -28.02
C GLY D 516 11.25 36.54 -27.66
N GLY D 517 10.68 37.73 -27.72
CA GLY D 517 11.33 38.96 -27.37
C GLY D 517 11.44 39.17 -25.88
N SER D 518 12.27 40.08 -25.46
CA SER D 518 12.45 40.37 -24.08
C SER D 518 12.38 41.83 -23.77
N THR D 519 11.79 42.14 -22.66
CA THR D 519 11.71 43.48 -22.22
C THR D 519 12.79 43.77 -21.20
N GLN D 520 13.70 42.83 -20.99
CA GLN D 520 14.80 43.04 -20.09
C GLN D 520 15.64 44.11 -20.74
N ARG D 521 16.04 45.08 -19.97
CA ARG D 521 16.77 46.23 -20.45
C ARG D 521 16.04 47.07 -21.49
N LYS D 522 15.51 46.49 -22.55
CA LYS D 522 14.85 47.27 -23.52
C LYS D 522 13.57 47.99 -23.17
N GLY D 523 12.71 47.29 -22.46
CA GLY D 523 11.38 47.78 -22.18
C GLY D 523 10.52 47.55 -23.41
N VAL D 524 9.31 48.04 -23.37
CA VAL D 524 8.45 47.92 -24.53
C VAL D 524 8.36 49.31 -25.18
N THR D 525 8.44 49.36 -26.48
CA THR D 525 8.35 50.63 -27.16
C THR D 525 6.96 50.85 -27.64
N PRO D 526 6.40 51.96 -27.20
CA PRO D 526 5.03 52.28 -27.50
C PRO D 526 4.83 52.55 -28.94
N ASP D 527 3.63 52.33 -29.38
CA ASP D 527 3.25 52.62 -30.73
C ASP D 527 3.30 54.13 -30.96
N ILE D 528 2.88 54.89 -29.99
CA ILE D 528 2.89 56.32 -30.07
C ILE D 528 3.68 56.80 -28.87
N ILE D 529 4.68 57.61 -29.11
CA ILE D 529 5.54 58.04 -28.06
C ILE D 529 5.45 59.51 -27.74
N MET D 530 5.23 59.80 -26.48
CA MET D 530 5.17 61.16 -26.01
C MET D 530 6.57 61.78 -26.08
N PRO D 531 6.63 63.09 -26.07
CA PRO D 531 7.87 63.84 -26.26
C PRO D 531 8.94 63.48 -25.27
N THR D 532 8.54 63.30 -24.02
CA THR D 532 9.51 62.92 -22.98
C THR D 532 10.15 61.58 -23.31
N GLY D 533 9.45 60.82 -24.16
CA GLY D 533 9.85 59.52 -24.62
C GLY D 533 11.11 59.41 -25.45
N ASN D 534 11.40 60.44 -26.22
CA ASN D 534 12.57 60.40 -27.05
C ASN D 534 13.80 60.95 -26.39
N GLU D 535 13.66 61.46 -25.18
CA GLU D 535 14.79 61.98 -24.44
C GLU D 535 15.59 60.88 -23.74
N GLU D 536 16.90 61.08 -23.62
CA GLU D 536 17.73 60.08 -22.98
C GLU D 536 17.26 59.95 -21.57
N THR D 537 16.89 58.74 -21.21
CA THR D 537 16.43 58.53 -19.86
C THR D 537 17.59 58.32 -18.95
N GLU D 538 17.44 58.75 -17.71
CA GLU D 538 18.48 58.49 -16.76
C GLU D 538 18.08 57.35 -15.78
N THR D 539 16.88 56.82 -15.89
CA THR D 539 16.42 55.74 -15.02
C THR D 539 16.07 54.50 -15.80
N GLY D 540 15.99 53.37 -15.11
CA GLY D 540 15.63 52.12 -15.72
C GLY D 540 16.40 50.95 -15.20
N GLU D 541 16.05 49.77 -15.66
CA GLU D 541 16.67 48.52 -15.28
C GLU D 541 18.11 48.55 -15.69
N LYS D 542 18.38 49.14 -16.83
CA LYS D 542 19.74 49.21 -17.31
C LYS D 542 20.71 49.98 -16.45
N PHE D 543 20.25 50.87 -15.60
CA PHE D 543 21.14 51.61 -14.73
C PHE D 543 21.34 51.00 -13.35
N GLU D 544 20.59 49.97 -13.02
CA GLU D 544 20.69 49.29 -11.76
C GLU D 544 21.89 48.38 -11.71
N ASP D 545 22.44 48.26 -10.52
CA ASP D 545 23.58 47.42 -10.29
C ASP D 545 23.32 45.95 -10.51
N ASN D 546 24.19 45.34 -11.29
CA ASN D 546 24.18 43.94 -11.62
C ASN D 546 22.93 43.44 -12.32
N ALA D 547 22.29 44.30 -13.10
CA ALA D 547 21.14 43.87 -13.81
C ALA D 547 21.53 42.89 -14.87
N LEU D 548 20.72 41.90 -15.03
CA LEU D 548 20.93 40.88 -16.00
C LEU D 548 20.80 41.41 -17.40
N PRO D 549 21.55 40.80 -18.28
CA PRO D 549 21.60 41.13 -19.69
C PRO D 549 20.38 40.76 -20.48
N TRP D 550 20.18 41.44 -21.58
CA TRP D 550 19.10 41.16 -22.48
C TRP D 550 19.47 39.99 -23.33
N ASP D 551 18.48 39.20 -23.62
CA ASP D 551 18.55 38.06 -24.50
C ASP D 551 17.16 37.67 -24.97
N SER D 552 17.10 36.65 -25.80
CA SER D 552 15.85 36.21 -26.36
C SER D 552 15.71 34.71 -26.59
N ILE D 553 14.48 34.27 -26.76
CA ILE D 553 14.09 32.89 -26.97
C ILE D 553 13.13 32.73 -28.13
N ASP D 554 12.78 31.51 -28.47
CA ASP D 554 11.91 31.28 -29.57
C ASP D 554 10.52 31.70 -29.22
N ALA D 555 9.82 32.21 -30.21
CA ALA D 555 8.47 32.63 -30.02
C ALA D 555 7.57 31.47 -29.78
N ALA D 556 6.55 31.70 -29.00
CA ALA D 556 5.53 30.74 -28.69
C ALA D 556 4.48 30.67 -29.78
N THR D 557 3.45 29.87 -29.58
CA THR D 557 2.40 29.71 -30.55
C THR D 557 1.17 30.42 -30.07
N TYR D 558 0.67 31.37 -30.84
CA TYR D 558 -0.52 32.12 -30.45
C TYR D 558 -1.23 32.71 -31.65
N VAL D 559 -2.47 33.06 -31.49
CA VAL D 559 -3.19 33.64 -32.58
C VAL D 559 -3.46 35.12 -32.35
N LYS D 560 -3.10 35.96 -33.30
CA LYS D 560 -3.29 37.39 -33.14
C LYS D 560 -4.75 37.76 -33.02
N SER D 561 -5.03 38.60 -32.04
CA SER D 561 -6.36 39.09 -31.79
C SER D 561 -6.91 39.99 -32.89
N GLY D 562 -6.02 40.83 -33.42
CA GLY D 562 -6.28 41.78 -34.47
C GLY D 562 -4.99 42.38 -35.01
N ASP D 563 -5.07 43.25 -35.99
CA ASP D 563 -3.86 43.84 -36.49
C ASP D 563 -4.04 45.35 -36.60
N LEU D 564 -3.19 46.11 -35.91
CA LEU D 564 -3.32 47.57 -35.89
C LEU D 564 -2.24 48.34 -36.59
N THR D 565 -1.36 47.61 -37.25
CA THR D 565 -0.25 48.19 -37.95
C THR D 565 -0.69 49.14 -39.07
N ALA D 566 -1.83 48.86 -39.66
CA ALA D 566 -2.33 49.70 -40.72
C ALA D 566 -2.65 51.09 -40.26
N PHE D 567 -3.30 51.17 -39.12
CA PHE D 567 -3.75 52.44 -38.56
C PHE D 567 -2.67 53.37 -38.08
N GLU D 568 -1.43 52.93 -38.00
CA GLU D 568 -0.39 53.75 -37.42
C GLU D 568 0.04 55.13 -38.02
N PRO D 569 0.21 55.23 -39.33
CA PRO D 569 0.59 56.53 -39.90
C PRO D 569 -0.46 57.58 -39.64
N GLU D 570 -1.71 57.22 -39.80
CA GLU D 570 -2.78 58.14 -39.55
C GLU D 570 -2.88 58.55 -38.06
N LEU D 571 -2.71 57.61 -37.17
CA LEU D 571 -2.76 57.93 -35.77
C LEU D 571 -1.61 58.86 -35.43
N LEU D 572 -0.47 58.60 -36.04
CA LEU D 572 0.76 59.35 -35.85
C LEU D 572 0.65 60.86 -36.21
N LYS D 573 0.16 61.13 -37.39
CA LYS D 573 0.03 62.46 -37.96
C LYS D 573 -1.04 63.24 -37.22
N GLU D 574 -2.14 62.58 -36.92
CA GLU D 574 -3.21 63.18 -36.18
C GLU D 574 -2.72 63.53 -34.81
N HIS D 575 -1.98 62.65 -34.20
CA HIS D 575 -1.42 62.93 -32.90
C HIS D 575 -0.42 64.07 -32.93
N ASN D 576 0.41 64.04 -33.95
CA ASN D 576 1.45 65.04 -34.18
C ASN D 576 0.90 66.42 -34.41
N ALA D 577 -0.15 66.50 -35.19
CA ALA D 577 -0.78 67.76 -35.44
C ALA D 577 -1.36 68.35 -34.16
N ARG D 578 -1.99 67.54 -33.35
CA ARG D 578 -2.58 68.02 -32.11
C ARG D 578 -1.59 68.55 -31.09
N ILE D 579 -0.52 67.82 -30.84
CA ILE D 579 0.46 68.28 -29.88
C ILE D 579 1.16 69.55 -30.36
N ALA D 580 1.28 69.73 -31.67
CA ALA D 580 1.99 70.89 -32.15
C ALA D 580 1.28 72.13 -31.70
N LYS D 581 -0.04 72.19 -31.89
CA LYS D 581 -0.80 73.30 -31.39
C LYS D 581 -0.87 73.40 -29.89
N ASP D 582 -0.93 72.28 -29.21
CA ASP D 582 -1.15 72.34 -27.78
C ASP D 582 -0.13 73.10 -26.95
N PRO D 583 -0.64 74.04 -26.18
CA PRO D 583 0.17 74.90 -25.32
C PRO D 583 0.93 74.13 -24.26
N GLU D 584 0.23 73.24 -23.57
CA GLU D 584 0.79 72.40 -22.54
C GLU D 584 1.83 71.45 -23.17
N PHE D 585 1.53 71.00 -24.38
CA PHE D 585 2.39 70.11 -25.11
C PHE D 585 3.55 70.83 -25.75
N GLN D 586 3.73 72.09 -25.40
CA GLN D 586 4.80 72.88 -25.92
C GLN D 586 5.76 73.27 -24.83
N ASN D 587 5.31 73.64 -23.63
CA ASN D 587 6.31 73.93 -22.59
C ASN D 587 7.04 72.66 -22.25
N ILE D 588 6.42 71.57 -22.63
CA ILE D 588 7.03 70.30 -22.46
C ILE D 588 8.15 70.26 -23.49
N MET D 589 7.89 70.64 -24.73
CA MET D 589 8.97 70.61 -25.72
C MET D 589 10.11 71.53 -25.33
N LYS D 590 9.73 72.75 -25.05
CA LYS D 590 10.66 73.76 -24.68
C LYS D 590 11.28 73.41 -23.37
N ASP D 591 10.51 72.84 -22.47
CA ASP D 591 11.05 72.47 -21.17
C ASP D 591 12.15 71.44 -21.34
N ILE D 592 12.01 70.66 -22.38
CA ILE D 592 12.95 69.64 -22.70
C ILE D 592 14.31 70.13 -23.16
N ALA D 593 14.36 71.00 -24.14
CA ALA D 593 15.62 71.49 -24.64
C ALA D 593 16.35 72.21 -23.55
N ARG D 594 15.59 72.92 -22.76
CA ARG D 594 16.10 73.65 -21.64
C ARG D 594 16.69 72.69 -20.63
N PHE D 595 16.04 71.57 -20.41
CA PHE D 595 16.53 70.56 -19.47
C PHE D 595 17.83 69.99 -19.95
N ASN D 596 17.95 69.95 -21.26
CA ASN D 596 19.11 69.47 -21.93
C ASN D 596 20.31 70.35 -21.65
N ALA D 597 20.06 71.64 -21.56
CA ALA D 597 21.08 72.67 -21.36
C ALA D 597 21.85 72.59 -20.07
N MET D 598 21.19 72.16 -19.01
CA MET D 598 21.81 72.09 -17.71
C MET D 598 22.14 70.74 -17.11
N LYS D 599 22.03 69.67 -17.84
CA LYS D 599 22.31 68.38 -17.23
C LYS D 599 23.74 68.25 -16.76
N ASP D 600 24.68 68.81 -17.52
CA ASP D 600 26.09 68.71 -17.17
C ASP D 600 26.41 69.35 -15.83
N LYS D 601 25.78 70.46 -15.57
CA LYS D 601 25.96 71.17 -14.33
C LYS D 601 24.92 70.76 -13.29
N ARG D 602 24.21 69.69 -13.61
CA ARG D 602 23.11 69.21 -12.80
C ARG D 602 23.47 68.81 -11.40
N ASN D 603 24.62 68.19 -11.25
CA ASN D 603 25.00 67.77 -9.91
C ASN D 603 25.76 68.79 -9.15
N ILE D 604 25.89 69.98 -9.72
CA ILE D 604 26.58 71.07 -9.07
C ILE D 604 25.65 72.25 -8.90
N VAL D 605 25.51 72.70 -7.68
CA VAL D 605 24.66 73.81 -7.39
C VAL D 605 25.53 74.96 -6.97
N SER D 606 25.06 76.14 -7.30
CA SER D 606 25.84 77.33 -7.14
C SER D 606 26.37 77.76 -5.80
N LEU D 607 25.55 77.70 -4.77
CA LEU D 607 25.99 78.12 -3.46
C LEU D 607 26.17 79.64 -3.36
N ASN D 608 25.67 80.39 -4.33
CA ASN D 608 25.82 81.82 -4.24
C ASN D 608 24.47 82.33 -4.08
N TYR D 609 24.26 82.99 -2.96
CA TYR D 609 22.97 83.58 -2.62
C TYR D 609 22.47 84.50 -3.72
N ALA D 610 23.37 85.20 -4.39
CA ALA D 610 22.94 86.07 -5.42
C ALA D 610 22.40 85.39 -6.65
N VAL D 611 23.18 84.50 -7.25
CA VAL D 611 22.74 83.88 -8.49
C VAL D 611 21.49 83.05 -8.41
N ARG D 612 21.40 82.18 -7.43
CA ARG D 612 20.14 81.46 -7.24
C ARG D 612 19.29 82.57 -6.66
N GLU D 613 18.20 82.83 -7.40
CA GLU D 613 17.07 83.79 -7.29
C GLU D 613 17.06 84.26 -8.69
N LYS D 614 18.21 84.61 -9.22
CA LYS D 614 18.08 85.00 -10.63
C LYS D 614 17.53 83.78 -11.26
N GLU D 615 18.21 82.66 -11.08
CA GLU D 615 17.73 81.43 -11.62
C GLU D 615 16.45 81.12 -10.95
N ASN D 616 16.44 81.24 -9.62
CA ASN D 616 15.24 80.94 -8.91
C ASN D 616 13.98 81.72 -9.27
N ASN D 617 14.10 83.03 -9.37
CA ASN D 617 12.92 83.81 -9.75
C ASN D 617 12.75 83.85 -11.23
N GLU D 618 13.84 83.68 -11.93
CA GLU D 618 13.83 83.61 -13.34
C GLU D 618 12.90 82.41 -13.61
N ASP D 619 12.91 81.44 -12.71
CA ASP D 619 12.07 80.28 -12.83
C ASP D 619 10.64 80.45 -12.36
N ASP D 620 10.50 81.07 -11.20
CA ASP D 620 9.19 81.29 -10.62
C ASP D 620 8.37 82.10 -11.58
N ALA D 621 9.07 83.03 -12.20
CA ALA D 621 8.51 83.94 -13.17
C ALA D 621 8.02 83.14 -14.34
N THR D 622 8.90 82.30 -14.84
CA THR D 622 8.54 81.45 -15.95
C THR D 622 7.39 80.57 -15.51
N ARG D 623 7.47 80.11 -14.28
CA ARG D 623 6.43 79.26 -13.73
C ARG D 623 5.09 79.99 -13.62
N LEU D 624 5.09 81.22 -13.12
CA LEU D 624 3.86 81.99 -12.95
C LEU D 624 3.26 82.61 -14.22
N ALA D 625 3.78 82.22 -15.38
CA ALA D 625 3.32 82.80 -16.62
C ALA D 625 2.52 82.03 -17.63
N ARG D 626 3.10 80.99 -18.23
CA ARG D 626 2.48 80.21 -19.38
C ARG D 626 1.12 79.55 -19.21
N LEU D 627 0.58 79.61 -18.02
CA LEU D 627 -0.74 79.17 -17.71
C LEU D 627 -1.66 80.08 -18.55
N ASN D 628 -1.17 81.28 -18.81
CA ASN D 628 -1.93 82.25 -19.56
C ASN D 628 -2.13 82.04 -21.01
N GLU D 629 -1.16 81.49 -21.72
CA GLU D 629 -1.39 81.22 -23.14
C GLU D 629 -2.43 80.14 -23.28
N ARG D 630 -2.48 79.21 -22.35
CA ARG D 630 -3.52 78.22 -22.49
C ARG D 630 -4.95 78.81 -22.27
N PHE D 631 -5.10 79.71 -21.33
CA PHE D 631 -6.38 80.33 -21.03
C PHE D 631 -6.86 81.19 -22.15
N LYS D 632 -5.97 82.00 -22.66
CA LYS D 632 -6.34 82.85 -23.76
C LYS D 632 -6.75 82.02 -24.96
N ARG D 633 -6.10 80.88 -25.13
CA ARG D 633 -6.38 79.93 -26.19
C ARG D 633 -7.79 79.36 -26.03
N GLU D 634 -8.20 79.19 -24.80
CA GLU D 634 -9.49 78.65 -24.48
C GLU D 634 -10.44 79.81 -24.21
N GLY D 635 -11.32 79.59 -23.27
CA GLY D 635 -12.31 80.60 -22.94
C GLY D 635 -12.05 82.02 -22.50
N LYS D 636 -11.10 82.41 -21.66
CA LYS D 636 -10.06 81.68 -20.96
C LYS D 636 -10.56 80.96 -19.73
N PRO D 637 -9.75 80.09 -19.18
CA PRO D 637 -10.20 79.34 -18.00
C PRO D 637 -10.41 80.09 -16.71
N GLU D 638 -9.41 80.82 -16.22
CA GLU D 638 -9.44 81.57 -14.96
C GLU D 638 -8.75 82.90 -15.06
N LEU D 639 -8.63 83.61 -13.93
CA LEU D 639 -7.96 84.92 -13.89
C LEU D 639 -6.80 85.22 -12.88
N LYS D 640 -5.66 85.69 -13.38
CA LYS D 640 -4.55 86.02 -12.49
C LYS D 640 -3.44 86.82 -13.16
N LYS D 641 -3.43 88.14 -12.94
CA LYS D 641 -2.39 88.98 -13.50
C LYS D 641 -1.09 88.31 -13.09
N LEU D 642 -1.10 87.88 -11.84
CA LEU D 642 -0.10 87.09 -11.24
C LEU D 642 -0.82 86.45 -10.12
N ASP D 643 -1.09 85.16 -10.26
CA ASP D 643 -1.74 84.41 -9.20
C ASP D 643 -0.55 83.76 -8.54
N ASP D 644 0.35 84.62 -8.06
CA ASP D 644 1.62 84.14 -7.49
C ASP D 644 1.42 83.27 -6.31
N LEU D 645 0.31 83.49 -5.64
CA LEU D 645 0.01 82.61 -4.57
C LEU D 645 -1.29 81.94 -4.85
N PRO D 646 -1.15 80.85 -5.57
CA PRO D 646 -2.24 79.96 -5.92
C PRO D 646 -2.62 79.14 -4.72
N LYS D 647 -3.64 78.38 -4.94
CA LYS D 647 -4.25 77.49 -3.99
C LYS D 647 -3.48 76.18 -3.87
N ASP D 648 -4.21 75.12 -3.59
CA ASP D 648 -3.62 73.81 -3.58
C ASP D 648 -3.97 73.49 -5.00
N TYR D 649 -2.95 73.56 -5.84
CA TYR D 649 -3.13 73.36 -7.28
C TYR D 649 -2.98 71.95 -7.81
N GLN D 650 -3.95 71.57 -8.62
CA GLN D 650 -3.95 70.31 -9.25
C GLN D 650 -3.59 70.66 -10.67
N GLU D 651 -2.43 70.21 -11.14
CA GLU D 651 -2.00 70.45 -12.51
C GLU D 651 -2.79 69.59 -13.49
N PRO D 652 -2.88 70.00 -14.73
CA PRO D 652 -3.57 69.21 -15.75
C PRO D 652 -2.77 67.98 -16.17
N ASP D 653 -3.39 67.04 -16.87
CA ASP D 653 -2.76 65.80 -17.34
C ASP D 653 -2.91 65.63 -18.84
N PRO D 654 -2.00 66.27 -19.53
CA PRO D 654 -1.94 66.32 -20.98
C PRO D 654 -1.70 65.01 -21.63
N TYR D 655 -0.85 64.18 -21.04
CA TYR D 655 -0.56 62.86 -21.61
C TYR D 655 -1.85 62.07 -21.69
N LEU D 656 -2.61 62.11 -20.61
CA LEU D 656 -3.88 61.42 -20.54
C LEU D 656 -4.90 62.03 -21.50
N ASP D 657 -4.98 63.35 -21.53
CA ASP D 657 -5.91 64.07 -22.40
C ASP D 657 -5.61 63.81 -23.86
N GLU D 658 -4.35 63.78 -24.22
CA GLU D 658 -3.97 63.45 -25.57
C GLU D 658 -4.26 62.00 -25.84
N THR D 659 -3.99 61.14 -24.86
CA THR D 659 -4.22 59.72 -25.01
C THR D 659 -5.68 59.46 -25.36
N VAL D 660 -6.57 60.12 -24.62
CA VAL D 660 -7.98 60.00 -24.84
C VAL D 660 -8.24 60.38 -26.28
N ASN D 661 -7.57 61.41 -26.76
CA ASN D 661 -7.71 61.81 -28.15
C ASN D 661 -7.25 60.68 -29.06
N ILE D 662 -6.15 60.03 -28.72
CA ILE D 662 -5.70 58.93 -29.50
C ILE D 662 -6.72 57.81 -29.44
N ALA D 663 -7.32 57.58 -28.28
CA ALA D 663 -8.28 56.49 -28.15
C ALA D 663 -9.47 56.62 -29.05
N LEU D 664 -9.99 57.82 -29.18
CA LEU D 664 -11.09 58.10 -30.04
C LEU D 664 -10.75 57.90 -31.49
N ASP D 665 -9.54 58.27 -31.89
CA ASP D 665 -9.09 58.10 -33.25
C ASP D 665 -9.08 56.63 -33.58
N LEU D 666 -8.62 55.82 -32.63
CA LEU D 666 -8.56 54.40 -32.81
C LEU D 666 -9.91 53.76 -33.02
N ALA D 667 -10.86 54.10 -32.17
CA ALA D 667 -12.22 53.57 -32.27
C ALA D 667 -12.85 53.98 -33.60
N LYS D 668 -12.57 55.18 -34.05
CA LYS D 668 -13.10 55.65 -35.30
C LYS D 668 -12.60 54.79 -36.45
N LEU D 669 -11.31 54.51 -36.47
CA LEU D 669 -10.70 53.69 -37.51
C LEU D 669 -11.16 52.27 -37.52
N GLU D 670 -11.27 51.68 -36.34
CA GLU D 670 -11.71 50.32 -36.17
C GLU D 670 -13.13 50.18 -36.68
N LYS D 671 -13.92 51.22 -36.45
CA LYS D 671 -15.31 51.31 -36.84
C LYS D 671 -15.43 51.33 -38.34
N ALA D 672 -14.44 51.92 -39.00
CA ALA D 672 -14.41 52.03 -40.45
C ALA D 672 -13.61 50.93 -41.13
N ARG D 673 -13.85 49.69 -40.71
CA ARG D 673 -13.14 48.55 -41.27
C ARG D 673 -14.02 47.78 -42.26
N ALA E 1 4.51 33.18 -3.69
CA ALA E 1 3.98 33.71 -4.92
C ALA E 1 5.06 34.13 -5.90
N ALA E 2 4.68 34.34 -7.14
CA ALA E 2 5.60 34.78 -8.14
C ALA E 2 5.29 36.23 -8.38
N ALA E 3 6.31 37.03 -8.26
CA ALA E 3 6.18 38.45 -8.37
C ALA E 3 6.96 39.01 -9.51
N ALA E 4 6.31 39.91 -10.20
CA ALA E 4 6.85 40.67 -11.29
C ALA E 4 6.66 42.14 -10.90
N ALA E 5 7.43 42.62 -9.94
CA ALA E 5 7.33 44.02 -9.52
C ALA E 5 8.62 44.82 -9.31
N ALA E 6 8.47 46.14 -9.47
CA ALA E 6 9.46 47.21 -9.28
C ALA E 6 10.60 47.29 -10.29
N ALA F 1 -9.33 -32.12 9.32
CA ALA F 1 -8.16 -31.80 8.51
C ALA F 1 -7.67 -32.93 7.59
N ALA F 2 -6.40 -33.26 7.69
CA ALA F 2 -5.86 -34.33 6.91
C ALA F 2 -5.96 -35.54 7.83
N ALA F 3 -6.57 -36.57 7.29
CA ALA F 3 -6.85 -37.78 8.02
C ALA F 3 -6.17 -39.02 7.50
N ALA F 4 -5.71 -39.85 8.40
CA ALA F 4 -5.10 -41.13 8.06
C ALA F 4 -5.83 -42.21 8.85
N ALA F 5 -7.10 -42.47 8.53
CA ALA F 5 -7.85 -43.48 9.24
C ALA F 5 -8.48 -44.55 8.38
N ALA F 6 -9.02 -45.56 9.05
CA ALA F 6 -9.72 -46.75 8.52
C ALA F 6 -8.85 -47.71 7.74
N ALA G 1 4.51 58.64 8.30
CA ALA G 1 3.12 58.27 8.13
C ALA G 1 2.93 56.79 7.85
N ALA G 2 2.54 56.06 8.88
CA ALA G 2 2.32 54.64 8.85
C ALA G 2 0.91 54.27 9.26
N ALA G 3 0.36 53.22 8.69
CA ALA G 3 -0.99 52.78 9.02
C ALA G 3 -1.03 51.69 10.11
N ALA G 4 -1.83 51.88 11.14
CA ALA G 4 -1.96 50.93 12.22
C ALA G 4 -3.40 50.50 12.30
N LEU H 1 -22.64 -48.63 18.77
CA LEU H 1 -23.91 -48.19 19.34
C LEU H 1 -24.14 -46.71 19.11
N SER H 2 -25.37 -46.24 19.29
CA SER H 2 -25.67 -44.84 19.05
C SER H 2 -25.64 -43.90 20.26
N ARG H 3 -24.63 -43.06 20.30
CA ARG H 3 -24.44 -42.10 21.34
C ARG H 3 -25.40 -40.94 21.24
N SER H 4 -25.98 -40.56 22.36
CA SER H 4 -26.89 -39.45 22.38
C SER H 4 -26.52 -38.65 23.59
#